data_2PNM
# 
_entry.id   2PNM 
# 
_audit_conform.dict_name       mmcif_pdbx.dic 
_audit_conform.dict_version    5.397 
_audit_conform.dict_location   http://mmcif.pdb.org/dictionaries/ascii/mmcif_pdbx.dic 
# 
loop_
_database_2.database_id 
_database_2.database_code 
_database_2.pdbx_database_accession 
_database_2.pdbx_DOI 
PDB   2PNM         pdb_00002pnm 10.2210/pdb2pnm/pdb 
RCSB  RCSB042576   ?            ?                   
WWPDB D_1000042576 ?            ?                   
# 
loop_
_pdbx_audit_revision_history.ordinal 
_pdbx_audit_revision_history.data_content_type 
_pdbx_audit_revision_history.major_revision 
_pdbx_audit_revision_history.minor_revision 
_pdbx_audit_revision_history.revision_date 
1 'Structure model' 1 0 2007-06-05 
2 'Structure model' 1 1 2007-10-08 
3 'Structure model' 1 2 2011-07-13 
4 'Structure model' 1 3 2021-10-20 
5 'Structure model' 1 4 2024-10-16 
# 
_pdbx_audit_revision_details.ordinal             1 
_pdbx_audit_revision_details.revision_ordinal    1 
_pdbx_audit_revision_details.data_content_type   'Structure model' 
_pdbx_audit_revision_details.provider            repository 
_pdbx_audit_revision_details.type                'Initial release' 
_pdbx_audit_revision_details.description         ? 
_pdbx_audit_revision_details.details             ? 
# 
loop_
_pdbx_audit_revision_group.ordinal 
_pdbx_audit_revision_group.revision_ordinal 
_pdbx_audit_revision_group.data_content_type 
_pdbx_audit_revision_group.group 
1 2 'Structure model' 'Version format compliance' 
2 3 'Structure model' Advisory                    
3 3 'Structure model' 'Version format compliance' 
4 4 'Structure model' 'Database references'       
5 4 'Structure model' 'Derived calculations'      
6 5 'Structure model' 'Data collection'           
7 5 'Structure model' 'Structure summary'         
# 
loop_
_pdbx_audit_revision_category.ordinal 
_pdbx_audit_revision_category.revision_ordinal 
_pdbx_audit_revision_category.data_content_type 
_pdbx_audit_revision_category.category 
1 4 'Structure model' database_2                
2 4 'Structure model' struct_conn               
3 4 'Structure model' struct_ref_seq_dif        
4 5 'Structure model' chem_comp_atom            
5 5 'Structure model' chem_comp_bond            
6 5 'Structure model' pdbx_entry_details        
7 5 'Structure model' pdbx_modification_feature 
# 
loop_
_pdbx_audit_revision_item.ordinal 
_pdbx_audit_revision_item.revision_ordinal 
_pdbx_audit_revision_item.data_content_type 
_pdbx_audit_revision_item.item 
1 4 'Structure model' '_database_2.pdbx_DOI'                
2 4 'Structure model' '_database_2.pdbx_database_accession' 
3 4 'Structure model' '_struct_conn.pdbx_leaving_atom_flag' 
4 4 'Structure model' '_struct_ref_seq_dif.details'         
# 
_pdbx_database_status.entry_id                        2PNM 
_pdbx_database_status.deposit_site                    RCSB 
_pdbx_database_status.process_site                    RCSB 
_pdbx_database_status.recvd_initial_deposition_date   2007-04-24 
_pdbx_database_status.status_code                     REL 
_pdbx_database_status.status_code_sf                  REL 
_pdbx_database_status.status_code_mr                  ? 
_pdbx_database_status.SG_entry                        ? 
_pdbx_database_status.pdb_format_compatible           Y 
_pdbx_database_status.status_code_cs                  ? 
_pdbx_database_status.status_code_nmr_data            ? 
_pdbx_database_status.methods_development_category    ? 
# 
loop_
_pdbx_database_related.db_name 
_pdbx_database_related.db_id 
_pdbx_database_related.details 
_pdbx_database_related.content_type 
PDB 2GEF 'VP4 protease from another birnavirus (blotched snakehead virus, BSNV)' unspecified 
PDB 2PNL 'VP4 from IPNV in the space group P1 (acyl-enzyme)'                     unspecified 
# 
loop_
_audit_author.name 
_audit_author.pdbx_ordinal 
'Paetzel, M.'   1 
'Lee, J.'       2 
'Feldman, A.R.' 3 
'Delmas, B.'    4 
# 
loop_
_citation.id 
_citation.title 
_citation.journal_abbrev 
_citation.journal_volume 
_citation.page_first 
_citation.page_last 
_citation.year 
_citation.journal_id_ASTM 
_citation.country 
_citation.journal_id_ISSN 
_citation.journal_id_CSD 
_citation.book_publisher 
_citation.pdbx_database_id_PubMed 
_citation.pdbx_database_id_DOI 
primary 
;Crystal structure of the VP4 protease from infectious pancreatic necrosis virus reveals the acyl-enzyme complex for an intermolecular self-cleavage reaction.
;
J.Biol.Chem.               282 24928 24937 2007 JBCHA3 US 0021-9258 0071 ? 17553791 10.1074/jbc.M701551200    
1       
;Purification, crystallization and preliminary X-ray analysis of truncated and mutant forms of VP4 protease from infectious pancreatic necrosis virus.
;
'Acta Crystallogr.,Sect.F' F62 1235  1238  2006 ?      DK 1744-3091 ?    ? 17142905 10.1107/S1744309106046070 
# 
loop_
_citation_author.citation_id 
_citation_author.name 
_citation_author.ordinal 
_citation_author.identifier_ORCID 
primary 'Lee, J.'       1  ? 
primary 'Feldman, A.R.' 2  ? 
primary 'Delmas, B.'    3  ? 
primary 'Paetzel, M.'   4  ? 
1       'Lee, J.'       5  ? 
1       'Feldman, A.R.' 6  ? 
1       'Chiu, E.'      7  ? 
1       'Chan, C.'      8  ? 
1       'Kim, Y.-N.'    9  ? 
1       'Delmas, B.'    10 ? 
1       'Paetzel, M.'   11 ? 
# 
loop_
_entity.id 
_entity.type 
_entity.src_method 
_entity.pdbx_description 
_entity.formula_weight 
_entity.pdbx_number_of_molecules 
_entity.pdbx_ec 
_entity.pdbx_mutation 
_entity.pdbx_fragment 
_entity.details 
1 polymer man 'Protease VP4' 20593.791 1   3.4.21.- K674A 'VP4hex (residues 524-716)' ? 
2 water   nat water          18.015    159 ?        ?     ?                           ? 
# 
_entity_poly.entity_id                      1 
_entity_poly.type                           'polypeptide(L)' 
_entity_poly.nstd_linkage                   no 
_entity_poly.nstd_monomer                   yes 
_entity_poly.pdbx_seq_one_letter_code       
;LESANYEEVELPPPSKGVIVPVVHTVKSAPGEAFGSLAIIIPGEYPELLDANQQVLSHFANDTGSVWGIGEDIPFEGDN
(MSE)CYTALPLKEIKRNGNIVVEKIFAGPI(MSE)GPSAQLGLSLLVNDIEDGVPR(MSE)VFTGEIADDEETIIPICG
VDIAAIAAHEQGLPLIGNQPGVDEEVRNTSLAAHLIQTGTLPVQRA
;
_entity_poly.pdbx_seq_one_letter_code_can   
;LESANYEEVELPPPSKGVIVPVVHTVKSAPGEAFGSLAIIIPGEYPELLDANQQVLSHFANDTGSVWGIGEDIPFEGDNM
CYTALPLKEIKRNGNIVVEKIFAGPIMGPSAQLGLSLLVNDIEDGVPRMVFTGEIADDEETIIPICGVDIAAIAAHEQGL
PLIGNQPGVDEEVRNTSLAAHLIQTGTLPVQRA
;
_entity_poly.pdbx_strand_id                 A 
_entity_poly.pdbx_target_identifier         ? 
# 
_pdbx_entity_nonpoly.entity_id   2 
_pdbx_entity_nonpoly.name        water 
_pdbx_entity_nonpoly.comp_id     HOH 
# 
loop_
_entity_poly_seq.entity_id 
_entity_poly_seq.num 
_entity_poly_seq.mon_id 
_entity_poly_seq.hetero 
1 1   LEU n 
1 2   GLU n 
1 3   SER n 
1 4   ALA n 
1 5   ASN n 
1 6   TYR n 
1 7   GLU n 
1 8   GLU n 
1 9   VAL n 
1 10  GLU n 
1 11  LEU n 
1 12  PRO n 
1 13  PRO n 
1 14  PRO n 
1 15  SER n 
1 16  LYS n 
1 17  GLY n 
1 18  VAL n 
1 19  ILE n 
1 20  VAL n 
1 21  PRO n 
1 22  VAL n 
1 23  VAL n 
1 24  HIS n 
1 25  THR n 
1 26  VAL n 
1 27  LYS n 
1 28  SER n 
1 29  ALA n 
1 30  PRO n 
1 31  GLY n 
1 32  GLU n 
1 33  ALA n 
1 34  PHE n 
1 35  GLY n 
1 36  SER n 
1 37  LEU n 
1 38  ALA n 
1 39  ILE n 
1 40  ILE n 
1 41  ILE n 
1 42  PRO n 
1 43  GLY n 
1 44  GLU n 
1 45  TYR n 
1 46  PRO n 
1 47  GLU n 
1 48  LEU n 
1 49  LEU n 
1 50  ASP n 
1 51  ALA n 
1 52  ASN n 
1 53  GLN n 
1 54  GLN n 
1 55  VAL n 
1 56  LEU n 
1 57  SER n 
1 58  HIS n 
1 59  PHE n 
1 60  ALA n 
1 61  ASN n 
1 62  ASP n 
1 63  THR n 
1 64  GLY n 
1 65  SER n 
1 66  VAL n 
1 67  TRP n 
1 68  GLY n 
1 69  ILE n 
1 70  GLY n 
1 71  GLU n 
1 72  ASP n 
1 73  ILE n 
1 74  PRO n 
1 75  PHE n 
1 76  GLU n 
1 77  GLY n 
1 78  ASP n 
1 79  ASN n 
1 80  MSE n 
1 81  CYS n 
1 82  TYR n 
1 83  THR n 
1 84  ALA n 
1 85  LEU n 
1 86  PRO n 
1 87  LEU n 
1 88  LYS n 
1 89  GLU n 
1 90  ILE n 
1 91  LYS n 
1 92  ARG n 
1 93  ASN n 
1 94  GLY n 
1 95  ASN n 
1 96  ILE n 
1 97  VAL n 
1 98  VAL n 
1 99  GLU n 
1 100 LYS n 
1 101 ILE n 
1 102 PHE n 
1 103 ALA n 
1 104 GLY n 
1 105 PRO n 
1 106 ILE n 
1 107 MSE n 
1 108 GLY n 
1 109 PRO n 
1 110 SER n 
1 111 ALA n 
1 112 GLN n 
1 113 LEU n 
1 114 GLY n 
1 115 LEU n 
1 116 SER n 
1 117 LEU n 
1 118 LEU n 
1 119 VAL n 
1 120 ASN n 
1 121 ASP n 
1 122 ILE n 
1 123 GLU n 
1 124 ASP n 
1 125 GLY n 
1 126 VAL n 
1 127 PRO n 
1 128 ARG n 
1 129 MSE n 
1 130 VAL n 
1 131 PHE n 
1 132 THR n 
1 133 GLY n 
1 134 GLU n 
1 135 ILE n 
1 136 ALA n 
1 137 ASP n 
1 138 ASP n 
1 139 GLU n 
1 140 GLU n 
1 141 THR n 
1 142 ILE n 
1 143 ILE n 
1 144 PRO n 
1 145 ILE n 
1 146 CYS n 
1 147 GLY n 
1 148 VAL n 
1 149 ASP n 
1 150 ILE n 
1 151 ALA n 
1 152 ALA n 
1 153 ILE n 
1 154 ALA n 
1 155 ALA n 
1 156 HIS n 
1 157 GLU n 
1 158 GLN n 
1 159 GLY n 
1 160 LEU n 
1 161 PRO n 
1 162 LEU n 
1 163 ILE n 
1 164 GLY n 
1 165 ASN n 
1 166 GLN n 
1 167 PRO n 
1 168 GLY n 
1 169 VAL n 
1 170 ASP n 
1 171 GLU n 
1 172 GLU n 
1 173 VAL n 
1 174 ARG n 
1 175 ASN n 
1 176 THR n 
1 177 SER n 
1 178 LEU n 
1 179 ALA n 
1 180 ALA n 
1 181 HIS n 
1 182 LEU n 
1 183 ILE n 
1 184 GLN n 
1 185 THR n 
1 186 GLY n 
1 187 THR n 
1 188 LEU n 
1 189 PRO n 
1 190 VAL n 
1 191 GLN n 
1 192 ARG n 
1 193 ALA n 
# 
_entity_src_gen.entity_id                          1 
_entity_src_gen.pdbx_src_id                        1 
_entity_src_gen.pdbx_alt_source_flag               sample 
_entity_src_gen.pdbx_seq_type                      ? 
_entity_src_gen.pdbx_beg_seq_num                   ? 
_entity_src_gen.pdbx_end_seq_num                   ? 
_entity_src_gen.gene_src_common_name               ? 
_entity_src_gen.gene_src_genus                     Aquabirnavirus 
_entity_src_gen.pdbx_gene_src_gene                 ? 
_entity_src_gen.gene_src_species                   'Infectious pancreatic necrosis virus' 
_entity_src_gen.gene_src_strain                    'serotype SP' 
_entity_src_gen.gene_src_tissue                    ? 
_entity_src_gen.gene_src_tissue_fraction           ? 
_entity_src_gen.gene_src_details                   ? 
_entity_src_gen.pdbx_gene_src_fragment             ? 
_entity_src_gen.pdbx_gene_src_scientific_name      'Infectious pancreatic necrosis virus - Sp' 
_entity_src_gen.pdbx_gene_src_ncbi_taxonomy_id     11005 
_entity_src_gen.pdbx_gene_src_variant              ? 
_entity_src_gen.pdbx_gene_src_cell_line            ? 
_entity_src_gen.pdbx_gene_src_atcc                 ? 
_entity_src_gen.pdbx_gene_src_organ                ? 
_entity_src_gen.pdbx_gene_src_organelle            ? 
_entity_src_gen.pdbx_gene_src_cell                 ? 
_entity_src_gen.pdbx_gene_src_cellular_location    ? 
_entity_src_gen.host_org_common_name               ? 
_entity_src_gen.pdbx_host_org_scientific_name      'Escherichia coli BL21(DE3)' 
_entity_src_gen.pdbx_host_org_ncbi_taxonomy_id     469008 
_entity_src_gen.host_org_genus                     Escherichia 
_entity_src_gen.pdbx_host_org_gene                 ? 
_entity_src_gen.pdbx_host_org_organ                ? 
_entity_src_gen.host_org_species                   'Escherichia coli' 
_entity_src_gen.pdbx_host_org_tissue               ? 
_entity_src_gen.pdbx_host_org_tissue_fraction      ? 
_entity_src_gen.pdbx_host_org_strain               'BL21(DE3)' 
_entity_src_gen.pdbx_host_org_variant              ? 
_entity_src_gen.pdbx_host_org_cell_line            ? 
_entity_src_gen.pdbx_host_org_atcc                 ? 
_entity_src_gen.pdbx_host_org_culture_collection   ? 
_entity_src_gen.pdbx_host_org_cell                 ? 
_entity_src_gen.pdbx_host_org_organelle            ? 
_entity_src_gen.pdbx_host_org_cellular_location    ? 
_entity_src_gen.pdbx_host_org_vector_type          plasmid 
_entity_src_gen.pdbx_host_org_vector               ? 
_entity_src_gen.host_org_details                   ? 
_entity_src_gen.expression_system_id               ? 
_entity_src_gen.plasmid_name                       pET24a 
_entity_src_gen.plasmid_details                    ? 
_entity_src_gen.pdbx_description                   ? 
# 
loop_
_chem_comp.id 
_chem_comp.type 
_chem_comp.mon_nstd_flag 
_chem_comp.name 
_chem_comp.pdbx_synonyms 
_chem_comp.formula 
_chem_comp.formula_weight 
ALA 'L-peptide linking' y ALANINE          ? 'C3 H7 N O2'     89.093  
ARG 'L-peptide linking' y ARGININE         ? 'C6 H15 N4 O2 1' 175.209 
ASN 'L-peptide linking' y ASPARAGINE       ? 'C4 H8 N2 O3'    132.118 
ASP 'L-peptide linking' y 'ASPARTIC ACID'  ? 'C4 H7 N O4'     133.103 
CYS 'L-peptide linking' y CYSTEINE         ? 'C3 H7 N O2 S'   121.158 
GLN 'L-peptide linking' y GLUTAMINE        ? 'C5 H10 N2 O3'   146.144 
GLU 'L-peptide linking' y 'GLUTAMIC ACID'  ? 'C5 H9 N O4'     147.129 
GLY 'peptide linking'   y GLYCINE          ? 'C2 H5 N O2'     75.067  
HIS 'L-peptide linking' y HISTIDINE        ? 'C6 H10 N3 O2 1' 156.162 
HOH non-polymer         . WATER            ? 'H2 O'           18.015  
ILE 'L-peptide linking' y ISOLEUCINE       ? 'C6 H13 N O2'    131.173 
LEU 'L-peptide linking' y LEUCINE          ? 'C6 H13 N O2'    131.173 
LYS 'L-peptide linking' y LYSINE           ? 'C6 H15 N2 O2 1' 147.195 
MET 'L-peptide linking' y METHIONINE       ? 'C5 H11 N O2 S'  149.211 
MSE 'L-peptide linking' n SELENOMETHIONINE ? 'C5 H11 N O2 Se' 196.106 
PHE 'L-peptide linking' y PHENYLALANINE    ? 'C9 H11 N O2'    165.189 
PRO 'L-peptide linking' y PROLINE          ? 'C5 H9 N O2'     115.130 
SER 'L-peptide linking' y SERINE           ? 'C3 H7 N O3'     105.093 
THR 'L-peptide linking' y THREONINE        ? 'C4 H9 N O3'     119.119 
TRP 'L-peptide linking' y TRYPTOPHAN       ? 'C11 H12 N2 O2'  204.225 
TYR 'L-peptide linking' y TYROSINE         ? 'C9 H11 N O3'    181.189 
VAL 'L-peptide linking' y VALINE           ? 'C5 H11 N O2'    117.146 
# 
loop_
_pdbx_poly_seq_scheme.asym_id 
_pdbx_poly_seq_scheme.entity_id 
_pdbx_poly_seq_scheme.seq_id 
_pdbx_poly_seq_scheme.mon_id 
_pdbx_poly_seq_scheme.ndb_seq_num 
_pdbx_poly_seq_scheme.pdb_seq_num 
_pdbx_poly_seq_scheme.auth_seq_num 
_pdbx_poly_seq_scheme.pdb_mon_id 
_pdbx_poly_seq_scheme.auth_mon_id 
_pdbx_poly_seq_scheme.pdb_strand_id 
_pdbx_poly_seq_scheme.pdb_ins_code 
_pdbx_poly_seq_scheme.hetero 
A 1 1   LEU 1   524 524 LEU LEU A . n 
A 1 2   GLU 2   525 525 GLU GLU A . n 
A 1 3   SER 3   526 526 SER SER A . n 
A 1 4   ALA 4   527 527 ALA ALA A . n 
A 1 5   ASN 5   528 528 ASN ASN A . n 
A 1 6   TYR 6   529 529 TYR TYR A . n 
A 1 7   GLU 7   530 530 GLU GLU A . n 
A 1 8   GLU 8   531 531 GLU GLU A . n 
A 1 9   VAL 9   532 532 VAL VAL A . n 
A 1 10  GLU 10  533 533 GLU GLU A . n 
A 1 11  LEU 11  534 534 LEU LEU A . n 
A 1 12  PRO 12  535 535 PRO PRO A . n 
A 1 13  PRO 13  536 536 PRO PRO A . n 
A 1 14  PRO 14  537 537 PRO PRO A . n 
A 1 15  SER 15  538 538 SER SER A . n 
A 1 16  LYS 16  539 539 LYS LYS A . n 
A 1 17  GLY 17  540 540 GLY GLY A . n 
A 1 18  VAL 18  541 541 VAL VAL A . n 
A 1 19  ILE 19  542 542 ILE ILE A . n 
A 1 20  VAL 20  543 543 VAL VAL A . n 
A 1 21  PRO 21  544 544 PRO PRO A . n 
A 1 22  VAL 22  545 545 VAL VAL A . n 
A 1 23  VAL 23  546 546 VAL VAL A . n 
A 1 24  HIS 24  547 547 HIS HIS A . n 
A 1 25  THR 25  548 ?   ?   ?   A . n 
A 1 26  VAL 26  549 ?   ?   ?   A . n 
A 1 27  LYS 27  550 ?   ?   ?   A . n 
A 1 28  SER 28  551 ?   ?   ?   A . n 
A 1 29  ALA 29  552 ?   ?   ?   A . n 
A 1 30  PRO 30  553 ?   ?   ?   A . n 
A 1 31  GLY 31  554 ?   ?   ?   A . n 
A 1 32  GLU 32  555 555 GLU GLU A . n 
A 1 33  ALA 33  556 556 ALA ALA A . n 
A 1 34  PHE 34  557 557 PHE PHE A . n 
A 1 35  GLY 35  558 558 GLY GLY A . n 
A 1 36  SER 36  559 559 SER SER A . n 
A 1 37  LEU 37  560 560 LEU LEU A . n 
A 1 38  ALA 38  561 561 ALA ALA A . n 
A 1 39  ILE 39  562 562 ILE ILE A . n 
A 1 40  ILE 40  563 563 ILE ILE A . n 
A 1 41  ILE 41  564 564 ILE ILE A . n 
A 1 42  PRO 42  565 565 PRO PRO A . n 
A 1 43  GLY 43  566 566 GLY GLY A . n 
A 1 44  GLU 44  567 567 GLU GLU A . n 
A 1 45  TYR 45  568 568 TYR TYR A . n 
A 1 46  PRO 46  569 569 PRO PRO A . n 
A 1 47  GLU 47  570 570 GLU GLU A . n 
A 1 48  LEU 48  571 571 LEU LEU A . n 
A 1 49  LEU 49  572 572 LEU LEU A . n 
A 1 50  ASP 50  573 573 ASP ASP A . n 
A 1 51  ALA 51  574 574 ALA ALA A . n 
A 1 52  ASN 52  575 575 ASN ASN A . n 
A 1 53  GLN 53  576 576 GLN GLN A . n 
A 1 54  GLN 54  577 577 GLN GLN A . n 
A 1 55  VAL 55  578 578 VAL VAL A . n 
A 1 56  LEU 56  579 579 LEU LEU A . n 
A 1 57  SER 57  580 580 SER SER A . n 
A 1 58  HIS 58  581 581 HIS HIS A . n 
A 1 59  PHE 59  582 582 PHE PHE A . n 
A 1 60  ALA 60  583 583 ALA ALA A . n 
A 1 61  ASN 61  584 584 ASN ASN A . n 
A 1 62  ASP 62  585 585 ASP ASP A . n 
A 1 63  THR 63  586 586 THR THR A . n 
A 1 64  GLY 64  587 587 GLY GLY A . n 
A 1 65  SER 65  588 588 SER SER A . n 
A 1 66  VAL 66  589 589 VAL VAL A . n 
A 1 67  TRP 67  590 590 TRP TRP A . n 
A 1 68  GLY 68  591 591 GLY GLY A . n 
A 1 69  ILE 69  592 592 ILE ILE A . n 
A 1 70  GLY 70  593 593 GLY GLY A . n 
A 1 71  GLU 71  594 594 GLU GLU A . n 
A 1 72  ASP 72  595 595 ASP ASP A . n 
A 1 73  ILE 73  596 596 ILE ILE A . n 
A 1 74  PRO 74  597 597 PRO PRO A . n 
A 1 75  PHE 75  598 598 PHE PHE A . n 
A 1 76  GLU 76  599 599 GLU GLU A . n 
A 1 77  GLY 77  600 600 GLY GLY A . n 
A 1 78  ASP 78  601 601 ASP ASP A . n 
A 1 79  ASN 79  602 602 ASN ASN A . n 
A 1 80  MSE 80  603 603 MSE MSE A . n 
A 1 81  CYS 81  604 604 CYS CYS A . n 
A 1 82  TYR 82  605 605 TYR TYR A . n 
A 1 83  THR 83  606 606 THR THR A . n 
A 1 84  ALA 84  607 607 ALA ALA A . n 
A 1 85  LEU 85  608 608 LEU LEU A . n 
A 1 86  PRO 86  609 609 PRO PRO A . n 
A 1 87  LEU 87  610 610 LEU LEU A . n 
A 1 88  LYS 88  611 611 LYS LYS A . n 
A 1 89  GLU 89  612 612 GLU GLU A . n 
A 1 90  ILE 90  613 613 ILE ILE A . n 
A 1 91  LYS 91  614 614 LYS LYS A . n 
A 1 92  ARG 92  615 615 ARG ALA A . n 
A 1 93  ASN 93  616 616 ASN ASN A . n 
A 1 94  GLY 94  617 617 GLY GLY A . n 
A 1 95  ASN 95  618 618 ASN ASN A . n 
A 1 96  ILE 96  619 619 ILE ILE A . n 
A 1 97  VAL 97  620 620 VAL VAL A . n 
A 1 98  VAL 98  621 621 VAL VAL A . n 
A 1 99  GLU 99  622 622 GLU GLU A . n 
A 1 100 LYS 100 623 623 LYS LYS A . n 
A 1 101 ILE 101 624 624 ILE ILE A . n 
A 1 102 PHE 102 625 625 PHE PHE A . n 
A 1 103 ALA 103 626 626 ALA ALA A . n 
A 1 104 GLY 104 627 627 GLY GLY A . n 
A 1 105 PRO 105 628 628 PRO PRO A . n 
A 1 106 ILE 106 629 629 ILE ILE A . n 
A 1 107 MSE 107 630 630 MSE MSE A . n 
A 1 108 GLY 108 631 631 GLY GLY A . n 
A 1 109 PRO 109 632 632 PRO PRO A . n 
A 1 110 SER 110 633 633 SER SER A . n 
A 1 111 ALA 111 634 634 ALA ALA A . n 
A 1 112 GLN 112 635 635 GLN GLN A . n 
A 1 113 LEU 113 636 636 LEU LEU A . n 
A 1 114 GLY 114 637 637 GLY GLY A . n 
A 1 115 LEU 115 638 638 LEU LEU A . n 
A 1 116 SER 116 639 639 SER SER A . n 
A 1 117 LEU 117 640 640 LEU LEU A . n 
A 1 118 LEU 118 641 641 LEU LEU A . n 
A 1 119 VAL 119 642 642 VAL VAL A . n 
A 1 120 ASN 120 643 643 ASN ASN A . n 
A 1 121 ASP 121 644 644 ASP ASP A . n 
A 1 122 ILE 122 645 645 ILE ILE A . n 
A 1 123 GLU 123 646 646 GLU GLU A . n 
A 1 124 ASP 124 647 647 ASP ASP A . n 
A 1 125 GLY 125 648 648 GLY GLY A . n 
A 1 126 VAL 126 649 649 VAL VAL A . n 
A 1 127 PRO 127 650 650 PRO PRO A . n 
A 1 128 ARG 128 651 651 ARG ARG A . n 
A 1 129 MSE 129 652 652 MSE MSE A . n 
A 1 130 VAL 130 653 653 VAL VAL A . n 
A 1 131 PHE 131 654 654 PHE PHE A . n 
A 1 132 THR 132 655 655 THR THR A . n 
A 1 133 GLY 133 656 656 GLY GLY A . n 
A 1 134 GLU 134 657 657 GLU GLU A . n 
A 1 135 ILE 135 658 658 ILE ILE A . n 
A 1 136 ALA 136 659 659 ALA ALA A . n 
A 1 137 ASP 137 660 660 ASP ASP A . n 
A 1 138 ASP 138 661 661 ASP ASP A . n 
A 1 139 GLU 139 662 662 GLU GLU A . n 
A 1 140 GLU 140 663 663 GLU GLU A . n 
A 1 141 THR 141 664 664 THR THR A . n 
A 1 142 ILE 142 665 665 ILE ILE A . n 
A 1 143 ILE 143 666 666 ILE ILE A . n 
A 1 144 PRO 144 667 667 PRO PRO A . n 
A 1 145 ILE 145 668 668 ILE ILE A . n 
A 1 146 CYS 146 669 669 CYS CYS A . n 
A 1 147 GLY 147 670 670 GLY GLY A . n 
A 1 148 VAL 148 671 671 VAL VAL A . n 
A 1 149 ASP 149 672 672 ASP ASP A . n 
A 1 150 ILE 150 673 673 ILE ILE A . n 
A 1 151 ALA 151 674 674 ALA ALA A . n 
A 1 152 ALA 152 675 675 ALA ALA A . n 
A 1 153 ILE 153 676 676 ILE ILE A . n 
A 1 154 ALA 154 677 677 ALA ALA A . n 
A 1 155 ALA 155 678 678 ALA ALA A . n 
A 1 156 HIS 156 679 679 HIS HIS A . n 
A 1 157 GLU 157 680 680 GLU GLU A . n 
A 1 158 GLN 158 681 681 GLN GLN A . n 
A 1 159 GLY 159 682 682 GLY GLY A . n 
A 1 160 LEU 160 683 683 LEU LEU A . n 
A 1 161 PRO 161 684 684 PRO PRO A . n 
A 1 162 LEU 162 685 685 LEU LEU A . n 
A 1 163 ILE 163 686 686 ILE ILE A . n 
A 1 164 GLY 164 687 687 GLY GLY A . n 
A 1 165 ASN 165 688 688 ASN ASN A . n 
A 1 166 GLN 166 689 689 GLN GLN A . n 
A 1 167 PRO 167 690 690 PRO PRO A . n 
A 1 168 GLY 168 691 691 GLY GLY A . n 
A 1 169 VAL 169 692 692 VAL VAL A . n 
A 1 170 ASP 170 693 693 ASP ASP A . n 
A 1 171 GLU 171 694 694 GLU GLU A . n 
A 1 172 GLU 172 695 695 GLU GLU A . n 
A 1 173 VAL 173 696 696 VAL VAL A . n 
A 1 174 ARG 174 697 697 ARG ALA A . n 
A 1 175 ASN 175 698 698 ASN ASN A . n 
A 1 176 THR 176 699 699 THR THR A . n 
A 1 177 SER 177 700 700 SER SER A . n 
A 1 178 LEU 178 701 701 LEU LEU A . n 
A 1 179 ALA 179 702 702 ALA ALA A . n 
A 1 180 ALA 180 703 703 ALA ALA A . n 
A 1 181 HIS 181 704 704 HIS HIS A . n 
A 1 182 LEU 182 705 705 LEU LEU A . n 
A 1 183 ILE 183 706 706 ILE ILE A . n 
A 1 184 GLN 184 707 707 GLN GLN A . n 
A 1 185 THR 185 708 708 THR THR A . n 
A 1 186 GLY 186 709 709 GLY GLY A . n 
A 1 187 THR 187 710 710 THR THR A . n 
A 1 188 LEU 188 711 711 LEU LEU A . n 
A 1 189 PRO 189 712 ?   ?   ?   A . n 
A 1 190 VAL 190 713 ?   ?   ?   A . n 
A 1 191 GLN 191 714 ?   ?   ?   A . n 
A 1 192 ARG 192 715 ?   ?   ?   A . n 
A 1 193 ALA 193 716 ?   ?   ?   A . n 
# 
loop_
_pdbx_nonpoly_scheme.asym_id 
_pdbx_nonpoly_scheme.entity_id 
_pdbx_nonpoly_scheme.mon_id 
_pdbx_nonpoly_scheme.ndb_seq_num 
_pdbx_nonpoly_scheme.pdb_seq_num 
_pdbx_nonpoly_scheme.auth_seq_num 
_pdbx_nonpoly_scheme.pdb_mon_id 
_pdbx_nonpoly_scheme.auth_mon_id 
_pdbx_nonpoly_scheme.pdb_strand_id 
_pdbx_nonpoly_scheme.pdb_ins_code 
B 2 HOH 1   717 1   HOH HOH A . 
B 2 HOH 2   718 2   HOH HOH A . 
B 2 HOH 3   719 3   HOH HOH A . 
B 2 HOH 4   720 4   HOH HOH A . 
B 2 HOH 5   721 5   HOH HOH A . 
B 2 HOH 6   722 6   HOH HOH A . 
B 2 HOH 7   723 7   HOH HOH A . 
B 2 HOH 8   724 8   HOH HOH A . 
B 2 HOH 9   725 9   HOH HOH A . 
B 2 HOH 10  726 10  HOH HOH A . 
B 2 HOH 11  727 11  HOH HOH A . 
B 2 HOH 12  728 12  HOH HOH A . 
B 2 HOH 13  729 13  HOH HOH A . 
B 2 HOH 14  730 14  HOH HOH A . 
B 2 HOH 15  731 15  HOH HOH A . 
B 2 HOH 16  732 16  HOH HOH A . 
B 2 HOH 17  733 17  HOH HOH A . 
B 2 HOH 18  734 18  HOH HOH A . 
B 2 HOH 19  735 19  HOH HOH A . 
B 2 HOH 20  736 20  HOH HOH A . 
B 2 HOH 21  737 21  HOH HOH A . 
B 2 HOH 22  738 22  HOH HOH A . 
B 2 HOH 23  739 23  HOH HOH A . 
B 2 HOH 24  740 24  HOH HOH A . 
B 2 HOH 25  741 25  HOH HOH A . 
B 2 HOH 26  742 26  HOH HOH A . 
B 2 HOH 27  743 27  HOH HOH A . 
B 2 HOH 28  744 28  HOH HOH A . 
B 2 HOH 29  745 29  HOH HOH A . 
B 2 HOH 30  746 30  HOH HOH A . 
B 2 HOH 31  747 31  HOH HOH A . 
B 2 HOH 32  748 32  HOH HOH A . 
B 2 HOH 33  749 33  HOH HOH A . 
B 2 HOH 34  750 34  HOH HOH A . 
B 2 HOH 35  751 35  HOH HOH A . 
B 2 HOH 36  752 36  HOH HOH A . 
B 2 HOH 37  753 37  HOH HOH A . 
B 2 HOH 38  754 38  HOH HOH A . 
B 2 HOH 39  755 39  HOH HOH A . 
B 2 HOH 40  756 40  HOH HOH A . 
B 2 HOH 41  757 41  HOH HOH A . 
B 2 HOH 42  758 42  HOH HOH A . 
B 2 HOH 43  759 43  HOH HOH A . 
B 2 HOH 44  760 44  HOH HOH A . 
B 2 HOH 45  761 45  HOH HOH A . 
B 2 HOH 46  762 46  HOH HOH A . 
B 2 HOH 47  763 47  HOH HOH A . 
B 2 HOH 48  764 48  HOH HOH A . 
B 2 HOH 49  765 49  HOH HOH A . 
B 2 HOH 50  766 50  HOH HOH A . 
B 2 HOH 51  767 51  HOH HOH A . 
B 2 HOH 52  768 52  HOH HOH A . 
B 2 HOH 53  769 53  HOH HOH A . 
B 2 HOH 54  770 54  HOH HOH A . 
B 2 HOH 55  771 55  HOH HOH A . 
B 2 HOH 56  772 56  HOH HOH A . 
B 2 HOH 57  773 57  HOH HOH A . 
B 2 HOH 58  774 58  HOH HOH A . 
B 2 HOH 59  775 59  HOH HOH A . 
B 2 HOH 60  776 60  HOH HOH A . 
B 2 HOH 61  777 61  HOH HOH A . 
B 2 HOH 62  778 62  HOH HOH A . 
B 2 HOH 63  779 63  HOH HOH A . 
B 2 HOH 64  780 64  HOH HOH A . 
B 2 HOH 65  781 65  HOH HOH A . 
B 2 HOH 66  782 66  HOH HOH A . 
B 2 HOH 67  783 67  HOH HOH A . 
B 2 HOH 68  784 68  HOH HOH A . 
B 2 HOH 69  785 69  HOH HOH A . 
B 2 HOH 70  786 70  HOH HOH A . 
B 2 HOH 71  787 71  HOH HOH A . 
B 2 HOH 72  788 72  HOH HOH A . 
B 2 HOH 73  789 73  HOH HOH A . 
B 2 HOH 74  790 74  HOH HOH A . 
B 2 HOH 75  791 75  HOH HOH A . 
B 2 HOH 76  792 76  HOH HOH A . 
B 2 HOH 77  793 77  HOH HOH A . 
B 2 HOH 78  794 78  HOH HOH A . 
B 2 HOH 79  795 79  HOH HOH A . 
B 2 HOH 80  796 80  HOH HOH A . 
B 2 HOH 81  797 81  HOH HOH A . 
B 2 HOH 82  798 82  HOH HOH A . 
B 2 HOH 83  799 83  HOH HOH A . 
B 2 HOH 84  800 84  HOH HOH A . 
B 2 HOH 85  801 85  HOH HOH A . 
B 2 HOH 86  802 86  HOH HOH A . 
B 2 HOH 87  803 87  HOH HOH A . 
B 2 HOH 88  804 88  HOH HOH A . 
B 2 HOH 89  805 89  HOH HOH A . 
B 2 HOH 90  806 90  HOH HOH A . 
B 2 HOH 91  807 91  HOH HOH A . 
B 2 HOH 92  808 92  HOH HOH A . 
B 2 HOH 93  809 93  HOH HOH A . 
B 2 HOH 94  810 94  HOH HOH A . 
B 2 HOH 95  811 95  HOH HOH A . 
B 2 HOH 96  812 96  HOH HOH A . 
B 2 HOH 97  813 97  HOH HOH A . 
B 2 HOH 98  814 98  HOH HOH A . 
B 2 HOH 99  815 99  HOH HOH A . 
B 2 HOH 100 816 100 HOH HOH A . 
B 2 HOH 101 817 101 HOH HOH A . 
B 2 HOH 102 818 102 HOH HOH A . 
B 2 HOH 103 819 103 HOH HOH A . 
B 2 HOH 104 820 104 HOH HOH A . 
B 2 HOH 105 821 105 HOH HOH A . 
B 2 HOH 106 822 106 HOH HOH A . 
B 2 HOH 107 823 107 HOH HOH A . 
B 2 HOH 108 824 108 HOH HOH A . 
B 2 HOH 109 825 109 HOH HOH A . 
B 2 HOH 110 826 110 HOH HOH A . 
B 2 HOH 111 827 111 HOH HOH A . 
B 2 HOH 112 828 112 HOH HOH A . 
B 2 HOH 113 829 113 HOH HOH A . 
B 2 HOH 114 830 114 HOH HOH A . 
B 2 HOH 115 831 115 HOH HOH A . 
B 2 HOH 116 832 116 HOH HOH A . 
B 2 HOH 117 833 117 HOH HOH A . 
B 2 HOH 118 834 118 HOH HOH A . 
B 2 HOH 119 835 119 HOH HOH A . 
B 2 HOH 120 836 120 HOH HOH A . 
B 2 HOH 121 837 121 HOH HOH A . 
B 2 HOH 122 838 122 HOH HOH A . 
B 2 HOH 123 839 123 HOH HOH A . 
B 2 HOH 124 840 124 HOH HOH A . 
B 2 HOH 125 841 125 HOH HOH A . 
B 2 HOH 126 842 126 HOH HOH A . 
B 2 HOH 127 843 127 HOH HOH A . 
B 2 HOH 128 844 128 HOH HOH A . 
B 2 HOH 129 845 129 HOH HOH A . 
B 2 HOH 130 846 130 HOH HOH A . 
B 2 HOH 131 847 131 HOH HOH A . 
B 2 HOH 132 848 132 HOH HOH A . 
B 2 HOH 133 849 133 HOH HOH A . 
B 2 HOH 134 850 134 HOH HOH A . 
B 2 HOH 135 851 135 HOH HOH A . 
B 2 HOH 136 852 136 HOH HOH A . 
B 2 HOH 137 853 137 HOH HOH A . 
B 2 HOH 138 854 138 HOH HOH A . 
B 2 HOH 139 855 139 HOH HOH A . 
B 2 HOH 140 856 140 HOH HOH A . 
B 2 HOH 141 857 141 HOH HOH A . 
B 2 HOH 142 858 142 HOH HOH A . 
B 2 HOH 143 859 143 HOH HOH A . 
B 2 HOH 144 860 144 HOH HOH A . 
B 2 HOH 145 861 145 HOH HOH A . 
B 2 HOH 146 862 146 HOH HOH A . 
B 2 HOH 147 863 147 HOH HOH A . 
B 2 HOH 148 864 148 HOH HOH A . 
B 2 HOH 149 865 149 HOH HOH A . 
B 2 HOH 150 866 150 HOH HOH A . 
B 2 HOH 151 867 151 HOH HOH A . 
B 2 HOH 152 868 152 HOH HOH A . 
B 2 HOH 153 869 153 HOH HOH A . 
B 2 HOH 154 870 154 HOH HOH A . 
B 2 HOH 155 871 155 HOH HOH A . 
B 2 HOH 156 872 156 HOH HOH A . 
B 2 HOH 157 873 157 HOH HOH A . 
B 2 HOH 158 874 158 HOH HOH A . 
B 2 HOH 159 875 159 HOH HOH A . 
# 
loop_
_pdbx_unobs_or_zero_occ_atoms.id 
_pdbx_unobs_or_zero_occ_atoms.PDB_model_num 
_pdbx_unobs_or_zero_occ_atoms.polymer_flag 
_pdbx_unobs_or_zero_occ_atoms.occupancy_flag 
_pdbx_unobs_or_zero_occ_atoms.auth_asym_id 
_pdbx_unobs_or_zero_occ_atoms.auth_comp_id 
_pdbx_unobs_or_zero_occ_atoms.auth_seq_id 
_pdbx_unobs_or_zero_occ_atoms.PDB_ins_code 
_pdbx_unobs_or_zero_occ_atoms.auth_atom_id 
_pdbx_unobs_or_zero_occ_atoms.label_alt_id 
_pdbx_unobs_or_zero_occ_atoms.label_asym_id 
_pdbx_unobs_or_zero_occ_atoms.label_comp_id 
_pdbx_unobs_or_zero_occ_atoms.label_seq_id 
_pdbx_unobs_or_zero_occ_atoms.label_atom_id 
1  1 Y 1 A GLU 555 ? CG  ? A GLU 32  CG  
2  1 Y 1 A GLU 555 ? CD  ? A GLU 32  CD  
3  1 Y 1 A GLU 555 ? OE1 ? A GLU 32  OE1 
4  1 Y 1 A GLU 555 ? OE2 ? A GLU 32  OE2 
5  1 Y 1 A ARG 615 ? CG  ? A ARG 92  CG  
6  1 Y 1 A ARG 615 ? CD  ? A ARG 92  CD  
7  1 Y 1 A ARG 615 ? NE  ? A ARG 92  NE  
8  1 Y 1 A ARG 615 ? CZ  ? A ARG 92  CZ  
9  1 Y 1 A ARG 615 ? NH1 ? A ARG 92  NH1 
10 1 Y 1 A ARG 615 ? NH2 ? A ARG 92  NH2 
11 1 Y 1 A ARG 697 ? CG  ? A ARG 174 CG  
12 1 Y 1 A ARG 697 ? CD  ? A ARG 174 CD  
13 1 Y 1 A ARG 697 ? NE  ? A ARG 174 NE  
14 1 Y 1 A ARG 697 ? CZ  ? A ARG 174 CZ  
15 1 Y 1 A ARG 697 ? NH1 ? A ARG 174 NH1 
16 1 Y 1 A ARG 697 ? NH2 ? A ARG 174 NH2 
# 
loop_
_software.name 
_software.version 
_software.date 
_software.type 
_software.contact_author 
_software.contact_author_email 
_software.classification 
_software.location 
_software.language 
_software.citation_id 
_software.pdbx_ordinal 
REFMAC      5.2.0019 ?                program 'Murshudov, G.N.' ccp4@dl.ac.uk            refinement        
http://www.ccp4.ac.uk/main.html  Fortran_77 ? 1 
PDB_EXTRACT 2.000    'April. 3, 2006' package PDB               sw-help@rcsb.rutgers.edu 'data extraction' 
http://pdb.rutgers.edu/software/ C++        ? 2 
HKL-2000    .        ?                ?       ?                 ?                        'data collection' ? ?          ? 3 
HKL-2000    .        ?                ?       ?                 ?                        'data reduction'  ? ?          ? 4 
HKL-2000    .        ?                ?       ?                 ?                        'data scaling'    ? ?          ? 5 
SHARP       .        ?                ?       ?                 ?                        phasing           ? ?          ? 6 
# 
_cell.length_a           76.953 
_cell.length_b           76.953 
_cell.length_c           136.347 
_cell.angle_alpha        90.000 
_cell.angle_beta         90.000 
_cell.angle_gamma        120.000 
_cell.entry_id           2PNM 
_cell.pdbx_unique_axis   ? 
_cell.Z_PDB              12 
_cell.length_a_esd       ? 
_cell.length_b_esd       ? 
_cell.length_c_esd       ? 
_cell.angle_alpha_esd    ? 
_cell.angle_beta_esd     ? 
_cell.angle_gamma_esd    ? 
# 
_symmetry.space_group_name_H-M             'P 61 2 2' 
_symmetry.entry_id                         2PNM 
_symmetry.pdbx_full_space_group_name_H-M   ? 
_symmetry.Int_Tables_number                178 
_symmetry.cell_setting                     ? 
_symmetry.space_group_name_Hall            ? 
# 
_exptl.crystals_number   1 
_exptl.entry_id          2PNM 
_exptl.method            'X-RAY DIFFRACTION' 
# 
_exptl_crystal.id                    1 
_exptl_crystal.density_Matthews      2.83 
_exptl_crystal.density_meas          ? 
_exptl_crystal.density_percent_sol   56.50 
_exptl_crystal.description           ? 
_exptl_crystal.F_000                 ? 
_exptl_crystal.preparation           ? 
# 
_exptl_crystal_grow.crystal_id      1 
_exptl_crystal_grow.method          'VAPOR DIFFUSION, SITTING DROP' 
_exptl_crystal_grow.pH              8.5 
_exptl_crystal_grow.temp            291 
_exptl_crystal_grow.temp_details    ? 
_exptl_crystal_grow.pdbx_details    
'0.1M Tris-HCl pH 8.5, 22% PEG 2000 MME, 0.45M Calcium acetate, VAPOR DIFFUSION, SITTING DROP, temperature 291K' 
_exptl_crystal_grow.pdbx_pH_range   . 
# 
_diffrn.id                     1 
_diffrn.ambient_temp           100 
_diffrn.ambient_temp_details   ? 
_diffrn.crystal_id             1 
# 
_diffrn_detector.diffrn_id              1 
_diffrn_detector.detector               CCD 
_diffrn_detector.type                   'ADSC QUANTUM 4' 
_diffrn_detector.pdbx_collection_date   2006-04-23 
_diffrn_detector.details                mirrors 
# 
_diffrn_radiation.diffrn_id                        1 
_diffrn_radiation.wavelength_id                    1 
_diffrn_radiation.pdbx_diffrn_protocol             'SINGLE WAVELENGTH' 
_diffrn_radiation.monochromator                    GRAPHITE 
_diffrn_radiation.pdbx_monochromatic_or_laue_m_l   M 
_diffrn_radiation.pdbx_scattering_type             x-ray 
# 
_diffrn_radiation_wavelength.id           1 
_diffrn_radiation_wavelength.wavelength   0.9792 
_diffrn_radiation_wavelength.wt           1.0 
# 
_diffrn_source.diffrn_id                   1 
_diffrn_source.source                      SYNCHROTRON 
_diffrn_source.type                        'NSLS BEAMLINE X8C' 
_diffrn_source.pdbx_wavelength             ? 
_diffrn_source.pdbx_wavelength_list        0.9792 
_diffrn_source.pdbx_synchrotron_site       NSLS 
_diffrn_source.pdbx_synchrotron_beamline   X8C 
# 
_reflns.entry_id                     2PNM 
_reflns.observed_criterion_sigma_F   2.0 
_reflns.observed_criterion_sigma_I   2.0 
_reflns.d_resolution_high            2.3 
_reflns.d_resolution_low             47.7 
_reflns.number_all                   11248 
_reflns.number_obs                   11248 
_reflns.percent_possible_obs         99.9 
_reflns.pdbx_Rmerge_I_obs            0.076 
_reflns.pdbx_Rsym_value              0.076 
_reflns.pdbx_netI_over_sigmaI        23.5 
_reflns.B_iso_Wilson_estimate        ? 
_reflns.pdbx_redundancy              11.5 
_reflns.R_free_details               ? 
_reflns.limit_h_max                  ? 
_reflns.limit_h_min                  ? 
_reflns.limit_k_max                  ? 
_reflns.limit_k_min                  ? 
_reflns.limit_l_max                  ? 
_reflns.limit_l_min                  ? 
_reflns.observed_criterion_F_max     ? 
_reflns.observed_criterion_F_min     ? 
_reflns.pdbx_chi_squared             ? 
_reflns.pdbx_scaling_rejects         ? 
_reflns.pdbx_ordinal                 1 
_reflns.pdbx_diffrn_id               1 
# 
_reflns_shell.d_res_high             2.30 
_reflns_shell.d_res_low              2.42 
_reflns_shell.percent_possible_obs   ? 
_reflns_shell.percent_possible_all   99.8 
_reflns_shell.Rmerge_I_obs           0.186 
_reflns_shell.meanI_over_sigI_obs    9.8 
_reflns_shell.pdbx_Rsym_value        ? 
_reflns_shell.pdbx_redundancy        11.9 
_reflns_shell.number_unique_all      1584 
_reflns_shell.number_measured_all    ? 
_reflns_shell.number_measured_obs    ? 
_reflns_shell.number_unique_obs      ? 
_reflns_shell.pdbx_chi_squared       ? 
_reflns_shell.pdbx_ordinal           1 
_reflns_shell.pdbx_diffrn_id         1 
# 
_refine.entry_id                                 2PNM 
_refine.ls_d_res_high                            2.300 
_refine.ls_d_res_low                             25.52 
_refine.pdbx_ls_sigma_F                          0.00 
_refine.ls_percent_reflns_obs                    99.840 
_refine.ls_number_reflns_obs                     11186 
_refine.pdbx_ls_cross_valid_method               THROUGHOUT 
_refine.pdbx_R_Free_selection_details            RANDOM 
_refine.details                                  'HYDROGENS HAVE BEEN ADDED IN THE RIDING POSITIONS' 
_refine.ls_R_factor_obs                          0.184 
_refine.ls_R_factor_R_work                       0.182 
_refine.ls_R_factor_R_free                       0.235 
_refine.ls_percent_reflns_R_free                 4.800 
_refine.ls_number_reflns_R_free                  538 
_refine.B_iso_mean                               23.945 
_refine.aniso_B[1][1]                            0.020 
_refine.aniso_B[2][2]                            0.020 
_refine.aniso_B[3][3]                            -0.030 
_refine.aniso_B[1][2]                            0.010 
_refine.aniso_B[1][3]                            0.000 
_refine.aniso_B[2][3]                            0.000 
_refine.correlation_coeff_Fo_to_Fc               0.943 
_refine.correlation_coeff_Fo_to_Fc_free          0.912 
_refine.pdbx_overall_ESU_R                       0.242 
_refine.pdbx_overall_ESU_R_Free                  0.207 
_refine.overall_SU_ML                            0.123 
_refine.overall_SU_B                             9.271 
_refine.solvent_model_details                    MASK 
_refine.pdbx_solvent_vdw_probe_radii             1.400 
_refine.pdbx_solvent_ion_probe_radii             0.800 
_refine.pdbx_solvent_shrinkage_radii             0.800 
_refine.pdbx_stereochemistry_target_values       'MAXIMUM LIKELIHOOD' 
_refine.pdbx_ls_sigma_I                          ? 
_refine.ls_number_reflns_all                     11248 
_refine.ls_R_factor_all                          0.200 
_refine.ls_redundancy_reflns_obs                 ? 
_refine.pdbx_data_cutoff_high_absF               ? 
_refine.pdbx_data_cutoff_low_absF                ? 
_refine.ls_number_parameters                     ? 
_refine.ls_number_restraints                     ? 
_refine.ls_R_factor_R_free_error                 ? 
_refine.ls_R_factor_R_free_error_details         ? 
_refine.pdbx_method_to_determine_struct          SAD 
_refine.pdbx_starting_model                      ? 
_refine.pdbx_stereochem_target_val_spec_case     ? 
_refine.solvent_model_param_bsol                 ? 
_refine.solvent_model_param_ksol                 ? 
_refine.occupancy_max                            ? 
_refine.occupancy_min                            ? 
_refine.pdbx_isotropic_thermal_model             Isotropic 
_refine.B_iso_min                                ? 
_refine.B_iso_max                                ? 
_refine.overall_SU_R_Cruickshank_DPI             ? 
_refine.overall_SU_R_free                        ? 
_refine.pdbx_data_cutoff_high_rms_absF           ? 
_refine.ls_wR_factor_R_free                      ? 
_refine.ls_wR_factor_R_work                      ? 
_refine.overall_FOM_free_R_set                   ? 
_refine.overall_FOM_work_R_set                   ? 
_refine.pdbx_refine_id                           'X-RAY DIFFRACTION' 
_refine.pdbx_TLS_residual_ADP_flag               'LIKELY RESIDUAL' 
_refine.pdbx_diffrn_id                           1 
_refine.pdbx_overall_phase_error                 ? 
_refine.pdbx_overall_SU_R_free_Cruickshank_DPI   ? 
_refine.pdbx_overall_SU_R_Blow_DPI               ? 
_refine.pdbx_overall_SU_R_free_Blow_DPI          ? 
# 
_refine_hist.pdbx_refine_id                   'X-RAY DIFFRACTION' 
_refine_hist.cycle_id                         LAST 
_refine_hist.pdbx_number_atoms_protein        1337 
_refine_hist.pdbx_number_atoms_nucleic_acid   0 
_refine_hist.pdbx_number_atoms_ligand         0 
_refine_hist.number_atoms_solvent             159 
_refine_hist.number_atoms_total               1496 
_refine_hist.d_res_high                       2.300 
_refine_hist.d_res_low                        25.52 
# 
loop_
_refine_ls_restr.type 
_refine_ls_restr.number 
_refine_ls_restr.dev_ideal 
_refine_ls_restr.dev_ideal_target 
_refine_ls_restr.weight 
_refine_ls_restr.pdbx_refine_id 
_refine_ls_restr.pdbx_restraint_function 
r_bond_refined_d         1367 0.015  0.022  ? 'X-RAY DIFFRACTION' ? 
r_angle_refined_deg      1869 1.476  1.983  ? 'X-RAY DIFFRACTION' ? 
r_dihedral_angle_1_deg   179  5.954  5.000  ? 'X-RAY DIFFRACTION' ? 
r_dihedral_angle_2_deg   57   39.848 27.368 ? 'X-RAY DIFFRACTION' ? 
r_dihedral_angle_3_deg   212  14.255 15.000 ? 'X-RAY DIFFRACTION' ? 
r_dihedral_angle_4_deg   1    5.175  15.000 ? 'X-RAY DIFFRACTION' ? 
r_chiral_restr           221  0.100  0.200  ? 'X-RAY DIFFRACTION' ? 
r_gen_planes_refined     1042 0.005  0.020  ? 'X-RAY DIFFRACTION' ? 
r_nbd_refined            606  0.214  0.200  ? 'X-RAY DIFFRACTION' ? 
r_nbtor_refined          944  0.307  0.200  ? 'X-RAY DIFFRACTION' ? 
r_xyhbond_nbd_refined    145  0.179  0.200  ? 'X-RAY DIFFRACTION' ? 
r_symmetry_vdw_refined   25   0.220  0.200  ? 'X-RAY DIFFRACTION' ? 
r_symmetry_hbond_refined 17   0.220  0.200  ? 'X-RAY DIFFRACTION' ? 
r_mcbond_it              927  0.924  1.500  ? 'X-RAY DIFFRACTION' ? 
r_mcangle_it             1454 1.434  2.000  ? 'X-RAY DIFFRACTION' ? 
r_scbond_it              490  2.001  3.000  ? 'X-RAY DIFFRACTION' ? 
r_scangle_it             415  2.910  4.500  ? 'X-RAY DIFFRACTION' ? 
# 
_refine_ls_shell.d_res_high                       2.300 
_refine_ls_shell.d_res_low                        2.360 
_refine_ls_shell.pdbx_total_number_of_bins_used   20 
_refine_ls_shell.percent_reflns_obs               99.750 
_refine_ls_shell.number_reflns_R_work             750 
_refine_ls_shell.R_factor_all                     ? 
_refine_ls_shell.R_factor_R_work                  0.170 
_refine_ls_shell.R_factor_R_free                  0.234 
_refine_ls_shell.percent_reflns_R_free            ? 
_refine_ls_shell.number_reflns_R_free             44 
_refine_ls_shell.R_factor_R_free_error            ? 
_refine_ls_shell.number_reflns_all                ? 
_refine_ls_shell.number_reflns_obs                794 
_refine_ls_shell.redundancy_reflns_obs            ? 
_refine_ls_shell.pdbx_refine_id                   'X-RAY DIFFRACTION' 
# 
_struct.entry_id                  2PNM 
_struct.title                     
'Crystal Structure of VP4 protease from infectious pancreatic necrosis virus (IPNV) in space group P6122' 
_struct.pdbx_model_details        ? 
_struct.pdbx_CASP_flag            N 
_struct.pdbx_model_type_details   ? 
# 
_struct_keywords.entry_id        2PNM 
_struct_keywords.pdbx_keywords   HYDROLASE 
_struct_keywords.text            'protease, Ser/Lys dyad, viral protease, hydrolase' 
# 
loop_
_struct_asym.id 
_struct_asym.pdbx_blank_PDB_chainid_flag 
_struct_asym.pdbx_modified 
_struct_asym.entity_id 
_struct_asym.details 
A N N 1 ? 
B N N 2 ? 
# 
_struct_ref.id                         1 
_struct_ref.db_name                    UNP 
_struct_ref.db_code                    POLS_IPNVS 
_struct_ref.pdbx_db_accession          Q703G9 
_struct_ref.entity_id                  1 
_struct_ref.pdbx_seq_one_letter_code   
;LESANYEEVELPPPSKGVIVPVVHTVKSAPGEAFGSLAIIIPGEYPELLDANQQVLSHFANDTGSVWGIGEDIPFEGDNM
CYTALPLKEIKRNGNIVVEKIFAGPIMGPSAQLGLSLLVNDIEDGVPRMVFTGEIADDEETIIPICGVDIKAIAAHEQGL
PLIGNQPGVDEEVRNTSLAAHLIQTGTLPVQRA
;
_struct_ref.pdbx_align_begin           524 
_struct_ref.pdbx_db_isoform            ? 
# 
_struct_ref_seq.align_id                      1 
_struct_ref_seq.ref_id                        1 
_struct_ref_seq.pdbx_PDB_id_code              2PNM 
_struct_ref_seq.pdbx_strand_id                A 
_struct_ref_seq.seq_align_beg                 1 
_struct_ref_seq.pdbx_seq_align_beg_ins_code   ? 
_struct_ref_seq.seq_align_end                 193 
_struct_ref_seq.pdbx_seq_align_end_ins_code   ? 
_struct_ref_seq.pdbx_db_accession             Q703G9 
_struct_ref_seq.db_align_beg                  524 
_struct_ref_seq.pdbx_db_align_beg_ins_code    ? 
_struct_ref_seq.db_align_end                  716 
_struct_ref_seq.pdbx_db_align_end_ins_code    ? 
_struct_ref_seq.pdbx_auth_seq_align_beg       524 
_struct_ref_seq.pdbx_auth_seq_align_end       716 
# 
loop_
_struct_ref_seq_dif.align_id 
_struct_ref_seq_dif.pdbx_pdb_id_code 
_struct_ref_seq_dif.mon_id 
_struct_ref_seq_dif.pdbx_pdb_strand_id 
_struct_ref_seq_dif.seq_num 
_struct_ref_seq_dif.pdbx_pdb_ins_code 
_struct_ref_seq_dif.pdbx_seq_db_name 
_struct_ref_seq_dif.pdbx_seq_db_accession_code 
_struct_ref_seq_dif.db_mon_id 
_struct_ref_seq_dif.pdbx_seq_db_seq_num 
_struct_ref_seq_dif.details 
_struct_ref_seq_dif.pdbx_auth_seq_num 
_struct_ref_seq_dif.pdbx_ordinal 
1 2PNM MSE A 80  ? UNP Q703G9 MET 603 'modified residue'    603 1 
1 2PNM MSE A 107 ? UNP Q703G9 MET 630 'modified residue'    630 2 
1 2PNM MSE A 129 ? UNP Q703G9 MET 652 'modified residue'    652 3 
1 2PNM ALA A 151 ? UNP Q703G9 LYS 674 'engineered mutation' 674 4 
# 
_pdbx_struct_assembly.id                   1 
_pdbx_struct_assembly.details              author_defined_assembly 
_pdbx_struct_assembly.method_details       ? 
_pdbx_struct_assembly.oligomeric_details   monomeric 
_pdbx_struct_assembly.oligomeric_count     1 
# 
_pdbx_struct_assembly_gen.assembly_id       1 
_pdbx_struct_assembly_gen.oper_expression   1 
_pdbx_struct_assembly_gen.asym_id_list      A,B 
# 
_pdbx_struct_oper_list.id                   1 
_pdbx_struct_oper_list.type                 'identity operation' 
_pdbx_struct_oper_list.name                 1_555 
_pdbx_struct_oper_list.symmetry_operation   x,y,z 
_pdbx_struct_oper_list.matrix[1][1]         1.0000000000 
_pdbx_struct_oper_list.matrix[1][2]         0.0000000000 
_pdbx_struct_oper_list.matrix[1][3]         0.0000000000 
_pdbx_struct_oper_list.vector[1]            0.0000000000 
_pdbx_struct_oper_list.matrix[2][1]         0.0000000000 
_pdbx_struct_oper_list.matrix[2][2]         1.0000000000 
_pdbx_struct_oper_list.matrix[2][3]         0.0000000000 
_pdbx_struct_oper_list.vector[2]            0.0000000000 
_pdbx_struct_oper_list.matrix[3][1]         0.0000000000 
_pdbx_struct_oper_list.matrix[3][2]         0.0000000000 
_pdbx_struct_oper_list.matrix[3][3]         1.0000000000 
_pdbx_struct_oper_list.vector[3]            0.0000000000 
# 
_struct_biol.id        1 
_struct_biol.details   'This enzymes is a monomer in solution during purification.' 
# 
loop_
_struct_conf.conf_type_id 
_struct_conf.id 
_struct_conf.pdbx_PDB_helix_id 
_struct_conf.beg_label_comp_id 
_struct_conf.beg_label_asym_id 
_struct_conf.beg_label_seq_id 
_struct_conf.pdbx_beg_PDB_ins_code 
_struct_conf.end_label_comp_id 
_struct_conf.end_label_asym_id 
_struct_conf.end_label_seq_id 
_struct_conf.pdbx_end_PDB_ins_code 
_struct_conf.beg_auth_comp_id 
_struct_conf.beg_auth_asym_id 
_struct_conf.beg_auth_seq_id 
_struct_conf.end_auth_comp_id 
_struct_conf.end_auth_asym_id 
_struct_conf.end_auth_seq_id 
_struct_conf.pdbx_PDB_helix_class 
_struct_conf.details 
_struct_conf.pdbx_PDB_helix_length 
HELX_P HELX_P1 1 TYR A 45  ? LEU A 49  ? TYR A 568 LEU A 572 5 ? 5  
HELX_P HELX_P2 2 ASP A 50  ? GLN A 54  ? ASP A 573 GLN A 577 5 ? 5  
HELX_P HELX_P3 3 ALA A 111 ? ASP A 121 ? ALA A 634 ASP A 644 1 ? 11 
HELX_P HELX_P4 4 GLY A 147 ? GLU A 157 ? GLY A 670 GLU A 680 1 ? 11 
HELX_P HELX_P5 5 ASN A 175 ? GLY A 186 ? ASN A 698 GLY A 709 1 ? 12 
# 
_struct_conf_type.id          HELX_P 
_struct_conf_type.criteria    ? 
_struct_conf_type.reference   ? 
# 
loop_
_struct_conn.id 
_struct_conn.conn_type_id 
_struct_conn.pdbx_leaving_atom_flag 
_struct_conn.pdbx_PDB_id 
_struct_conn.ptnr1_label_asym_id 
_struct_conn.ptnr1_label_comp_id 
_struct_conn.ptnr1_label_seq_id 
_struct_conn.ptnr1_label_atom_id 
_struct_conn.pdbx_ptnr1_label_alt_id 
_struct_conn.pdbx_ptnr1_PDB_ins_code 
_struct_conn.pdbx_ptnr1_standard_comp_id 
_struct_conn.ptnr1_symmetry 
_struct_conn.ptnr2_label_asym_id 
_struct_conn.ptnr2_label_comp_id 
_struct_conn.ptnr2_label_seq_id 
_struct_conn.ptnr2_label_atom_id 
_struct_conn.pdbx_ptnr2_label_alt_id 
_struct_conn.pdbx_ptnr2_PDB_ins_code 
_struct_conn.ptnr1_auth_asym_id 
_struct_conn.ptnr1_auth_comp_id 
_struct_conn.ptnr1_auth_seq_id 
_struct_conn.ptnr2_auth_asym_id 
_struct_conn.ptnr2_auth_comp_id 
_struct_conn.ptnr2_auth_seq_id 
_struct_conn.ptnr2_symmetry 
_struct_conn.pdbx_ptnr3_label_atom_id 
_struct_conn.pdbx_ptnr3_label_seq_id 
_struct_conn.pdbx_ptnr3_label_comp_id 
_struct_conn.pdbx_ptnr3_label_asym_id 
_struct_conn.pdbx_ptnr3_label_alt_id 
_struct_conn.pdbx_ptnr3_PDB_ins_code 
_struct_conn.details 
_struct_conn.pdbx_dist_value 
_struct_conn.pdbx_value_order 
_struct_conn.pdbx_role 
covale1 covale both ? A ASN 79  C ? ? ? 1_555 A MSE 80  N ? ? A ASN 602 A MSE 603 1_555 ? ? ? ? ? ? ? 1.328 ? ? 
covale2 covale both ? A MSE 80  C ? ? ? 1_555 A CYS 81  N ? ? A MSE 603 A CYS 604 1_555 ? ? ? ? ? ? ? 1.321 ? ? 
covale3 covale both ? A ILE 106 C ? ? ? 1_555 A MSE 107 N ? ? A ILE 629 A MSE 630 1_555 ? ? ? ? ? ? ? 1.332 ? ? 
covale4 covale both ? A MSE 107 C ? ? ? 1_555 A GLY 108 N ? ? A MSE 630 A GLY 631 1_555 ? ? ? ? ? ? ? 1.328 ? ? 
covale5 covale both ? A ARG 128 C ? ? ? 1_555 A MSE 129 N ? ? A ARG 651 A MSE 652 1_555 ? ? ? ? ? ? ? 1.336 ? ? 
covale6 covale both ? A MSE 129 C ? ? ? 1_555 A VAL 130 N ? ? A MSE 652 A VAL 653 1_555 ? ? ? ? ? ? ? 1.329 ? ? 
# 
_struct_conn_type.id          covale 
_struct_conn_type.criteria    ? 
_struct_conn_type.reference   ? 
# 
loop_
_pdbx_modification_feature.ordinal 
_pdbx_modification_feature.label_comp_id 
_pdbx_modification_feature.label_asym_id 
_pdbx_modification_feature.label_seq_id 
_pdbx_modification_feature.label_alt_id 
_pdbx_modification_feature.modified_residue_label_comp_id 
_pdbx_modification_feature.modified_residue_label_asym_id 
_pdbx_modification_feature.modified_residue_label_seq_id 
_pdbx_modification_feature.modified_residue_label_alt_id 
_pdbx_modification_feature.auth_comp_id 
_pdbx_modification_feature.auth_asym_id 
_pdbx_modification_feature.auth_seq_id 
_pdbx_modification_feature.PDB_ins_code 
_pdbx_modification_feature.symmetry 
_pdbx_modification_feature.modified_residue_auth_comp_id 
_pdbx_modification_feature.modified_residue_auth_asym_id 
_pdbx_modification_feature.modified_residue_auth_seq_id 
_pdbx_modification_feature.modified_residue_PDB_ins_code 
_pdbx_modification_feature.modified_residue_symmetry 
_pdbx_modification_feature.comp_id_linking_atom 
_pdbx_modification_feature.modified_residue_id_linking_atom 
_pdbx_modification_feature.modified_residue_id 
_pdbx_modification_feature.ref_pcm_id 
_pdbx_modification_feature.ref_comp_id 
_pdbx_modification_feature.type 
_pdbx_modification_feature.category 
1 MSE A 80  ? . . . . MSE A 603 ? 1_555 . . . . . . . MET 1 MSE Selenomethionine 'Named protein modification' 
2 MSE A 107 ? . . . . MSE A 630 ? 1_555 . . . . . . . MET 1 MSE Selenomethionine 'Named protein modification' 
3 MSE A 129 ? . . . . MSE A 652 ? 1_555 . . . . . . . MET 1 MSE Selenomethionine 'Named protein modification' 
# 
loop_
_struct_sheet.id 
_struct_sheet.type 
_struct_sheet.number_strands 
_struct_sheet.details 
A ? 5 ? 
B ? 6 ? 
C ? 3 ? 
D ? 2 ? 
# 
loop_
_struct_sheet_order.sheet_id 
_struct_sheet_order.range_id_1 
_struct_sheet_order.range_id_2 
_struct_sheet_order.offset 
_struct_sheet_order.sense 
A 1 2 ? anti-parallel 
A 2 3 ? anti-parallel 
A 3 4 ? anti-parallel 
A 4 5 ? anti-parallel 
B 1 2 ? anti-parallel 
B 2 3 ? anti-parallel 
B 3 4 ? parallel      
B 4 5 ? anti-parallel 
B 5 6 ? parallel      
C 1 2 ? parallel      
C 2 3 ? parallel      
D 1 2 ? anti-parallel 
# 
loop_
_struct_sheet_range.sheet_id 
_struct_sheet_range.id 
_struct_sheet_range.beg_label_comp_id 
_struct_sheet_range.beg_label_asym_id 
_struct_sheet_range.beg_label_seq_id 
_struct_sheet_range.pdbx_beg_PDB_ins_code 
_struct_sheet_range.end_label_comp_id 
_struct_sheet_range.end_label_asym_id 
_struct_sheet_range.end_label_seq_id 
_struct_sheet_range.pdbx_end_PDB_ins_code 
_struct_sheet_range.beg_auth_comp_id 
_struct_sheet_range.beg_auth_asym_id 
_struct_sheet_range.beg_auth_seq_id 
_struct_sheet_range.end_auth_comp_id 
_struct_sheet_range.end_auth_asym_id 
_struct_sheet_range.end_auth_seq_id 
A 1 VAL A 9   ? LEU A 11  ? VAL A 532 LEU A 534 
A 2 ILE A 96  ? VAL A 98  ? ILE A 619 VAL A 621 
A 3 MSE A 80  ? ILE A 90  ? MSE A 603 ILE A 613 
A 4 PHE A 34  ? PRO A 42  ? PHE A 557 PRO A 565 
A 5 VAL A 18  ? HIS A 24  ? VAL A 541 HIS A 547 
B 1 VAL A 9   ? LEU A 11  ? VAL A 532 LEU A 534 
B 2 ILE A 96  ? VAL A 98  ? ILE A 619 VAL A 621 
B 3 MSE A 80  ? ILE A 90  ? MSE A 603 ILE A 613 
B 4 GLY A 64  ? TRP A 67  ? GLY A 587 TRP A 590 
B 5 LEU A 56  ? ALA A 60  ? LEU A 579 ALA A 583 
B 6 ILE A 73  ? GLU A 76  ? ILE A 596 GLU A 599 
C 1 VAL A 130 ? PHE A 131 ? VAL A 653 PHE A 654 
C 2 LEU A 162 ? GLY A 164 ? LEU A 685 GLY A 687 
C 3 GLU A 171 ? GLU A 172 ? GLU A 694 GLU A 695 
D 1 GLU A 134 ? ILE A 135 ? GLU A 657 ILE A 658 
D 2 ILE A 142 ? ILE A 143 ? ILE A 665 ILE A 666 
# 
loop_
_pdbx_struct_sheet_hbond.sheet_id 
_pdbx_struct_sheet_hbond.range_id_1 
_pdbx_struct_sheet_hbond.range_id_2 
_pdbx_struct_sheet_hbond.range_1_label_atom_id 
_pdbx_struct_sheet_hbond.range_1_label_comp_id 
_pdbx_struct_sheet_hbond.range_1_label_asym_id 
_pdbx_struct_sheet_hbond.range_1_label_seq_id 
_pdbx_struct_sheet_hbond.range_1_PDB_ins_code 
_pdbx_struct_sheet_hbond.range_1_auth_atom_id 
_pdbx_struct_sheet_hbond.range_1_auth_comp_id 
_pdbx_struct_sheet_hbond.range_1_auth_asym_id 
_pdbx_struct_sheet_hbond.range_1_auth_seq_id 
_pdbx_struct_sheet_hbond.range_2_label_atom_id 
_pdbx_struct_sheet_hbond.range_2_label_comp_id 
_pdbx_struct_sheet_hbond.range_2_label_asym_id 
_pdbx_struct_sheet_hbond.range_2_label_seq_id 
_pdbx_struct_sheet_hbond.range_2_PDB_ins_code 
_pdbx_struct_sheet_hbond.range_2_auth_atom_id 
_pdbx_struct_sheet_hbond.range_2_auth_comp_id 
_pdbx_struct_sheet_hbond.range_2_auth_asym_id 
_pdbx_struct_sheet_hbond.range_2_auth_seq_id 
A 1 2 N LEU A 11  ? N LEU A 534 O ILE A 96  ? O ILE A 619 
A 2 3 O VAL A 97  ? O VAL A 620 N GLU A 89  ? N GLU A 612 
A 3 4 O LEU A 85  ? O LEU A 608 N ILE A 39  ? N ILE A 562 
A 4 5 O PHE A 34  ? O PHE A 557 N HIS A 24  ? N HIS A 547 
B 1 2 N LEU A 11  ? N LEU A 534 O ILE A 96  ? O ILE A 619 
B 2 3 O VAL A 97  ? O VAL A 620 N GLU A 89  ? N GLU A 612 
B 3 4 O ALA A 84  ? O ALA A 607 N TRP A 67  ? N TRP A 590 
B 4 5 O VAL A 66  ? O VAL A 589 N SER A 57  ? N SER A 580 
B 5 6 N HIS A 58  ? N HIS A 581 O ILE A 73  ? O ILE A 596 
C 1 2 N VAL A 130 ? N VAL A 653 O ILE A 163 ? O ILE A 686 
C 2 3 N GLY A 164 ? N GLY A 687 O GLU A 171 ? O GLU A 694 
D 1 2 N GLU A 134 ? N GLU A 657 O ILE A 143 ? O ILE A 666 
# 
_pdbx_entry_details.entry_id                   2PNM 
_pdbx_entry_details.compound_details           ? 
_pdbx_entry_details.source_details             ? 
_pdbx_entry_details.nonpolymer_details         ? 
_pdbx_entry_details.sequence_details           ? 
_pdbx_entry_details.has_ligand_of_interest     ? 
_pdbx_entry_details.has_protein_modification   Y 
# 
_pdbx_validate_close_contact.id               1 
_pdbx_validate_close_contact.PDB_model_num    1 
_pdbx_validate_close_contact.auth_atom_id_1   O 
_pdbx_validate_close_contact.auth_asym_id_1   A 
_pdbx_validate_close_contact.auth_comp_id_1   HOH 
_pdbx_validate_close_contact.auth_seq_id_1    778 
_pdbx_validate_close_contact.PDB_ins_code_1   ? 
_pdbx_validate_close_contact.label_alt_id_1   ? 
_pdbx_validate_close_contact.auth_atom_id_2   O 
_pdbx_validate_close_contact.auth_asym_id_2   A 
_pdbx_validate_close_contact.auth_comp_id_2   HOH 
_pdbx_validate_close_contact.auth_seq_id_2    820 
_pdbx_validate_close_contact.PDB_ins_code_2   ? 
_pdbx_validate_close_contact.label_alt_id_2   ? 
_pdbx_validate_close_contact.dist             2.05 
# 
loop_
_pdbx_validate_torsion.id 
_pdbx_validate_torsion.PDB_model_num 
_pdbx_validate_torsion.auth_comp_id 
_pdbx_validate_torsion.auth_asym_id 
_pdbx_validate_torsion.auth_seq_id 
_pdbx_validate_torsion.PDB_ins_code 
_pdbx_validate_torsion.label_alt_id 
_pdbx_validate_torsion.phi 
_pdbx_validate_torsion.psi 
1 1 ALA A 556 ? ? -47.64  156.66  
2 1 GLU A 612 ? ? -172.83 148.76  
3 1 GLU A 663 ? ? -142.67 -43.57  
4 1 THR A 710 ? ? -140.31 -152.60 
# 
loop_
_pdbx_struct_mod_residue.id 
_pdbx_struct_mod_residue.label_asym_id 
_pdbx_struct_mod_residue.label_comp_id 
_pdbx_struct_mod_residue.label_seq_id 
_pdbx_struct_mod_residue.auth_asym_id 
_pdbx_struct_mod_residue.auth_comp_id 
_pdbx_struct_mod_residue.auth_seq_id 
_pdbx_struct_mod_residue.PDB_ins_code 
_pdbx_struct_mod_residue.parent_comp_id 
_pdbx_struct_mod_residue.details 
1 A MSE 80  A MSE 603 ? MET SELENOMETHIONINE 
2 A MSE 107 A MSE 630 ? MET SELENOMETHIONINE 
3 A MSE 129 A MSE 652 ? MET SELENOMETHIONINE 
# 
loop_
_pdbx_refine_tls.id 
_pdbx_refine_tls.details 
_pdbx_refine_tls.method 
_pdbx_refine_tls.origin_x 
_pdbx_refine_tls.origin_y 
_pdbx_refine_tls.origin_z 
_pdbx_refine_tls.T[1][1] 
_pdbx_refine_tls.T[2][2] 
_pdbx_refine_tls.T[3][3] 
_pdbx_refine_tls.T[1][2] 
_pdbx_refine_tls.T[1][3] 
_pdbx_refine_tls.T[2][3] 
_pdbx_refine_tls.L[1][1] 
_pdbx_refine_tls.L[2][2] 
_pdbx_refine_tls.L[3][3] 
_pdbx_refine_tls.L[1][2] 
_pdbx_refine_tls.L[1][3] 
_pdbx_refine_tls.L[2][3] 
_pdbx_refine_tls.S[1][1] 
_pdbx_refine_tls.S[2][2] 
_pdbx_refine_tls.S[3][3] 
_pdbx_refine_tls.S[1][2] 
_pdbx_refine_tls.S[1][3] 
_pdbx_refine_tls.S[2][3] 
_pdbx_refine_tls.S[2][1] 
_pdbx_refine_tls.S[3][1] 
_pdbx_refine_tls.S[3][2] 
_pdbx_refine_tls.pdbx_refine_id 
1  ? refined 5.1508   -21.2477 -2.5302  0.0580  0.1063  0.2300  -0.1116 0.0393  0.0112  11.4536 14.2687 50.7046 7.3745  -23.7746 -18.8996 -2.9738 1.0637  1.9101  1.7054  -1.8362 0.5406  -0.9822 2.3630  -2.1952 'X-RAY DIFFRACTION' 
2  ? refined 7.1527   -5.0794  -5.3969  0.0215  0.0379  0.0619  0.0035  0.0097  0.0316  1.7245  3.8477  2.1191  -1.1202 -1.5235  -0.1342  -0.0360 0.1376  -0.1016 -0.0892 -0.0391 0.0469  0.0611  0.0498  -0.0044 'X-RAY DIFFRACTION' 
3  ? refined 7.0591   -3.2314  13.2089  0.5751  0.1074  -0.0592 0.3850  0.1636  0.0466  8.0006  29.2994 65.5614 2.4374  14.7843  -28.5425 -0.8261 -0.2806 1.1067  -0.8564 -0.6887 -1.0693 1.5170  2.7089  2.6887  'X-RAY DIFFRACTION' 
4  ? refined 1.4560   -4.8043  -3.7857  0.0357  0.0183  0.0674  0.0409  0.0196  0.0766  1.7033  6.6570  8.7401  1.2702  0.8716   3.1613   0.2203  0.1366  -0.3569 0.1266  -0.0220 0.5424  0.1720  0.1509  -0.3435 'X-RAY DIFFRACTION' 
5  ? refined 2.5804   -14.5406 -3.2544  0.0188  0.0070  0.0303  -0.0025 -0.0434 0.0645  6.9084  13.6007 12.6809 -2.6215 2.2048   -9.1217  0.2662  0.2436  -0.5097 0.4579  0.0429  0.2999  -1.0996 0.9957  -0.1356 'X-RAY DIFFRACTION' 
6  ? refined -8.3078  -9.5204  -0.0511  -0.0887 0.1034  0.1888  -0.0082 -0.0049 0.2024  1.5395  5.5571  3.1777  -2.4576 0.2468   -2.6584  0.0767  0.5200  -0.5967 -0.1078 -0.0781 0.9185  -0.0714 0.1937  -0.8310 'X-RAY DIFFRACTION' 
7  ? refined -13.5352 -1.7210  -3.1572  -0.1541 0.1417  0.2507  0.0748  0.0058  0.2953  6.8429  1.1553  6.6518  -1.4674 -4.9399  -0.5511  0.2521  0.6080  -0.8601 -0.0173 0.0556  0.9418  -0.1525 -0.3108 -0.9478 'X-RAY DIFFRACTION' 
8  ? refined -0.4995  -6.2360  -4.7372  0.0261  0.0478  0.0863  0.0101  0.0060  0.0451  13.6000 10.5362 0.8209  2.8803  -1.7559  -2.8005  -0.0295 0.4179  -0.3884 0.8358  -0.2175 0.7461  -0.5914 0.1203  -0.1327 'X-RAY DIFFRACTION' 
9  ? refined 14.1311  -1.0489  -7.3607  -0.0316 -0.0143 0.0674  -0.0001 0.0194  -0.0019 2.8470  8.5370  17.1432 0.3317  -4.9809  -9.0438  -0.0104 -0.0885 0.0988  -0.1561 0.1722  -0.4286 -0.1389 -0.0887 0.3650  'X-RAY DIFFRACTION' 
10 ? refined 9.3195   -10.1347 1.1392   0.0192  -0.0209 0.0937  0.0237  0.0138  0.0172  1.5568  6.5959  16.7459 2.9972  -4.2545  -10.2467 0.1460  0.0505  -0.1965 -0.1496 0.0621  0.0517  0.1556  -0.2111 0.1990  'X-RAY DIFFRACTION' 
11 ? refined -3.3279  -4.5216  7.6670   0.0233  0.0524  0.0812  0.1131  0.1417  0.1488  2.6659  1.9393  1.1377  -0.3591 0.7050   -0.6670  -0.1495 0.6194  -0.4699 -0.1568 0.1620  0.4577  1.0553  -0.5014 -0.7066 'X-RAY DIFFRACTION' 
12 ? refined -6.7349  4.4745   -4.1463  -0.0241 0.0517  0.1791  0.1075  0.1028  0.1534  2.1363  5.2338  6.5806  -0.7164 1.5539   -2.6243  0.0261  0.2358  -0.2619 0.0980  0.2246  0.8276  -0.1405 -0.4135 -0.6216 'X-RAY DIFFRACTION' 
13 ? refined 2.7256   5.7239   -10.1085 0.1286  0.0568  0.0910  0.0631  0.0900  0.0956  17.4758 17.8224 18.2704 11.2773 6.8648   6.4260   -0.5210 0.3948  0.1262  0.5752  0.3568  0.2779  -1.0425 -0.9242 -0.6083 'X-RAY DIFFRACTION' 
14 ? refined -3.5444  6.9181   3.2148   0.1365  0.0260  0.0370  0.1805  0.1714  0.1094  1.3451  2.8117  2.1122  -0.0353 1.3328   -1.5266  -0.0453 0.4589  -0.4135 -0.3374 0.3102  0.5809  0.7554  -0.5535 -0.4583 'X-RAY DIFFRACTION' 
15 ? refined -9.3106  8.7718   6.9026   0.1146  -0.0237 0.1563  0.2725  0.3098  0.1870  17.1862 2.6100  10.9319 1.7504  4.7923   1.0318   0.3444  0.3090  -0.6532 -0.8288 0.4304  1.1576  0.6970  -0.3552 -1.3455 'X-RAY DIFFRACTION' 
16 ? refined 8.7509   5.9279   9.3743   0.2959  -0.0241 -0.0725 0.0549  0.0377  -0.0349 17.0972 1.1970  0.7566  1.1302  -3.5930  -0.1954  -0.1369 0.5135  -0.3766 -0.8942 0.4551  0.0307  1.0923  -0.5830 0.4699  'X-RAY DIFFRACTION' 
17 ? refined 10.3386  6.4533   2.5815   0.1275  -0.0032 -0.0332 -0.0124 0.0250  -0.0149 6.9169  17.5644 3.3090  -2.6583 -4.6499  3.5275   -0.0549 0.2084  -0.1535 -0.4637 0.0142  -0.5649 0.3662  -0.4968 0.3934  'X-RAY DIFFRACTION' 
18 ? refined 0.9116   13.0764  7.8375   0.3142  -0.0650 0.0026  0.1399  0.1318  -0.0167 3.9387  2.6563  3.2027  -1.4739 -2.4428  -0.9705  0.1795  0.4058  -0.5853 -0.2863 0.6897  0.3274  0.8236  -1.0811 -0.1396 'X-RAY DIFFRACTION' 
19 ? refined -3.6785  15.5439  -0.8587  0.1238  -0.1142 0.1833  0.1697  0.2016  0.1072  8.5393  6.1692  5.6750  1.1133  -0.4895  -3.2917  0.1992  0.3320  -0.5313 0.0746  1.0127  0.4476  0.9693  -0.7932 -0.0340 'X-RAY DIFFRACTION' 
20 ? refined 4.1778   15.5940  -6.2765  0.1373  -0.1016 -0.0106 0.1247  0.1471  0.0696  22.2533 21.6140 17.7898 -0.9314 -7.5144  -11.1474 0.0432  0.1678  -0.2110 -0.2252 -0.0888 -0.7946 0.6510  -1.5725 0.4710  'X-RAY DIFFRACTION' 
# 
loop_
_pdbx_refine_tls_group.id 
_pdbx_refine_tls_group.refine_tls_id 
_pdbx_refine_tls_group.beg_label_asym_id 
_pdbx_refine_tls_group.beg_label_seq_id 
_pdbx_refine_tls_group.end_label_asym_id 
_pdbx_refine_tls_group.end_label_seq_id 
_pdbx_refine_tls_group.selection 
_pdbx_refine_tls_group.beg_auth_asym_id 
_pdbx_refine_tls_group.beg_auth_seq_id 
_pdbx_refine_tls_group.end_auth_asym_id 
_pdbx_refine_tls_group.end_auth_seq_id 
_pdbx_refine_tls_group.pdbx_refine_id 
_pdbx_refine_tls_group.selection_details 
1  1  A 1   A 5   ALL A 524 A 528 'X-RAY DIFFRACTION' ? 
2  2  A 6   A 22  ALL A 529 A 545 'X-RAY DIFFRACTION' ? 
3  3  A 23  A 35  ALL A 546 A 558 'X-RAY DIFFRACTION' ? 
4  4  A 36  A 44  ALL A 559 A 567 'X-RAY DIFFRACTION' ? 
5  5  A 45  A 50  ALL A 568 A 573 'X-RAY DIFFRACTION' ? 
6  6  A 51  A 71  ALL A 574 A 594 'X-RAY DIFFRACTION' ? 
7  7  A 72  A 79  ALL A 595 A 602 'X-RAY DIFFRACTION' ? 
8  8  A 80  A 87  ALL A 603 A 610 'X-RAY DIFFRACTION' ? 
9  9  A 88  A 95  ALL A 611 A 618 'X-RAY DIFFRACTION' ? 
10 10 A 96  A 102 ALL A 619 A 625 'X-RAY DIFFRACTION' ? 
11 11 A 103 A 111 ALL A 626 A 634 'X-RAY DIFFRACTION' ? 
12 12 A 112 A 122 ALL A 635 A 645 'X-RAY DIFFRACTION' ? 
13 13 A 123 A 128 ALL A 646 A 651 'X-RAY DIFFRACTION' ? 
14 14 A 129 A 136 ALL A 652 A 659 'X-RAY DIFFRACTION' ? 
15 15 A 137 A 148 ALL A 660 A 671 'X-RAY DIFFRACTION' ? 
16 16 A 149 A 156 ALL A 672 A 679 'X-RAY DIFFRACTION' ? 
17 17 A 157 A 162 ALL A 680 A 685 'X-RAY DIFFRACTION' ? 
18 18 A 163 A 170 ALL A 686 A 693 'X-RAY DIFFRACTION' ? 
19 19 A 171 A 182 ALL A 694 A 705 'X-RAY DIFFRACTION' ? 
20 20 A 183 A 188 ALL A 706 A 711 'X-RAY DIFFRACTION' ? 
# 
loop_
_pdbx_unobs_or_zero_occ_residues.id 
_pdbx_unobs_or_zero_occ_residues.PDB_model_num 
_pdbx_unobs_or_zero_occ_residues.polymer_flag 
_pdbx_unobs_or_zero_occ_residues.occupancy_flag 
_pdbx_unobs_or_zero_occ_residues.auth_asym_id 
_pdbx_unobs_or_zero_occ_residues.auth_comp_id 
_pdbx_unobs_or_zero_occ_residues.auth_seq_id 
_pdbx_unobs_or_zero_occ_residues.PDB_ins_code 
_pdbx_unobs_or_zero_occ_residues.label_asym_id 
_pdbx_unobs_or_zero_occ_residues.label_comp_id 
_pdbx_unobs_or_zero_occ_residues.label_seq_id 
1  1 Y 1 A THR 548 ? A THR 25  
2  1 Y 1 A VAL 549 ? A VAL 26  
3  1 Y 1 A LYS 550 ? A LYS 27  
4  1 Y 1 A SER 551 ? A SER 28  
5  1 Y 1 A ALA 552 ? A ALA 29  
6  1 Y 1 A PRO 553 ? A PRO 30  
7  1 Y 1 A GLY 554 ? A GLY 31  
8  1 Y 1 A PRO 712 ? A PRO 189 
9  1 Y 1 A VAL 713 ? A VAL 190 
10 1 Y 1 A GLN 714 ? A GLN 191 
11 1 Y 1 A ARG 715 ? A ARG 192 
12 1 Y 1 A ALA 716 ? A ALA 193 
# 
loop_
_chem_comp_atom.comp_id 
_chem_comp_atom.atom_id 
_chem_comp_atom.type_symbol 
_chem_comp_atom.pdbx_aromatic_flag 
_chem_comp_atom.pdbx_stereo_config 
_chem_comp_atom.pdbx_ordinal 
ALA N    N  N N 1   
ALA CA   C  N S 2   
ALA C    C  N N 3   
ALA O    O  N N 4   
ALA CB   C  N N 5   
ALA OXT  O  N N 6   
ALA H    H  N N 7   
ALA H2   H  N N 8   
ALA HA   H  N N 9   
ALA HB1  H  N N 10  
ALA HB2  H  N N 11  
ALA HB3  H  N N 12  
ALA HXT  H  N N 13  
ARG N    N  N N 14  
ARG CA   C  N S 15  
ARG C    C  N N 16  
ARG O    O  N N 17  
ARG CB   C  N N 18  
ARG CG   C  N N 19  
ARG CD   C  N N 20  
ARG NE   N  N N 21  
ARG CZ   C  N N 22  
ARG NH1  N  N N 23  
ARG NH2  N  N N 24  
ARG OXT  O  N N 25  
ARG H    H  N N 26  
ARG H2   H  N N 27  
ARG HA   H  N N 28  
ARG HB2  H  N N 29  
ARG HB3  H  N N 30  
ARG HG2  H  N N 31  
ARG HG3  H  N N 32  
ARG HD2  H  N N 33  
ARG HD3  H  N N 34  
ARG HE   H  N N 35  
ARG HH11 H  N N 36  
ARG HH12 H  N N 37  
ARG HH21 H  N N 38  
ARG HH22 H  N N 39  
ARG HXT  H  N N 40  
ASN N    N  N N 41  
ASN CA   C  N S 42  
ASN C    C  N N 43  
ASN O    O  N N 44  
ASN CB   C  N N 45  
ASN CG   C  N N 46  
ASN OD1  O  N N 47  
ASN ND2  N  N N 48  
ASN OXT  O  N N 49  
ASN H    H  N N 50  
ASN H2   H  N N 51  
ASN HA   H  N N 52  
ASN HB2  H  N N 53  
ASN HB3  H  N N 54  
ASN HD21 H  N N 55  
ASN HD22 H  N N 56  
ASN HXT  H  N N 57  
ASP N    N  N N 58  
ASP CA   C  N S 59  
ASP C    C  N N 60  
ASP O    O  N N 61  
ASP CB   C  N N 62  
ASP CG   C  N N 63  
ASP OD1  O  N N 64  
ASP OD2  O  N N 65  
ASP OXT  O  N N 66  
ASP H    H  N N 67  
ASP H2   H  N N 68  
ASP HA   H  N N 69  
ASP HB2  H  N N 70  
ASP HB3  H  N N 71  
ASP HD2  H  N N 72  
ASP HXT  H  N N 73  
CYS N    N  N N 74  
CYS CA   C  N R 75  
CYS C    C  N N 76  
CYS O    O  N N 77  
CYS CB   C  N N 78  
CYS SG   S  N N 79  
CYS OXT  O  N N 80  
CYS H    H  N N 81  
CYS H2   H  N N 82  
CYS HA   H  N N 83  
CYS HB2  H  N N 84  
CYS HB3  H  N N 85  
CYS HG   H  N N 86  
CYS HXT  H  N N 87  
GLN N    N  N N 88  
GLN CA   C  N S 89  
GLN C    C  N N 90  
GLN O    O  N N 91  
GLN CB   C  N N 92  
GLN CG   C  N N 93  
GLN CD   C  N N 94  
GLN OE1  O  N N 95  
GLN NE2  N  N N 96  
GLN OXT  O  N N 97  
GLN H    H  N N 98  
GLN H2   H  N N 99  
GLN HA   H  N N 100 
GLN HB2  H  N N 101 
GLN HB3  H  N N 102 
GLN HG2  H  N N 103 
GLN HG3  H  N N 104 
GLN HE21 H  N N 105 
GLN HE22 H  N N 106 
GLN HXT  H  N N 107 
GLU N    N  N N 108 
GLU CA   C  N S 109 
GLU C    C  N N 110 
GLU O    O  N N 111 
GLU CB   C  N N 112 
GLU CG   C  N N 113 
GLU CD   C  N N 114 
GLU OE1  O  N N 115 
GLU OE2  O  N N 116 
GLU OXT  O  N N 117 
GLU H    H  N N 118 
GLU H2   H  N N 119 
GLU HA   H  N N 120 
GLU HB2  H  N N 121 
GLU HB3  H  N N 122 
GLU HG2  H  N N 123 
GLU HG3  H  N N 124 
GLU HE2  H  N N 125 
GLU HXT  H  N N 126 
GLY N    N  N N 127 
GLY CA   C  N N 128 
GLY C    C  N N 129 
GLY O    O  N N 130 
GLY OXT  O  N N 131 
GLY H    H  N N 132 
GLY H2   H  N N 133 
GLY HA2  H  N N 134 
GLY HA3  H  N N 135 
GLY HXT  H  N N 136 
HIS N    N  N N 137 
HIS CA   C  N S 138 
HIS C    C  N N 139 
HIS O    O  N N 140 
HIS CB   C  N N 141 
HIS CG   C  Y N 142 
HIS ND1  N  Y N 143 
HIS CD2  C  Y N 144 
HIS CE1  C  Y N 145 
HIS NE2  N  Y N 146 
HIS OXT  O  N N 147 
HIS H    H  N N 148 
HIS H2   H  N N 149 
HIS HA   H  N N 150 
HIS HB2  H  N N 151 
HIS HB3  H  N N 152 
HIS HD1  H  N N 153 
HIS HD2  H  N N 154 
HIS HE1  H  N N 155 
HIS HE2  H  N N 156 
HIS HXT  H  N N 157 
HOH O    O  N N 158 
HOH H1   H  N N 159 
HOH H2   H  N N 160 
ILE N    N  N N 161 
ILE CA   C  N S 162 
ILE C    C  N N 163 
ILE O    O  N N 164 
ILE CB   C  N S 165 
ILE CG1  C  N N 166 
ILE CG2  C  N N 167 
ILE CD1  C  N N 168 
ILE OXT  O  N N 169 
ILE H    H  N N 170 
ILE H2   H  N N 171 
ILE HA   H  N N 172 
ILE HB   H  N N 173 
ILE HG12 H  N N 174 
ILE HG13 H  N N 175 
ILE HG21 H  N N 176 
ILE HG22 H  N N 177 
ILE HG23 H  N N 178 
ILE HD11 H  N N 179 
ILE HD12 H  N N 180 
ILE HD13 H  N N 181 
ILE HXT  H  N N 182 
LEU N    N  N N 183 
LEU CA   C  N S 184 
LEU C    C  N N 185 
LEU O    O  N N 186 
LEU CB   C  N N 187 
LEU CG   C  N N 188 
LEU CD1  C  N N 189 
LEU CD2  C  N N 190 
LEU OXT  O  N N 191 
LEU H    H  N N 192 
LEU H2   H  N N 193 
LEU HA   H  N N 194 
LEU HB2  H  N N 195 
LEU HB3  H  N N 196 
LEU HG   H  N N 197 
LEU HD11 H  N N 198 
LEU HD12 H  N N 199 
LEU HD13 H  N N 200 
LEU HD21 H  N N 201 
LEU HD22 H  N N 202 
LEU HD23 H  N N 203 
LEU HXT  H  N N 204 
LYS N    N  N N 205 
LYS CA   C  N S 206 
LYS C    C  N N 207 
LYS O    O  N N 208 
LYS CB   C  N N 209 
LYS CG   C  N N 210 
LYS CD   C  N N 211 
LYS CE   C  N N 212 
LYS NZ   N  N N 213 
LYS OXT  O  N N 214 
LYS H    H  N N 215 
LYS H2   H  N N 216 
LYS HA   H  N N 217 
LYS HB2  H  N N 218 
LYS HB3  H  N N 219 
LYS HG2  H  N N 220 
LYS HG3  H  N N 221 
LYS HD2  H  N N 222 
LYS HD3  H  N N 223 
LYS HE2  H  N N 224 
LYS HE3  H  N N 225 
LYS HZ1  H  N N 226 
LYS HZ2  H  N N 227 
LYS HZ3  H  N N 228 
LYS HXT  H  N N 229 
MET N    N  N N 230 
MET CA   C  N S 231 
MET C    C  N N 232 
MET O    O  N N 233 
MET CB   C  N N 234 
MET CG   C  N N 235 
MET SD   S  N N 236 
MET CE   C  N N 237 
MET OXT  O  N N 238 
MET H    H  N N 239 
MET H2   H  N N 240 
MET HA   H  N N 241 
MET HB2  H  N N 242 
MET HB3  H  N N 243 
MET HG2  H  N N 244 
MET HG3  H  N N 245 
MET HE1  H  N N 246 
MET HE2  H  N N 247 
MET HE3  H  N N 248 
MET HXT  H  N N 249 
MSE N    N  N N 250 
MSE CA   C  N S 251 
MSE C    C  N N 252 
MSE O    O  N N 253 
MSE OXT  O  N N 254 
MSE CB   C  N N 255 
MSE CG   C  N N 256 
MSE SE   SE N N 257 
MSE CE   C  N N 258 
MSE H    H  N N 259 
MSE H2   H  N N 260 
MSE HA   H  N N 261 
MSE HXT  H  N N 262 
MSE HB2  H  N N 263 
MSE HB3  H  N N 264 
MSE HG2  H  N N 265 
MSE HG3  H  N N 266 
MSE HE1  H  N N 267 
MSE HE2  H  N N 268 
MSE HE3  H  N N 269 
PHE N    N  N N 270 
PHE CA   C  N S 271 
PHE C    C  N N 272 
PHE O    O  N N 273 
PHE CB   C  N N 274 
PHE CG   C  Y N 275 
PHE CD1  C  Y N 276 
PHE CD2  C  Y N 277 
PHE CE1  C  Y N 278 
PHE CE2  C  Y N 279 
PHE CZ   C  Y N 280 
PHE OXT  O  N N 281 
PHE H    H  N N 282 
PHE H2   H  N N 283 
PHE HA   H  N N 284 
PHE HB2  H  N N 285 
PHE HB3  H  N N 286 
PHE HD1  H  N N 287 
PHE HD2  H  N N 288 
PHE HE1  H  N N 289 
PHE HE2  H  N N 290 
PHE HZ   H  N N 291 
PHE HXT  H  N N 292 
PRO N    N  N N 293 
PRO CA   C  N S 294 
PRO C    C  N N 295 
PRO O    O  N N 296 
PRO CB   C  N N 297 
PRO CG   C  N N 298 
PRO CD   C  N N 299 
PRO OXT  O  N N 300 
PRO H    H  N N 301 
PRO HA   H  N N 302 
PRO HB2  H  N N 303 
PRO HB3  H  N N 304 
PRO HG2  H  N N 305 
PRO HG3  H  N N 306 
PRO HD2  H  N N 307 
PRO HD3  H  N N 308 
PRO HXT  H  N N 309 
SER N    N  N N 310 
SER CA   C  N S 311 
SER C    C  N N 312 
SER O    O  N N 313 
SER CB   C  N N 314 
SER OG   O  N N 315 
SER OXT  O  N N 316 
SER H    H  N N 317 
SER H2   H  N N 318 
SER HA   H  N N 319 
SER HB2  H  N N 320 
SER HB3  H  N N 321 
SER HG   H  N N 322 
SER HXT  H  N N 323 
THR N    N  N N 324 
THR CA   C  N S 325 
THR C    C  N N 326 
THR O    O  N N 327 
THR CB   C  N R 328 
THR OG1  O  N N 329 
THR CG2  C  N N 330 
THR OXT  O  N N 331 
THR H    H  N N 332 
THR H2   H  N N 333 
THR HA   H  N N 334 
THR HB   H  N N 335 
THR HG1  H  N N 336 
THR HG21 H  N N 337 
THR HG22 H  N N 338 
THR HG23 H  N N 339 
THR HXT  H  N N 340 
TRP N    N  N N 341 
TRP CA   C  N S 342 
TRP C    C  N N 343 
TRP O    O  N N 344 
TRP CB   C  N N 345 
TRP CG   C  Y N 346 
TRP CD1  C  Y N 347 
TRP CD2  C  Y N 348 
TRP NE1  N  Y N 349 
TRP CE2  C  Y N 350 
TRP CE3  C  Y N 351 
TRP CZ2  C  Y N 352 
TRP CZ3  C  Y N 353 
TRP CH2  C  Y N 354 
TRP OXT  O  N N 355 
TRP H    H  N N 356 
TRP H2   H  N N 357 
TRP HA   H  N N 358 
TRP HB2  H  N N 359 
TRP HB3  H  N N 360 
TRP HD1  H  N N 361 
TRP HE1  H  N N 362 
TRP HE3  H  N N 363 
TRP HZ2  H  N N 364 
TRP HZ3  H  N N 365 
TRP HH2  H  N N 366 
TRP HXT  H  N N 367 
TYR N    N  N N 368 
TYR CA   C  N S 369 
TYR C    C  N N 370 
TYR O    O  N N 371 
TYR CB   C  N N 372 
TYR CG   C  Y N 373 
TYR CD1  C  Y N 374 
TYR CD2  C  Y N 375 
TYR CE1  C  Y N 376 
TYR CE2  C  Y N 377 
TYR CZ   C  Y N 378 
TYR OH   O  N N 379 
TYR OXT  O  N N 380 
TYR H    H  N N 381 
TYR H2   H  N N 382 
TYR HA   H  N N 383 
TYR HB2  H  N N 384 
TYR HB3  H  N N 385 
TYR HD1  H  N N 386 
TYR HD2  H  N N 387 
TYR HE1  H  N N 388 
TYR HE2  H  N N 389 
TYR HH   H  N N 390 
TYR HXT  H  N N 391 
VAL N    N  N N 392 
VAL CA   C  N S 393 
VAL C    C  N N 394 
VAL O    O  N N 395 
VAL CB   C  N N 396 
VAL CG1  C  N N 397 
VAL CG2  C  N N 398 
VAL OXT  O  N N 399 
VAL H    H  N N 400 
VAL H2   H  N N 401 
VAL HA   H  N N 402 
VAL HB   H  N N 403 
VAL HG11 H  N N 404 
VAL HG12 H  N N 405 
VAL HG13 H  N N 406 
VAL HG21 H  N N 407 
VAL HG22 H  N N 408 
VAL HG23 H  N N 409 
VAL HXT  H  N N 410 
# 
loop_
_chem_comp_bond.comp_id 
_chem_comp_bond.atom_id_1 
_chem_comp_bond.atom_id_2 
_chem_comp_bond.value_order 
_chem_comp_bond.pdbx_aromatic_flag 
_chem_comp_bond.pdbx_stereo_config 
_chem_comp_bond.pdbx_ordinal 
ALA N   CA   sing N N 1   
ALA N   H    sing N N 2   
ALA N   H2   sing N N 3   
ALA CA  C    sing N N 4   
ALA CA  CB   sing N N 5   
ALA CA  HA   sing N N 6   
ALA C   O    doub N N 7   
ALA C   OXT  sing N N 8   
ALA CB  HB1  sing N N 9   
ALA CB  HB2  sing N N 10  
ALA CB  HB3  sing N N 11  
ALA OXT HXT  sing N N 12  
ARG N   CA   sing N N 13  
ARG N   H    sing N N 14  
ARG N   H2   sing N N 15  
ARG CA  C    sing N N 16  
ARG CA  CB   sing N N 17  
ARG CA  HA   sing N N 18  
ARG C   O    doub N N 19  
ARG C   OXT  sing N N 20  
ARG CB  CG   sing N N 21  
ARG CB  HB2  sing N N 22  
ARG CB  HB3  sing N N 23  
ARG CG  CD   sing N N 24  
ARG CG  HG2  sing N N 25  
ARG CG  HG3  sing N N 26  
ARG CD  NE   sing N N 27  
ARG CD  HD2  sing N N 28  
ARG CD  HD3  sing N N 29  
ARG NE  CZ   sing N N 30  
ARG NE  HE   sing N N 31  
ARG CZ  NH1  sing N N 32  
ARG CZ  NH2  doub N N 33  
ARG NH1 HH11 sing N N 34  
ARG NH1 HH12 sing N N 35  
ARG NH2 HH21 sing N N 36  
ARG NH2 HH22 sing N N 37  
ARG OXT HXT  sing N N 38  
ASN N   CA   sing N N 39  
ASN N   H    sing N N 40  
ASN N   H2   sing N N 41  
ASN CA  C    sing N N 42  
ASN CA  CB   sing N N 43  
ASN CA  HA   sing N N 44  
ASN C   O    doub N N 45  
ASN C   OXT  sing N N 46  
ASN CB  CG   sing N N 47  
ASN CB  HB2  sing N N 48  
ASN CB  HB3  sing N N 49  
ASN CG  OD1  doub N N 50  
ASN CG  ND2  sing N N 51  
ASN ND2 HD21 sing N N 52  
ASN ND2 HD22 sing N N 53  
ASN OXT HXT  sing N N 54  
ASP N   CA   sing N N 55  
ASP N   H    sing N N 56  
ASP N   H2   sing N N 57  
ASP CA  C    sing N N 58  
ASP CA  CB   sing N N 59  
ASP CA  HA   sing N N 60  
ASP C   O    doub N N 61  
ASP C   OXT  sing N N 62  
ASP CB  CG   sing N N 63  
ASP CB  HB2  sing N N 64  
ASP CB  HB3  sing N N 65  
ASP CG  OD1  doub N N 66  
ASP CG  OD2  sing N N 67  
ASP OD2 HD2  sing N N 68  
ASP OXT HXT  sing N N 69  
CYS N   CA   sing N N 70  
CYS N   H    sing N N 71  
CYS N   H2   sing N N 72  
CYS CA  C    sing N N 73  
CYS CA  CB   sing N N 74  
CYS CA  HA   sing N N 75  
CYS C   O    doub N N 76  
CYS C   OXT  sing N N 77  
CYS CB  SG   sing N N 78  
CYS CB  HB2  sing N N 79  
CYS CB  HB3  sing N N 80  
CYS SG  HG   sing N N 81  
CYS OXT HXT  sing N N 82  
GLN N   CA   sing N N 83  
GLN N   H    sing N N 84  
GLN N   H2   sing N N 85  
GLN CA  C    sing N N 86  
GLN CA  CB   sing N N 87  
GLN CA  HA   sing N N 88  
GLN C   O    doub N N 89  
GLN C   OXT  sing N N 90  
GLN CB  CG   sing N N 91  
GLN CB  HB2  sing N N 92  
GLN CB  HB3  sing N N 93  
GLN CG  CD   sing N N 94  
GLN CG  HG2  sing N N 95  
GLN CG  HG3  sing N N 96  
GLN CD  OE1  doub N N 97  
GLN CD  NE2  sing N N 98  
GLN NE2 HE21 sing N N 99  
GLN NE2 HE22 sing N N 100 
GLN OXT HXT  sing N N 101 
GLU N   CA   sing N N 102 
GLU N   H    sing N N 103 
GLU N   H2   sing N N 104 
GLU CA  C    sing N N 105 
GLU CA  CB   sing N N 106 
GLU CA  HA   sing N N 107 
GLU C   O    doub N N 108 
GLU C   OXT  sing N N 109 
GLU CB  CG   sing N N 110 
GLU CB  HB2  sing N N 111 
GLU CB  HB3  sing N N 112 
GLU CG  CD   sing N N 113 
GLU CG  HG2  sing N N 114 
GLU CG  HG3  sing N N 115 
GLU CD  OE1  doub N N 116 
GLU CD  OE2  sing N N 117 
GLU OE2 HE2  sing N N 118 
GLU OXT HXT  sing N N 119 
GLY N   CA   sing N N 120 
GLY N   H    sing N N 121 
GLY N   H2   sing N N 122 
GLY CA  C    sing N N 123 
GLY CA  HA2  sing N N 124 
GLY CA  HA3  sing N N 125 
GLY C   O    doub N N 126 
GLY C   OXT  sing N N 127 
GLY OXT HXT  sing N N 128 
HIS N   CA   sing N N 129 
HIS N   H    sing N N 130 
HIS N   H2   sing N N 131 
HIS CA  C    sing N N 132 
HIS CA  CB   sing N N 133 
HIS CA  HA   sing N N 134 
HIS C   O    doub N N 135 
HIS C   OXT  sing N N 136 
HIS CB  CG   sing N N 137 
HIS CB  HB2  sing N N 138 
HIS CB  HB3  sing N N 139 
HIS CG  ND1  sing Y N 140 
HIS CG  CD2  doub Y N 141 
HIS ND1 CE1  doub Y N 142 
HIS ND1 HD1  sing N N 143 
HIS CD2 NE2  sing Y N 144 
HIS CD2 HD2  sing N N 145 
HIS CE1 NE2  sing Y N 146 
HIS CE1 HE1  sing N N 147 
HIS NE2 HE2  sing N N 148 
HIS OXT HXT  sing N N 149 
HOH O   H1   sing N N 150 
HOH O   H2   sing N N 151 
ILE N   CA   sing N N 152 
ILE N   H    sing N N 153 
ILE N   H2   sing N N 154 
ILE CA  C    sing N N 155 
ILE CA  CB   sing N N 156 
ILE CA  HA   sing N N 157 
ILE C   O    doub N N 158 
ILE C   OXT  sing N N 159 
ILE CB  CG1  sing N N 160 
ILE CB  CG2  sing N N 161 
ILE CB  HB   sing N N 162 
ILE CG1 CD1  sing N N 163 
ILE CG1 HG12 sing N N 164 
ILE CG1 HG13 sing N N 165 
ILE CG2 HG21 sing N N 166 
ILE CG2 HG22 sing N N 167 
ILE CG2 HG23 sing N N 168 
ILE CD1 HD11 sing N N 169 
ILE CD1 HD12 sing N N 170 
ILE CD1 HD13 sing N N 171 
ILE OXT HXT  sing N N 172 
LEU N   CA   sing N N 173 
LEU N   H    sing N N 174 
LEU N   H2   sing N N 175 
LEU CA  C    sing N N 176 
LEU CA  CB   sing N N 177 
LEU CA  HA   sing N N 178 
LEU C   O    doub N N 179 
LEU C   OXT  sing N N 180 
LEU CB  CG   sing N N 181 
LEU CB  HB2  sing N N 182 
LEU CB  HB3  sing N N 183 
LEU CG  CD1  sing N N 184 
LEU CG  CD2  sing N N 185 
LEU CG  HG   sing N N 186 
LEU CD1 HD11 sing N N 187 
LEU CD1 HD12 sing N N 188 
LEU CD1 HD13 sing N N 189 
LEU CD2 HD21 sing N N 190 
LEU CD2 HD22 sing N N 191 
LEU CD2 HD23 sing N N 192 
LEU OXT HXT  sing N N 193 
LYS N   CA   sing N N 194 
LYS N   H    sing N N 195 
LYS N   H2   sing N N 196 
LYS CA  C    sing N N 197 
LYS CA  CB   sing N N 198 
LYS CA  HA   sing N N 199 
LYS C   O    doub N N 200 
LYS C   OXT  sing N N 201 
LYS CB  CG   sing N N 202 
LYS CB  HB2  sing N N 203 
LYS CB  HB3  sing N N 204 
LYS CG  CD   sing N N 205 
LYS CG  HG2  sing N N 206 
LYS CG  HG3  sing N N 207 
LYS CD  CE   sing N N 208 
LYS CD  HD2  sing N N 209 
LYS CD  HD3  sing N N 210 
LYS CE  NZ   sing N N 211 
LYS CE  HE2  sing N N 212 
LYS CE  HE3  sing N N 213 
LYS NZ  HZ1  sing N N 214 
LYS NZ  HZ2  sing N N 215 
LYS NZ  HZ3  sing N N 216 
LYS OXT HXT  sing N N 217 
MET N   CA   sing N N 218 
MET N   H    sing N N 219 
MET N   H2   sing N N 220 
MET CA  C    sing N N 221 
MET CA  CB   sing N N 222 
MET CA  HA   sing N N 223 
MET C   O    doub N N 224 
MET C   OXT  sing N N 225 
MET CB  CG   sing N N 226 
MET CB  HB2  sing N N 227 
MET CB  HB3  sing N N 228 
MET CG  SD   sing N N 229 
MET CG  HG2  sing N N 230 
MET CG  HG3  sing N N 231 
MET SD  CE   sing N N 232 
MET CE  HE1  sing N N 233 
MET CE  HE2  sing N N 234 
MET CE  HE3  sing N N 235 
MET OXT HXT  sing N N 236 
MSE N   CA   sing N N 237 
MSE N   H    sing N N 238 
MSE N   H2   sing N N 239 
MSE CA  C    sing N N 240 
MSE CA  CB   sing N N 241 
MSE CA  HA   sing N N 242 
MSE C   O    doub N N 243 
MSE C   OXT  sing N N 244 
MSE OXT HXT  sing N N 245 
MSE CB  CG   sing N N 246 
MSE CB  HB2  sing N N 247 
MSE CB  HB3  sing N N 248 
MSE CG  SE   sing N N 249 
MSE CG  HG2  sing N N 250 
MSE CG  HG3  sing N N 251 
MSE SE  CE   sing N N 252 
MSE CE  HE1  sing N N 253 
MSE CE  HE2  sing N N 254 
MSE CE  HE3  sing N N 255 
PHE N   CA   sing N N 256 
PHE N   H    sing N N 257 
PHE N   H2   sing N N 258 
PHE CA  C    sing N N 259 
PHE CA  CB   sing N N 260 
PHE CA  HA   sing N N 261 
PHE C   O    doub N N 262 
PHE C   OXT  sing N N 263 
PHE CB  CG   sing N N 264 
PHE CB  HB2  sing N N 265 
PHE CB  HB3  sing N N 266 
PHE CG  CD1  doub Y N 267 
PHE CG  CD2  sing Y N 268 
PHE CD1 CE1  sing Y N 269 
PHE CD1 HD1  sing N N 270 
PHE CD2 CE2  doub Y N 271 
PHE CD2 HD2  sing N N 272 
PHE CE1 CZ   doub Y N 273 
PHE CE1 HE1  sing N N 274 
PHE CE2 CZ   sing Y N 275 
PHE CE2 HE2  sing N N 276 
PHE CZ  HZ   sing N N 277 
PHE OXT HXT  sing N N 278 
PRO N   CA   sing N N 279 
PRO N   CD   sing N N 280 
PRO N   H    sing N N 281 
PRO CA  C    sing N N 282 
PRO CA  CB   sing N N 283 
PRO CA  HA   sing N N 284 
PRO C   O    doub N N 285 
PRO C   OXT  sing N N 286 
PRO CB  CG   sing N N 287 
PRO CB  HB2  sing N N 288 
PRO CB  HB3  sing N N 289 
PRO CG  CD   sing N N 290 
PRO CG  HG2  sing N N 291 
PRO CG  HG3  sing N N 292 
PRO CD  HD2  sing N N 293 
PRO CD  HD3  sing N N 294 
PRO OXT HXT  sing N N 295 
SER N   CA   sing N N 296 
SER N   H    sing N N 297 
SER N   H2   sing N N 298 
SER CA  C    sing N N 299 
SER CA  CB   sing N N 300 
SER CA  HA   sing N N 301 
SER C   O    doub N N 302 
SER C   OXT  sing N N 303 
SER CB  OG   sing N N 304 
SER CB  HB2  sing N N 305 
SER CB  HB3  sing N N 306 
SER OG  HG   sing N N 307 
SER OXT HXT  sing N N 308 
THR N   CA   sing N N 309 
THR N   H    sing N N 310 
THR N   H2   sing N N 311 
THR CA  C    sing N N 312 
THR CA  CB   sing N N 313 
THR CA  HA   sing N N 314 
THR C   O    doub N N 315 
THR C   OXT  sing N N 316 
THR CB  OG1  sing N N 317 
THR CB  CG2  sing N N 318 
THR CB  HB   sing N N 319 
THR OG1 HG1  sing N N 320 
THR CG2 HG21 sing N N 321 
THR CG2 HG22 sing N N 322 
THR CG2 HG23 sing N N 323 
THR OXT HXT  sing N N 324 
TRP N   CA   sing N N 325 
TRP N   H    sing N N 326 
TRP N   H2   sing N N 327 
TRP CA  C    sing N N 328 
TRP CA  CB   sing N N 329 
TRP CA  HA   sing N N 330 
TRP C   O    doub N N 331 
TRP C   OXT  sing N N 332 
TRP CB  CG   sing N N 333 
TRP CB  HB2  sing N N 334 
TRP CB  HB3  sing N N 335 
TRP CG  CD1  doub Y N 336 
TRP CG  CD2  sing Y N 337 
TRP CD1 NE1  sing Y N 338 
TRP CD1 HD1  sing N N 339 
TRP CD2 CE2  doub Y N 340 
TRP CD2 CE3  sing Y N 341 
TRP NE1 CE2  sing Y N 342 
TRP NE1 HE1  sing N N 343 
TRP CE2 CZ2  sing Y N 344 
TRP CE3 CZ3  doub Y N 345 
TRP CE3 HE3  sing N N 346 
TRP CZ2 CH2  doub Y N 347 
TRP CZ2 HZ2  sing N N 348 
TRP CZ3 CH2  sing Y N 349 
TRP CZ3 HZ3  sing N N 350 
TRP CH2 HH2  sing N N 351 
TRP OXT HXT  sing N N 352 
TYR N   CA   sing N N 353 
TYR N   H    sing N N 354 
TYR N   H2   sing N N 355 
TYR CA  C    sing N N 356 
TYR CA  CB   sing N N 357 
TYR CA  HA   sing N N 358 
TYR C   O    doub N N 359 
TYR C   OXT  sing N N 360 
TYR CB  CG   sing N N 361 
TYR CB  HB2  sing N N 362 
TYR CB  HB3  sing N N 363 
TYR CG  CD1  doub Y N 364 
TYR CG  CD2  sing Y N 365 
TYR CD1 CE1  sing Y N 366 
TYR CD1 HD1  sing N N 367 
TYR CD2 CE2  doub Y N 368 
TYR CD2 HD2  sing N N 369 
TYR CE1 CZ   doub Y N 370 
TYR CE1 HE1  sing N N 371 
TYR CE2 CZ   sing Y N 372 
TYR CE2 HE2  sing N N 373 
TYR CZ  OH   sing N N 374 
TYR OH  HH   sing N N 375 
TYR OXT HXT  sing N N 376 
VAL N   CA   sing N N 377 
VAL N   H    sing N N 378 
VAL N   H2   sing N N 379 
VAL CA  C    sing N N 380 
VAL CA  CB   sing N N 381 
VAL CA  HA   sing N N 382 
VAL C   O    doub N N 383 
VAL C   OXT  sing N N 384 
VAL CB  CG1  sing N N 385 
VAL CB  CG2  sing N N 386 
VAL CB  HB   sing N N 387 
VAL CG1 HG11 sing N N 388 
VAL CG1 HG12 sing N N 389 
VAL CG1 HG13 sing N N 390 
VAL CG2 HG21 sing N N 391 
VAL CG2 HG22 sing N N 392 
VAL CG2 HG23 sing N N 393 
VAL OXT HXT  sing N N 394 
# 
_atom_sites.entry_id                    2PNM 
_atom_sites.fract_transf_matrix[1][1]   0.00173349 
_atom_sites.fract_transf_matrix[1][2]   -0.01472307 
_atom_sites.fract_transf_matrix[1][3]   -0.00232192 
_atom_sites.fract_transf_matrix[2][1]   0.01372051 
_atom_sites.fract_transf_matrix[2][2]   -0.00606949 
_atom_sites.fract_transf_matrix[2][3]   0.00024261 
_atom_sites.fract_transf_matrix[3][1]   -0.00066441 
_atom_sites.fract_transf_matrix[3][2]   -0.00121406 
_atom_sites.fract_transf_matrix[3][3]   0.00720223 
_atom_sites.fract_transf_vector[1]      -0.135212 
_atom_sites.fract_transf_vector[2]      -0.362950 
_atom_sites.fract_transf_vector[3]      -0.035851 
# 
loop_
_atom_type.symbol 
C  
N  
O  
S  
SE 
# 
loop_
_atom_site.group_PDB 
_atom_site.id 
_atom_site.type_symbol 
_atom_site.label_atom_id 
_atom_site.label_alt_id 
_atom_site.label_comp_id 
_atom_site.label_asym_id 
_atom_site.label_entity_id 
_atom_site.label_seq_id 
_atom_site.pdbx_PDB_ins_code 
_atom_site.Cartn_x 
_atom_site.Cartn_y 
_atom_site.Cartn_z 
_atom_site.occupancy 
_atom_site.B_iso_or_equiv 
_atom_site.pdbx_formal_charge 
_atom_site.auth_seq_id 
_atom_site.auth_comp_id 
_atom_site.auth_asym_id 
_atom_site.auth_atom_id 
_atom_site.pdbx_PDB_model_num 
ATOM   1    N  N   . LEU A 1 1   ? -2.211  -21.965 -3.578  1.00 40.60 ? 524 LEU A N   1 
ATOM   2    C  CA  . LEU A 1 1   ? -2.145  -22.795 -2.348  1.00 40.86 ? 524 LEU A CA  1 
ATOM   3    C  C   . LEU A 1 1   ? -0.712  -22.884 -1.815  1.00 41.08 ? 524 LEU A C   1 
ATOM   4    O  O   . LEU A 1 1   ? -0.506  -23.288 -0.660  1.00 41.25 ? 524 LEU A O   1 
ATOM   5    C  CB  . LEU A 1 1   ? -2.723  -24.199 -2.605  1.00 40.94 ? 524 LEU A CB  1 
ATOM   6    C  CG  . LEU A 1 1   ? -3.524  -24.881 -1.479  1.00 40.95 ? 524 LEU A CG  1 
ATOM   7    C  CD1 . LEU A 1 1   ? -4.961  -24.344 -1.373  1.00 40.66 ? 524 LEU A CD1 1 
ATOM   8    C  CD2 . LEU A 1 1   ? -3.535  -26.398 -1.640  1.00 41.23 ? 524 LEU A CD2 1 
ATOM   9    N  N   . GLU A 1 2   ? 0.262   -22.490 -2.653  1.00 41.05 ? 525 GLU A N   1 
ATOM   10   C  CA  . GLU A 1 2   ? 1.697   -22.575 -2.332  1.00 40.80 ? 525 GLU A CA  1 
ATOM   11   C  C   . GLU A 1 2   ? 2.343   -21.216 -2.030  1.00 40.45 ? 525 GLU A C   1 
ATOM   12   O  O   . GLU A 1 2   ? 1.779   -20.160 -2.328  1.00 41.05 ? 525 GLU A O   1 
ATOM   13   C  CB  . GLU A 1 2   ? 2.479   -23.318 -3.443  1.00 41.01 ? 525 GLU A CB  1 
ATOM   14   C  CG  . GLU A 1 2   ? 2.836   -22.503 -4.734  1.00 42.70 ? 525 GLU A CG  1 
ATOM   15   C  CD  . GLU A 1 2   ? 4.322   -22.055 -4.822  1.00 44.26 ? 525 GLU A CD  1 
ATOM   16   O  OE1 . GLU A 1 2   ? 4.667   -21.317 -5.774  1.00 45.17 ? 525 GLU A OE1 1 
ATOM   17   O  OE2 . GLU A 1 2   ? 5.157   -22.448 -3.967  1.00 43.77 ? 525 GLU A OE2 1 
ATOM   18   N  N   . SER A 1 3   ? 3.525   -21.286 -1.424  1.00 39.33 ? 526 SER A N   1 
ATOM   19   C  CA  . SER A 1 3   ? 4.406   -20.170 -1.125  1.00 37.80 ? 526 SER A CA  1 
ATOM   20   C  C   . SER A 1 3   ? 5.775   -20.526 -1.760  1.00 37.44 ? 526 SER A C   1 
ATOM   21   O  O   . SER A 1 3   ? 6.406   -21.507 -1.333  1.00 37.54 ? 526 SER A O   1 
ATOM   22   C  CB  . SER A 1 3   ? 4.522   -20.045 0.414   1.00 37.82 ? 526 SER A CB  1 
ATOM   23   O  OG  . SER A 1 3   ? 5.047   -18.812 0.860   1.00 34.03 ? 526 SER A OG  1 
ATOM   24   N  N   . ALA A 1 4   ? 6.206   -19.774 -2.798  1.00 36.74 ? 527 ALA A N   1 
ATOM   25   C  CA  . ALA A 1 4   ? 7.476   -20.028 -3.508  1.00 35.60 ? 527 ALA A CA  1 
ATOM   26   C  C   . ALA A 1 4   ? 8.543   -19.970 -2.394  1.00 35.13 ? 527 ALA A C   1 
ATOM   27   O  O   . ALA A 1 4   ? 8.460   -19.101 -1.508  1.00 35.82 ? 527 ALA A O   1 
ATOM   28   C  CB  . ALA A 1 4   ? 7.782   -18.938 -4.604  1.00 36.31 ? 527 ALA A CB  1 
ATOM   29   N  N   . ASN A 1 5   ? 9.532   -20.861 -2.385  1.00 32.75 ? 528 ASN A N   1 
ATOM   30   C  CA  . ASN A 1 5   ? 10.678  -20.480 -1.576  1.00 30.33 ? 528 ASN A CA  1 
ATOM   31   C  C   . ASN A 1 5   ? 11.843  -19.777 -2.308  1.00 27.46 ? 528 ASN A C   1 
ATOM   32   O  O   . ASN A 1 5   ? 12.554  -20.361 -3.125  1.00 27.75 ? 528 ASN A O   1 
ATOM   33   C  CB  . ASN A 1 5   ? 11.143  -21.537 -0.589  1.00 31.19 ? 528 ASN A CB  1 
ATOM   34   C  CG  . ASN A 1 5   ? 11.987  -20.926 0.520   1.00 33.64 ? 528 ASN A CG  1 
ATOM   35   O  OD1 . ASN A 1 5   ? 12.813  -21.607 1.138   1.00 35.84 ? 528 ASN A OD1 1 
ATOM   36   N  ND2 . ASN A 1 5   ? 11.803  -19.614 0.758   1.00 33.92 ? 528 ASN A ND2 1 
ATOM   37   N  N   . TYR A 1 6   ? 11.985  -18.497 -1.982  1.00 22.90 ? 529 TYR A N   1 
ATOM   38   C  CA  . TYR A 1 6   ? 12.913  -17.603 -2.606  1.00 18.11 ? 529 TYR A CA  1 
ATOM   39   C  C   . TYR A 1 6   ? 13.350  -16.665 -1.533  1.00 16.67 ? 529 TYR A C   1 
ATOM   40   O  O   . TYR A 1 6   ? 12.675  -16.542 -0.514  1.00 16.40 ? 529 TYR A O   1 
ATOM   41   C  CB  . TYR A 1 6   ? 12.235  -16.848 -3.748  1.00 16.29 ? 529 TYR A CB  1 
ATOM   42   C  CG  . TYR A 1 6   ? 11.215  -15.792 -3.344  1.00 13.64 ? 529 TYR A CG  1 
ATOM   43   C  CD1 . TYR A 1 6   ? 11.557  -14.438 -3.302  1.00 9.07  ? 529 TYR A CD1 1 
ATOM   44   C  CD2 . TYR A 1 6   ? 9.900   -16.149 -3.007  1.00 11.64 ? 529 TYR A CD2 1 
ATOM   45   C  CE1 . TYR A 1 6   ? 10.602  -13.468 -2.955  1.00 9.58  ? 529 TYR A CE1 1 
ATOM   46   C  CE2 . TYR A 1 6   ? 8.960   -15.193 -2.664  1.00 9.68  ? 529 TYR A CE2 1 
ATOM   47   C  CZ  . TYR A 1 6   ? 9.321   -13.869 -2.648  1.00 10.00 ? 529 TYR A CZ  1 
ATOM   48   O  OH  . TYR A 1 6   ? 8.395   -12.962 -2.307  1.00 12.27 ? 529 TYR A OH  1 
ATOM   49   N  N   . GLU A 1 7   ? 14.460  -15.987 -1.772  1.00 15.04 ? 530 GLU A N   1 
ATOM   50   C  CA  . GLU A 1 7   ? 14.997  -14.988 -0.862  1.00 14.94 ? 530 GLU A CA  1 
ATOM   51   C  C   . GLU A 1 7   ? 14.559  -13.558 -1.237  1.00 14.90 ? 530 GLU A C   1 
ATOM   52   O  O   . GLU A 1 7   ? 14.178  -12.767 -0.384  1.00 15.72 ? 530 GLU A O   1 
ATOM   53   C  CB  . GLU A 1 7   ? 16.517  -15.078 -0.904  1.00 15.04 ? 530 GLU A CB  1 
ATOM   54   C  CG  . GLU A 1 7   ? 16.999  -16.497 -0.703  1.00 16.61 ? 530 GLU A CG  1 
ATOM   55   C  CD  . GLU A 1 7   ? 16.816  -16.977 0.755   1.00 21.25 ? 530 GLU A CD  1 
ATOM   56   O  OE1 . GLU A 1 7   ? 17.594  -16.541 1.625   1.00 23.14 ? 530 GLU A OE1 1 
ATOM   57   O  OE2 . GLU A 1 7   ? 15.898  -17.787 1.023   1.00 22.68 ? 530 GLU A OE2 1 
ATOM   58   N  N   . GLU A 1 8   ? 14.700  -13.208 -2.510  1.00 13.37 ? 531 GLU A N   1 
ATOM   59   C  CA  . GLU A 1 8   ? 14.090  -12.012 -3.044  1.00 12.25 ? 531 GLU A CA  1 
ATOM   60   C  C   . GLU A 1 8   ? 13.894  -12.211 -4.534  1.00 10.22 ? 531 GLU A C   1 
ATOM   61   O  O   . GLU A 1 8   ? 14.546  -13.053 -5.141  1.00 8.28  ? 531 GLU A O   1 
ATOM   62   C  CB  . GLU A 1 8   ? 14.921  -10.743 -2.759  1.00 11.92 ? 531 GLU A CB  1 
ATOM   63   C  CG  . GLU A 1 8   ? 16.247  -10.691 -3.454  1.00 13.70 ? 531 GLU A CG  1 
ATOM   64   C  CD  . GLU A 1 8   ? 17.098  -9.478  -3.062  1.00 14.10 ? 531 GLU A CD  1 
ATOM   65   O  OE1 . GLU A 1 8   ? 17.562  -8.776  -3.958  1.00 17.67 ? 531 GLU A OE1 1 
ATOM   66   O  OE2 . GLU A 1 8   ? 17.335  -9.241  -1.881  1.00 16.61 ? 531 GLU A OE2 1 
ATOM   67   N  N   . VAL A 1 9   ? 13.014  -11.400 -5.106  1.00 8.48  ? 532 VAL A N   1 
ATOM   68   C  CA  . VAL A 1 9   ? 12.760  -11.426 -6.512  1.00 8.29  ? 532 VAL A CA  1 
ATOM   69   C  C   . VAL A 1 9   ? 12.659  -9.965  -6.966  1.00 9.43  ? 532 VAL A C   1 
ATOM   70   O  O   . VAL A 1 9   ? 12.040  -9.135  -6.307  1.00 9.30  ? 532 VAL A O   1 
ATOM   71   C  CB  . VAL A 1 9   ? 11.438  -12.263 -6.842  1.00 8.64  ? 532 VAL A CB  1 
ATOM   72   C  CG1 . VAL A 1 9   ? 10.208  -11.613 -6.263  1.00 7.21  ? 532 VAL A CG1 1 
ATOM   73   C  CG2 . VAL A 1 9   ? 11.259  -12.503 -8.347  1.00 6.36  ? 532 VAL A CG2 1 
ATOM   74   N  N   . GLU A 1 10  ? 13.319  -9.667  -8.071  1.00 9.18  ? 533 GLU A N   1 
ATOM   75   C  CA  . GLU A 1 10  ? 13.237  -8.385  -8.692  1.00 9.45  ? 533 GLU A CA  1 
ATOM   76   C  C   . GLU A 1 10  ? 12.275  -8.474  -9.848  1.00 9.43  ? 533 GLU A C   1 
ATOM   77   O  O   . GLU A 1 10  ? 12.467  -9.283  -10.753 1.00 8.60  ? 533 GLU A O   1 
ATOM   78   C  CB  . GLU A 1 10  ? 14.599  -7.948  -9.195  1.00 9.06  ? 533 GLU A CB  1 
ATOM   79   C  CG  . GLU A 1 10  ? 14.513  -6.641  -9.966  1.00 10.58 ? 533 GLU A CG  1 
ATOM   80   C  CD  . GLU A 1 10  ? 15.873  -6.063  -10.271 1.00 13.14 ? 533 GLU A CD  1 
ATOM   81   O  OE1 . GLU A 1 10  ? 16.914  -6.547  -9.733  1.00 17.02 ? 533 GLU A OE1 1 
ATOM   82   O  OE2 . GLU A 1 10  ? 15.910  -5.130  -11.071 1.00 15.01 ? 533 GLU A OE2 1 
ATOM   83   N  N   . LEU A 1 11  ? 11.210  -7.677  -9.770  1.00 9.79  ? 534 LEU A N   1 
ATOM   84   C  CA  . LEU A 1 11  ? 10.167  -7.653  -10.789 1.00 9.91  ? 534 LEU A CA  1 
ATOM   85   C  C   . LEU A 1 11  ? 10.278  -6.357  -11.584 1.00 10.08 ? 534 LEU A C   1 
ATOM   86   O  O   . LEU A 1 11  ? 10.842  -5.372  -11.091 1.00 10.76 ? 534 LEU A O   1 
ATOM   87   C  CB  . LEU A 1 11  ? 8.784   -7.724  -10.135 1.00 9.65  ? 534 LEU A CB  1 
ATOM   88   C  CG  . LEU A 1 11  ? 8.535   -8.914  -9.172  1.00 9.66  ? 534 LEU A CG  1 
ATOM   89   C  CD1 . LEU A 1 11  ? 7.192   -8.762  -8.464  1.00 7.82  ? 534 LEU A CD1 1 
ATOM   90   C  CD2 . LEU A 1 11  ? 8.598   -10.234 -9.960  1.00 8.06  ? 534 LEU A CD2 1 
ATOM   91   N  N   . PRO A 1 12  ? 9.743   -6.347  -12.816 1.00 10.53 ? 535 PRO A N   1 
ATOM   92   C  CA  . PRO A 1 12  ? 9.706   -5.088  -13.566 1.00 10.15 ? 535 PRO A CA  1 
ATOM   93   C  C   . PRO A 1 12  ? 8.724   -4.112  -12.933 1.00 10.30 ? 535 PRO A C   1 
ATOM   94   O  O   . PRO A 1 12  ? 7.935   -4.519  -12.097 1.00 10.77 ? 535 PRO A O   1 
ATOM   95   C  CB  . PRO A 1 12  ? 9.208   -5.522  -14.965 1.00 10.35 ? 535 PRO A CB  1 
ATOM   96   C  CG  . PRO A 1 12  ? 8.442   -6.828  -14.692 1.00 10.98 ? 535 PRO A CG  1 
ATOM   97   C  CD  . PRO A 1 12  ? 9.120   -7.475  -13.546 1.00 9.10  ? 535 PRO A CD  1 
ATOM   98   N  N   . PRO A 1 13  ? 8.737   -2.820  -13.368 1.00 10.35 ? 536 PRO A N   1 
ATOM   99   C  CA  . PRO A 1 13  ? 7.761   -1.890  -12.840 1.00 9.90  ? 536 PRO A CA  1 
ATOM   100  C  C   . PRO A 1 13  ? 6.345   -2.399  -13.084 1.00 10.60 ? 536 PRO A C   1 
ATOM   101  O  O   . PRO A 1 13  ? 6.042   -2.850  -14.193 1.00 11.27 ? 536 PRO A O   1 
ATOM   102  C  CB  . PRO A 1 13  ? 7.996   -0.603  -13.655 1.00 10.33 ? 536 PRO A CB  1 
ATOM   103  C  CG  . PRO A 1 13  ? 9.418   -0.750  -14.236 1.00 10.44 ? 536 PRO A CG  1 
ATOM   104  C  CD  . PRO A 1 13  ? 9.620   -2.228  -14.400 1.00 9.32  ? 536 PRO A CD  1 
ATOM   105  N  N   . PRO A 1 14  ? 5.475   -2.329  -12.058 1.00 10.36 ? 537 PRO A N   1 
ATOM   106  C  CA  . PRO A 1 14  ? 4.068   -2.642  -12.243 1.00 11.21 ? 537 PRO A CA  1 
ATOM   107  C  C   . PRO A 1 14  ? 3.403   -1.594  -13.115 1.00 11.13 ? 537 PRO A C   1 
ATOM   108  O  O   . PRO A 1 14  ? 3.832   -0.427  -13.124 1.00 11.49 ? 537 PRO A O   1 
ATOM   109  C  CB  . PRO A 1 14  ? 3.489   -2.572  -10.827 1.00 11.33 ? 537 PRO A CB  1 
ATOM   110  C  CG  . PRO A 1 14  ? 4.450   -1.754  -10.041 1.00 11.67 ? 537 PRO A CG  1 
ATOM   111  C  CD  . PRO A 1 14  ? 5.794   -1.924  -10.679 1.00 10.78 ? 537 PRO A CD  1 
ATOM   112  N  N   . SER A 1 15  ? 2.392   -2.014  -13.848 1.00 11.31 ? 538 SER A N   1 
ATOM   113  C  CA  . SER A 1 15  ? 1.636   -1.117  -14.710 1.00 12.65 ? 538 SER A CA  1 
ATOM   114  C  C   . SER A 1 15  ? 1.154   0.055   -13.874 1.00 11.60 ? 538 SER A C   1 
ATOM   115  O  O   . SER A 1 15  ? 1.219   1.190   -14.311 1.00 12.46 ? 538 SER A O   1 
ATOM   116  C  CB  . SER A 1 15  ? 0.473   -1.849  -15.363 1.00 12.20 ? 538 SER A CB  1 
ATOM   117  O  OG  . SER A 1 15  ? -0.445  -2.167  -14.346 1.00 16.92 ? 538 SER A OG  1 
ATOM   118  N  N   . LYS A 1 16  ? 0.725   -0.228  -12.651 1.00 10.58 ? 539 LYS A N   1 
ATOM   119  C  CA  . LYS A 1 16  ? 0.525   0.817   -11.652 1.00 10.18 ? 539 LYS A CA  1 
ATOM   120  C  C   . LYS A 1 16  ? 0.691   0.201   -10.265 1.00 9.25  ? 539 LYS A C   1 
ATOM   121  O  O   . LYS A 1 16  ? 0.705   -1.019  -10.115 1.00 9.51  ? 539 LYS A O   1 
ATOM   122  C  CB  . LYS A 1 16  ? -0.873  1.479   -11.815 1.00 9.95  ? 539 LYS A CB  1 
ATOM   123  C  CG  . LYS A 1 16  ? -2.033  0.564   -11.297 1.00 10.70 ? 539 LYS A CG  1 
ATOM   124  C  CD  . LYS A 1 16  ? -3.401  1.248   -11.377 1.00 11.47 ? 539 LYS A CD  1 
ATOM   125  C  CE  . LYS A 1 16  ? -4.542  0.234   -11.272 1.00 10.58 ? 539 LYS A CE  1 
ATOM   126  N  NZ  . LYS A 1 16  ? -5.845  0.922   -10.994 1.00 12.27 ? 539 LYS A NZ  1 
ATOM   127  N  N   . GLY A 1 17  ? 0.770   1.029   -9.233  1.00 8.97  ? 540 GLY A N   1 
ATOM   128  C  CA  . GLY A 1 17  ? 0.865   0.481   -7.884  1.00 8.54  ? 540 GLY A CA  1 
ATOM   129  C  C   . GLY A 1 17  ? 0.838   1.585   -6.846  1.00 8.35  ? 540 GLY A C   1 
ATOM   130  O  O   . GLY A 1 17  ? 0.899   2.740   -7.185  1.00 7.66  ? 540 GLY A O   1 
ATOM   131  N  N   . VAL A 1 18  ? 0.707   1.213   -5.584  1.00 7.98  ? 541 VAL A N   1 
ATOM   132  C  CA  . VAL A 1 18  ? 0.706   2.166   -4.505  1.00 8.68  ? 541 VAL A CA  1 
ATOM   133  C  C   . VAL A 1 18  ? 1.491   1.603   -3.321  1.00 8.45  ? 541 VAL A C   1 
ATOM   134  O  O   . VAL A 1 18  ? 1.441   0.406   -3.057  1.00 8.63  ? 541 VAL A O   1 
ATOM   135  C  CB  . VAL A 1 18  ? -0.755  2.614   -4.096  1.00 8.27  ? 541 VAL A CB  1 
ATOM   136  C  CG1 . VAL A 1 18  ? -1.504  1.530   -3.310  1.00 7.68  ? 541 VAL A CG1 1 
ATOM   137  C  CG2 . VAL A 1 18  ? -0.695  3.905   -3.291  1.00 8.01  ? 541 VAL A CG2 1 
ATOM   138  N  N   . ILE A 1 19  ? 2.242   2.464   -2.648  1.00 8.45  ? 542 ILE A N   1 
ATOM   139  C  CA  . ILE A 1 19  ? 3.012   2.041   -1.507  1.00 8.74  ? 542 ILE A CA  1 
ATOM   140  C  C   . ILE A 1 19  ? 2.329   2.437   -0.208  1.00 9.63  ? 542 ILE A C   1 
ATOM   141  O  O   . ILE A 1 19  ? 1.893   3.599   -0.036  1.00 10.15 ? 542 ILE A O   1 
ATOM   142  C  CB  . ILE A 1 19  ? 4.491   2.550   -1.571  1.00 8.52  ? 542 ILE A CB  1 
ATOM   143  C  CG1 . ILE A 1 19  ? 5.090   2.269   -2.960  1.00 7.89  ? 542 ILE A CG1 1 
ATOM   144  C  CG2 . ILE A 1 19  ? 5.320   1.928   -0.438  1.00 7.54  ? 542 ILE A CG2 1 
ATOM   145  C  CD1 . ILE A 1 19  ? 6.432   3.012   -3.280  1.00 7.65  ? 542 ILE A CD1 1 
ATOM   146  N  N   . VAL A 1 20  ? 2.233   1.475   0.709   1.00 9.87  ? 543 VAL A N   1 
ATOM   147  C  CA  . VAL A 1 20  ? 1.678   1.749   2.041   1.00 10.22 ? 543 VAL A CA  1 
ATOM   148  C  C   . VAL A 1 20  ? 2.618   1.250   3.138   1.00 10.65 ? 543 VAL A C   1 
ATOM   149  O  O   . VAL A 1 20  ? 3.406   0.349   2.907   1.00 9.37  ? 543 VAL A O   1 
ATOM   150  C  CB  . VAL A 1 20  ? 0.212   1.187   2.229   1.00 9.79  ? 543 VAL A CB  1 
ATOM   151  C  CG1 . VAL A 1 20  ? -0.716  1.711   1.129   1.00 9.20  ? 543 VAL A CG1 1 
ATOM   152  C  CG2 . VAL A 1 20  ? 0.207   -0.364  2.269   1.00 9.17  ? 543 VAL A CG2 1 
ATOM   153  N  N   . PRO A 1 21  ? 2.547   1.859   4.341   1.00 12.01 ? 544 PRO A N   1 
ATOM   154  C  CA  . PRO A 1 21  ? 3.385   1.345   5.428   1.00 12.63 ? 544 PRO A CA  1 
ATOM   155  C  C   . PRO A 1 21  ? 2.626   0.298   6.241   1.00 13.72 ? 544 PRO A C   1 
ATOM   156  O  O   . PRO A 1 21  ? 1.409   0.331   6.293   1.00 13.77 ? 544 PRO A O   1 
ATOM   157  C  CB  . PRO A 1 21  ? 3.669   2.582   6.273   1.00 11.97 ? 544 PRO A CB  1 
ATOM   158  C  CG  . PRO A 1 21  ? 2.540   3.601   5.899   1.00 12.32 ? 544 PRO A CG  1 
ATOM   159  C  CD  . PRO A 1 21  ? 1.727   3.011   4.770   1.00 11.69 ? 544 PRO A CD  1 
ATOM   160  N  N   . VAL A 1 22  ? 3.354   -0.644  6.821   1.00 15.36 ? 545 VAL A N   1 
ATOM   161  C  CA  . VAL A 1 22  ? 2.771   -1.658  7.693   1.00 17.19 ? 545 VAL A CA  1 
ATOM   162  C  C   . VAL A 1 22  ? 3.444   -1.567  9.058   1.00 19.00 ? 545 VAL A C   1 
ATOM   163  O  O   . VAL A 1 22  ? 4.659   -1.687  9.162   1.00 17.56 ? 545 VAL A O   1 
ATOM   164  C  CB  . VAL A 1 22  ? 2.935   -3.083  7.099   1.00 17.19 ? 545 VAL A CB  1 
ATOM   165  C  CG1 . VAL A 1 22  ? 2.218   -4.119  7.976   1.00 16.48 ? 545 VAL A CG1 1 
ATOM   166  C  CG2 . VAL A 1 22  ? 2.380   -3.113  5.664   1.00 15.14 ? 545 VAL A CG2 1 
ATOM   167  N  N   . VAL A 1 23  ? 2.647   -1.317  10.103  1.00 22.88 ? 546 VAL A N   1 
ATOM   168  C  CA  . VAL A 1 23  ? 3.190   -1.237  11.462  1.00 25.63 ? 546 VAL A CA  1 
ATOM   169  C  C   . VAL A 1 23  ? 2.968   -2.585  12.105  1.00 27.60 ? 546 VAL A C   1 
ATOM   170  O  O   . VAL A 1 23  ? 1.826   -3.058  12.190  1.00 28.75 ? 546 VAL A O   1 
ATOM   171  C  CB  . VAL A 1 23  ? 2.571   -0.098  12.268  1.00 26.30 ? 546 VAL A CB  1 
ATOM   172  C  CG1 . VAL A 1 23  ? 3.096   -0.088  13.714  1.00 26.24 ? 546 VAL A CG1 1 
ATOM   173  C  CG2 . VAL A 1 23  ? 2.836   1.255   11.557  1.00 26.85 ? 546 VAL A CG2 1 
ATOM   174  N  N   . HIS A 1 24  ? 4.063   -3.213  12.541  1.00 28.98 ? 547 HIS A N   1 
ATOM   175  C  CA  . HIS A 1 24  ? 4.011   -4.534  13.157  1.00 29.39 ? 547 HIS A CA  1 
ATOM   176  C  C   . HIS A 1 24  ? 4.020   -4.551  14.716  1.00 30.66 ? 547 HIS A C   1 
ATOM   177  O  O   . HIS A 1 24  ? 4.620   -3.703  15.406  1.00 31.45 ? 547 HIS A O   1 
ATOM   178  C  CB  . HIS A 1 24  ? 5.123   -5.414  12.583  1.00 29.28 ? 547 HIS A CB  1 
ATOM   179  C  CG  . HIS A 1 24  ? 5.103   -5.524  11.084  1.00 29.98 ? 547 HIS A CG  1 
ATOM   180  N  ND1 . HIS A 1 24  ? 4.431   -6.528  10.418  1.00 29.15 ? 547 HIS A ND1 1 
ATOM   181  C  CD2 . HIS A 1 24  ? 5.685   -4.765  10.124  1.00 27.78 ? 547 HIS A CD2 1 
ATOM   182  C  CE1 . HIS A 1 24  ? 4.594   -6.378  9.116   1.00 27.40 ? 547 HIS A CE1 1 
ATOM   183  N  NE2 . HIS A 1 24  ? 5.356   -5.320  8.911   1.00 26.40 ? 547 HIS A NE2 1 
ATOM   184  N  N   . GLU A 1 32  ? 10.095  -1.989  20.701  1.00 34.63 ? 555 GLU A N   1 
ATOM   185  C  CA  . GLU A 1 32  ? 10.627  -2.915  19.700  1.00 34.51 ? 555 GLU A CA  1 
ATOM   186  C  C   . GLU A 1 32  ? 9.818   -2.944  18.391  1.00 34.61 ? 555 GLU A C   1 
ATOM   187  O  O   . GLU A 1 32  ? 10.091  -3.772  17.520  1.00 35.12 ? 555 GLU A O   1 
ATOM   188  C  CB  . GLU A 1 32  ? 10.744  -4.311  20.293  1.00 34.87 ? 555 GLU A CB  1 
ATOM   189  N  N   . ALA A 1 33  ? 8.848   -2.032  18.252  1.00 33.99 ? 556 ALA A N   1 
ATOM   190  C  CA  . ALA A 1 33  ? 7.984   -1.938  17.064  1.00 33.42 ? 556 ALA A CA  1 
ATOM   191  C  C   . ALA A 1 33  ? 8.766   -1.981  15.761  1.00 33.15 ? 556 ALA A C   1 
ATOM   192  O  O   . ALA A 1 33  ? 9.952   -1.643  15.729  1.00 33.76 ? 556 ALA A O   1 
ATOM   193  C  CB  . ALA A 1 33  ? 7.119   -0.684  17.112  1.00 33.46 ? 556 ALA A CB  1 
ATOM   194  N  N   . PHE A 1 34  ? 8.078   -2.382  14.694  1.00 31.88 ? 557 PHE A N   1 
ATOM   195  C  CA  . PHE A 1 34  ? 8.693   -2.739  13.427  1.00 30.80 ? 557 PHE A CA  1 
ATOM   196  C  C   . PHE A 1 34  ? 7.816   -2.200  12.284  1.00 29.35 ? 557 PHE A C   1 
ATOM   197  O  O   . PHE A 1 34  ? 6.609   -2.448  12.233  1.00 30.00 ? 557 PHE A O   1 
ATOM   198  C  CB  . PHE A 1 34  ? 8.805   -4.270  13.357  1.00 31.86 ? 557 PHE A CB  1 
ATOM   199  C  CG  . PHE A 1 34  ? 9.425   -4.799  12.091  1.00 33.46 ? 557 PHE A CG  1 
ATOM   200  C  CD1 . PHE A 1 34  ? 10.789  -4.649  11.848  1.00 36.11 ? 557 PHE A CD1 1 
ATOM   201  C  CD2 . PHE A 1 34  ? 8.647   -5.496  11.163  1.00 34.80 ? 557 PHE A CD2 1 
ATOM   202  C  CE1 . PHE A 1 34  ? 11.381  -5.168  10.663  1.00 37.88 ? 557 PHE A CE1 1 
ATOM   203  C  CE2 . PHE A 1 34  ? 9.207   -5.999  9.978   1.00 37.08 ? 557 PHE A CE2 1 
ATOM   204  C  CZ  . PHE A 1 34  ? 10.583  -5.844  9.727   1.00 36.49 ? 557 PHE A CZ  1 
ATOM   205  N  N   . GLY A 1 35  ? 8.422   -1.452  11.372  1.00 26.49 ? 558 GLY A N   1 
ATOM   206  C  CA  . GLY A 1 35  ? 7.697   -0.970  10.225  1.00 23.22 ? 558 GLY A CA  1 
ATOM   207  C  C   . GLY A 1 35  ? 8.291   -1.492  8.938   1.00 20.21 ? 558 GLY A C   1 
ATOM   208  O  O   . GLY A 1 35  ? 9.500   -1.636  8.802   1.00 19.58 ? 558 GLY A O   1 
ATOM   209  N  N   . SER A 1 36  ? 7.412   -1.770  7.992   1.00 18.07 ? 559 SER A N   1 
ATOM   210  C  CA  . SER A 1 36  ? 7.813   -2.186  6.682   1.00 16.18 ? 559 SER A CA  1 
ATOM   211  C  C   . SER A 1 36  ? 6.922   -1.466  5.672   1.00 15.25 ? 559 SER A C   1 
ATOM   212  O  O   . SER A 1 36  ? 5.978   -0.751  6.067   1.00 15.55 ? 559 SER A O   1 
ATOM   213  C  CB  . SER A 1 36  ? 7.739   -3.713  6.559   1.00 15.26 ? 559 SER A CB  1 
ATOM   214  O  OG  . SER A 1 36  ? 6.401   -4.139  6.458   1.00 14.21 ? 559 SER A OG  1 
ATOM   215  N  N   . LEU A 1 37  ? 7.250   -1.626  4.389   1.00 13.08 ? 560 LEU A N   1 
ATOM   216  C  CA  . LEU A 1 37  ? 6.436   -1.091  3.294   1.00 11.68 ? 560 LEU A CA  1 
ATOM   217  C  C   . LEU A 1 37  ? 5.865   -2.221  2.484   1.00 10.57 ? 560 LEU A C   1 
ATOM   218  O  O   . LEU A 1 37  ? 6.478   -3.294  2.334   1.00 9.98  ? 560 LEU A O   1 
ATOM   219  C  CB  . LEU A 1 37  ? 7.244   -0.157  2.368   1.00 10.65 ? 560 LEU A CB  1 
ATOM   220  C  CG  . LEU A 1 37  ? 7.880   1.116   2.938   1.00 8.41  ? 560 LEU A CG  1 
ATOM   221  C  CD1 . LEU A 1 37  ? 8.594   1.870   1.814   1.00 5.59  ? 560 LEU A CD1 1 
ATOM   222  C  CD2 . LEU A 1 37  ? 6.875   2.053   3.687   1.00 7.22  ? 560 LEU A CD2 1 
ATOM   223  N  N   . ALA A 1 38  ? 4.665   -1.997  1.989   1.00 10.30 ? 561 ALA A N   1 
ATOM   224  C  CA  . ALA A 1 38  ? 4.048   -2.945  1.066   1.00 10.75 ? 561 ALA A CA  1 
ATOM   225  C  C   . ALA A 1 38  ? 3.774   -2.150  -0.203  1.00 10.78 ? 561 ALA A C   1 
ATOM   226  O  O   . ALA A 1 38  ? 3.450   -0.959  -0.139  1.00 10.89 ? 561 ALA A O   1 
ATOM   227  C  CB  . ALA A 1 38  ? 2.737   -3.498  1.636   1.00 9.73  ? 561 ALA A CB  1 
ATOM   228  N  N   . ILE A 1 39  ? 3.903   -2.805  -1.345  1.00 10.01 ? 562 ILE A N   1 
ATOM   229  C  CA  . ILE A 1 39  ? 3.468   -2.204  -2.591  1.00 9.44  ? 562 ILE A CA  1 
ATOM   230  C  C   . ILE A 1 39  ? 2.306   -3.051  -3.095  1.00 9.54  ? 562 ILE A C   1 
ATOM   231  O  O   . ILE A 1 39  ? 2.371   -4.274  -3.078  1.00 9.79  ? 562 ILE A O   1 
ATOM   232  C  CB  . ILE A 1 39  ? 4.610   -2.095  -3.641  1.00 9.42  ? 562 ILE A CB  1 
ATOM   233  C  CG1 . ILE A 1 39  ? 4.167   -1.206  -4.842  1.00 9.05  ? 562 ILE A CG1 1 
ATOM   234  C  CG2 . ILE A 1 39  ? 5.183   -3.528  -4.041  1.00 9.01  ? 562 ILE A CG2 1 
ATOM   235  C  CD1 . ILE A 1 39  ? 5.252   -0.974  -5.902  1.00 7.86  ? 562 ILE A CD1 1 
ATOM   236  N  N   . ILE A 1 40  ? 1.233   -2.381  -3.493  1.00 9.86  ? 563 ILE A N   1 
ATOM   237  C  CA  . ILE A 1 40  ? 0.041   -3.032  -3.960  1.00 9.41  ? 563 ILE A CA  1 
ATOM   238  C  C   . ILE A 1 40  ? -0.038  -2.843  -5.467  1.00 9.10  ? 563 ILE A C   1 
ATOM   239  O  O   . ILE A 1 40  ? -0.109  -1.734  -5.955  1.00 7.44  ? 563 ILE A O   1 
ATOM   240  C  CB  . ILE A 1 40  ? -1.225  -2.469  -3.291  1.00 9.32  ? 563 ILE A CB  1 
ATOM   241  C  CG1 . ILE A 1 40  ? -1.022  -2.384  -1.774  1.00 9.57  ? 563 ILE A CG1 1 
ATOM   242  C  CG2 . ILE A 1 40  ? -2.425  -3.346  -3.666  1.00 9.03  ? 563 ILE A CG2 1 
ATOM   243  C  CD1 . ILE A 1 40  ? -2.114  -1.631  -1.007  1.00 8.47  ? 563 ILE A CD1 1 
ATOM   244  N  N   . ILE A 1 41  ? -0.022  -3.972  -6.171  1.00 9.53  ? 564 ILE A N   1 
ATOM   245  C  CA  . ILE A 1 41  ? 0.148   -4.034  -7.608  1.00 10.09 ? 564 ILE A CA  1 
ATOM   246  C  C   . ILE A 1 41  ? -0.944  -4.918  -8.196  1.00 10.38 ? 564 ILE A C   1 
ATOM   247  O  O   . ILE A 1 41  ? -1.468  -5.795  -7.492  1.00 10.94 ? 564 ILE A O   1 
ATOM   248  C  CB  . ILE A 1 41  ? 1.604   -4.562  -8.010  1.00 10.08 ? 564 ILE A CB  1 
ATOM   249  C  CG1 . ILE A 1 41  ? 1.855   -5.988  -7.520  1.00 11.27 ? 564 ILE A CG1 1 
ATOM   250  C  CG2 . ILE A 1 41  ? 2.740   -3.637  -7.463  1.00 8.74  ? 564 ILE A CG2 1 
ATOM   251  C  CD1 . ILE A 1 41  ? 2.907   -6.705  -8.363  1.00 10.78 ? 564 ILE A CD1 1 
ATOM   252  N  N   . PRO A 1 42  ? -1.316  -4.681  -9.469  1.00 10.45 ? 565 PRO A N   1 
ATOM   253  C  CA  . PRO A 1 42  ? -2.312  -5.542  -10.110 1.00 10.83 ? 565 PRO A CA  1 
ATOM   254  C  C   . PRO A 1 42  ? -1.810  -6.973  -10.325 1.00 11.11 ? 565 PRO A C   1 
ATOM   255  O  O   . PRO A 1 42  ? -0.621  -7.207  -10.593 1.00 10.92 ? 565 PRO A O   1 
ATOM   256  C  CB  . PRO A 1 42  ? -2.565  -4.850  -11.479 1.00 10.39 ? 565 PRO A CB  1 
ATOM   257  C  CG  . PRO A 1 42  ? -2.110  -3.428  -11.301 1.00 10.05 ? 565 PRO A CG  1 
ATOM   258  C  CD  . PRO A 1 42  ? -0.902  -3.579  -10.366 1.00 10.54 ? 565 PRO A CD  1 
ATOM   259  N  N   . GLY A 1 43  ? -2.735  -7.915  -10.224 1.00 11.05 ? 566 GLY A N   1 
ATOM   260  C  CA  . GLY A 1 43  ? -2.423  -9.301  -10.463 1.00 12.23 ? 566 GLY A CA  1 
ATOM   261  C  C   . GLY A 1 43  ? -2.529  -10.106 -9.191  1.00 12.52 ? 566 GLY A C   1 
ATOM   262  O  O   . GLY A 1 43  ? -2.669  -9.545  -8.116  1.00 12.27 ? 566 GLY A O   1 
ATOM   263  N  N   . GLU A 1 44  ? -2.467  -11.423 -9.342  1.00 13.29 ? 567 GLU A N   1 
ATOM   264  C  CA  . GLU A 1 44  ? -2.588  -12.356 -8.238  1.00 14.71 ? 567 GLU A CA  1 
ATOM   265  C  C   . GLU A 1 44  ? -1.293  -13.125 -8.020  1.00 14.96 ? 567 GLU A C   1 
ATOM   266  O  O   . GLU A 1 44  ? -1.019  -14.102 -8.746  1.00 14.89 ? 567 GLU A O   1 
ATOM   267  C  CB  . GLU A 1 44  ? -3.700  -13.358 -8.525  1.00 14.49 ? 567 GLU A CB  1 
ATOM   268  C  CG  . GLU A 1 44  ? -5.086  -12.818 -8.265  1.00 17.11 ? 567 GLU A CG  1 
ATOM   269  C  CD  . GLU A 1 44  ? -6.116  -13.932 -8.280  1.00 20.29 ? 567 GLU A CD  1 
ATOM   270  O  OE1 . GLU A 1 44  ? -6.452  -14.467 -7.192  1.00 18.96 ? 567 GLU A OE1 1 
ATOM   271  O  OE2 . GLU A 1 44  ? -6.544  -14.293 -9.394  1.00 20.67 ? 567 GLU A OE2 1 
ATOM   272  N  N   . TYR A 1 45  ? -0.545  -12.708 -6.990  1.00 15.28 ? 568 TYR A N   1 
ATOM   273  C  CA  . TYR A 1 45  ? 0.729   -13.333 -6.607  1.00 16.02 ? 568 TYR A CA  1 
ATOM   274  C  C   . TYR A 1 45  ? 0.762   -13.818 -5.141  1.00 16.51 ? 568 TYR A C   1 
ATOM   275  O  O   . TYR A 1 45  ? 1.716   -13.544 -4.410  1.00 16.93 ? 568 TYR A O   1 
ATOM   276  C  CB  . TYR A 1 45  ? 1.858   -12.339 -6.856  1.00 16.70 ? 568 TYR A CB  1 
ATOM   277  C  CG  . TYR A 1 45  ? 1.728   -11.669 -8.201  1.00 16.61 ? 568 TYR A CG  1 
ATOM   278  C  CD1 . TYR A 1 45  ? 1.865   -12.408 -9.368  1.00 19.05 ? 568 TYR A CD1 1 
ATOM   279  C  CD2 . TYR A 1 45  ? 1.442   -10.320 -8.311  1.00 16.72 ? 568 TYR A CD2 1 
ATOM   280  C  CE1 . TYR A 1 45  ? 1.721   -11.825 -10.628 1.00 20.36 ? 568 TYR A CE1 1 
ATOM   281  C  CE2 . TYR A 1 45  ? 1.302   -9.716  -9.580  1.00 17.91 ? 568 TYR A CE2 1 
ATOM   282  C  CZ  . TYR A 1 45  ? 1.453   -10.481 -10.730 1.00 18.45 ? 568 TYR A CZ  1 
ATOM   283  O  OH  . TYR A 1 45  ? 1.331   -9.933  -12.002 1.00 20.02 ? 568 TYR A OH  1 
ATOM   284  N  N   . PRO A 1 46  ? -0.269  -14.573 -4.705  1.00 16.74 ? 569 PRO A N   1 
ATOM   285  C  CA  . PRO A 1 46  ? -0.198  -15.058 -3.326  1.00 15.77 ? 569 PRO A CA  1 
ATOM   286  C  C   . PRO A 1 46  ? 1.023   -15.952 -3.089  1.00 16.16 ? 569 PRO A C   1 
ATOM   287  O  O   . PRO A 1 46  ? 1.515   -16.038 -1.950  1.00 15.33 ? 569 PRO A O   1 
ATOM   288  C  CB  . PRO A 1 46  ? -1.501  -15.849 -3.161  1.00 15.85 ? 569 PRO A CB  1 
ATOM   289  C  CG  . PRO A 1 46  ? -1.929  -16.233 -4.549  1.00 15.68 ? 569 PRO A CG  1 
ATOM   290  C  CD  . PRO A 1 46  ? -1.498  -15.037 -5.400  1.00 16.10 ? 569 PRO A CD  1 
ATOM   291  N  N   . GLU A 1 47  ? 1.517   -16.595 -4.150  1.00 16.65 ? 570 GLU A N   1 
ATOM   292  C  CA  . GLU A 1 47  ? 2.660   -17.522 -4.021  1.00 17.62 ? 570 GLU A CA  1 
ATOM   293  C  C   . GLU A 1 47  ? 3.946   -16.790 -3.613  1.00 16.86 ? 570 GLU A C   1 
ATOM   294  O  O   . GLU A 1 47  ? 4.877   -17.431 -3.186  1.00 16.48 ? 570 GLU A O   1 
ATOM   295  C  CB  . GLU A 1 47  ? 2.957   -18.320 -5.303  1.00 17.32 ? 570 GLU A CB  1 
ATOM   296  C  CG  . GLU A 1 47  ? 1.881   -18.357 -6.349  1.00 24.65 ? 570 GLU A CG  1 
ATOM   297  C  CD  . GLU A 1 47  ? 1.722   -17.010 -7.093  1.00 27.89 ? 570 GLU A CD  1 
ATOM   298  O  OE1 . GLU A 1 47  ? 2.664   -16.510 -7.773  1.00 27.32 ? 570 GLU A OE1 1 
ATOM   299  O  OE2 . GLU A 1 47  ? 0.614   -16.468 -6.992  1.00 30.94 ? 570 GLU A OE2 1 
ATOM   300  N  N   . LEU A 1 48  ? 4.005   -15.467 -3.797  1.00 16.40 ? 571 LEU A N   1 
ATOM   301  C  CA  . LEU A 1 48  ? 5.177   -14.695 -3.362  1.00 16.02 ? 571 LEU A CA  1 
ATOM   302  C  C   . LEU A 1 48  ? 5.103   -14.320 -1.890  1.00 15.82 ? 571 LEU A C   1 
ATOM   303  O  O   . LEU A 1 48  ? 6.053   -13.769 -1.357  1.00 15.86 ? 571 LEU A O   1 
ATOM   304  C  CB  . LEU A 1 48  ? 5.319   -13.411 -4.176  1.00 15.07 ? 571 LEU A CB  1 
ATOM   305  C  CG  . LEU A 1 48  ? 5.566   -13.549 -5.685  1.00 15.52 ? 571 LEU A CG  1 
ATOM   306  C  CD1 . LEU A 1 48  ? 5.692   -12.159 -6.313  1.00 10.86 ? 571 LEU A CD1 1 
ATOM   307  C  CD2 . LEU A 1 48  ? 6.776   -14.474 -6.052  1.00 10.89 ? 571 LEU A CD2 1 
ATOM   308  N  N   . LEU A 1 49  ? 3.948   -14.567 -1.271  1.00 15.13 ? 572 LEU A N   1 
ATOM   309  C  CA  . LEU A 1 49  ? 3.692   -14.218 0.119   1.00 15.24 ? 572 LEU A CA  1 
ATOM   310  C  C   . LEU A 1 49  ? 3.999   -15.387 1.055   1.00 15.02 ? 572 LEU A C   1 
ATOM   311  O  O   . LEU A 1 49  ? 3.800   -16.551 0.715   1.00 16.13 ? 572 LEU A O   1 
ATOM   312  C  CB  . LEU A 1 49  ? 2.226   -13.770 0.334   1.00 13.82 ? 572 LEU A CB  1 
ATOM   313  C  CG  . LEU A 1 49  ? 1.745   -12.549 -0.465  1.00 16.07 ? 572 LEU A CG  1 
ATOM   314  C  CD1 . LEU A 1 49  ? 0.261   -12.282 -0.259  1.00 12.18 ? 572 LEU A CD1 1 
ATOM   315  C  CD2 . LEU A 1 49  ? 2.585   -11.327 -0.137  1.00 10.20 ? 572 LEU A CD2 1 
ATOM   316  N  N   . ASP A 1 50  ? 4.491   -15.048 2.230   1.00 16.06 ? 573 ASP A N   1 
ATOM   317  C  CA  . ASP A 1 50  ? 4.477   -15.959 3.351   1.00 16.71 ? 573 ASP A CA  1 
ATOM   318  C  C   . ASP A 1 50  ? 3.022   -16.463 3.486   1.00 16.75 ? 573 ASP A C   1 
ATOM   319  O  O   . ASP A 1 50  ? 2.057   -15.719 3.292   1.00 16.13 ? 573 ASP A O   1 
ATOM   320  C  CB  . ASP A 1 50  ? 4.898   -15.215 4.633   1.00 16.12 ? 573 ASP A CB  1 
ATOM   321  C  CG  . ASP A 1 50  ? 4.972   -16.135 5.853   1.00 18.03 ? 573 ASP A CG  1 
ATOM   322  O  OD1 . ASP A 1 50  ? 6.053   -16.674 6.129   1.00 17.88 ? 573 ASP A OD1 1 
ATOM   323  O  OD2 . ASP A 1 50  ? 3.956   -16.327 6.536   1.00 19.79 ? 573 ASP A OD2 1 
ATOM   324  N  N   . ALA A 1 51  ? 2.896   -17.733 3.834   1.00 17.50 ? 574 ALA A N   1 
ATOM   325  C  CA  . ALA A 1 51  ? 1.602   -18.360 4.054   1.00 17.76 ? 574 ALA A CA  1 
ATOM   326  C  C   . ALA A 1 51  ? 0.713   -17.487 4.946   1.00 17.90 ? 574 ALA A C   1 
ATOM   327  O  O   . ALA A 1 51  ? -0.489  -17.397 4.697   1.00 18.82 ? 574 ALA A O   1 
ATOM   328  C  CB  . ALA A 1 51  ? 1.795   -19.777 4.644   1.00 17.51 ? 574 ALA A CB  1 
ATOM   329  N  N   . ASN A 1 52  ? 1.285   -16.815 5.951   1.00 17.73 ? 575 ASN A N   1 
ATOM   330  C  CA  . ASN A 1 52  ? 0.478   -15.970 6.884   1.00 18.58 ? 575 ASN A CA  1 
ATOM   331  C  C   . ASN A 1 52  ? -0.161  -14.736 6.258   1.00 19.25 ? 575 ASN A C   1 
ATOM   332  O  O   . ASN A 1 52  ? -1.110  -14.161 6.830   1.00 20.37 ? 575 ASN A O   1 
ATOM   333  C  CB  . ASN A 1 52  ? 1.294   -15.496 8.090   1.00 18.28 ? 575 ASN A CB  1 
ATOM   334  C  CG  . ASN A 1 52  ? 1.669   -16.617 9.028   1.00 18.85 ? 575 ASN A CG  1 
ATOM   335  O  OD1 . ASN A 1 52  ? 2.785   -17.166 8.981   1.00 19.03 ? 575 ASN A OD1 1 
ATOM   336  N  ND2 . ASN A 1 52  ? 0.750   -16.964 9.888   1.00 18.80 ? 575 ASN A ND2 1 
ATOM   337  N  N   . GLN A 1 53  ? 0.381   -14.305 5.117   1.00 19.10 ? 576 GLN A N   1 
ATOM   338  C  CA  . GLN A 1 53  ? -0.148  -13.162 4.384   1.00 19.26 ? 576 GLN A CA  1 
ATOM   339  C  C   . GLN A 1 53  ? -1.072  -13.575 3.232   1.00 19.40 ? 576 GLN A C   1 
ATOM   340  O  O   . GLN A 1 53  ? -1.601  -12.736 2.547   1.00 19.64 ? 576 GLN A O   1 
ATOM   341  C  CB  . GLN A 1 53  ? 0.995   -12.296 3.883   1.00 18.69 ? 576 GLN A CB  1 
ATOM   342  C  CG  . GLN A 1 53  ? 1.856   -11.721 5.011   1.00 19.85 ? 576 GLN A CG  1 
ATOM   343  C  CD  . GLN A 1 53  ? 2.724   -10.586 4.560   1.00 21.41 ? 576 GLN A CD  1 
ATOM   344  O  OE1 . GLN A 1 53  ? 2.756   -9.512  5.185   1.00 26.76 ? 576 GLN A OE1 1 
ATOM   345  N  NE2 . GLN A 1 53  ? 3.397   -10.775 3.465   1.00 16.69 ? 576 GLN A NE2 1 
ATOM   346  N  N   . GLN A 1 54  ? -1.264  -14.877 3.029   1.00 20.28 ? 577 GLN A N   1 
ATOM   347  C  CA  . GLN A 1 54  ? -2.106  -15.368 1.942   1.00 20.87 ? 577 GLN A CA  1 
ATOM   348  C  C   . GLN A 1 54  ? -3.582  -15.300 2.341   1.00 21.76 ? 577 GLN A C   1 
ATOM   349  O  O   . GLN A 1 54  ? -4.303  -16.309 2.391   1.00 22.06 ? 577 GLN A O   1 
ATOM   350  C  CB  . GLN A 1 54  ? -1.684  -16.784 1.529   1.00 20.61 ? 577 GLN A CB  1 
ATOM   351  C  CG  . GLN A 1 54  ? -0.295  -16.852 0.917   1.00 20.57 ? 577 GLN A CG  1 
ATOM   352  C  CD  . GLN A 1 54  ? 0.095   -18.277 0.582   1.00 21.14 ? 577 GLN A CD  1 
ATOM   353  O  OE1 . GLN A 1 54  ? -0.529  -19.198 1.038   1.00 27.48 ? 577 GLN A OE1 1 
ATOM   354  N  NE2 . GLN A 1 54  ? 1.114   -18.454 -0.222  1.00 21.06 ? 577 GLN A NE2 1 
ATOM   355  N  N   . VAL A 1 55  ? -4.012  -14.075 2.628   1.00 22.65 ? 578 VAL A N   1 
ATOM   356  C  CA  . VAL A 1 55  ? -5.392  -13.770 2.975   1.00 22.48 ? 578 VAL A CA  1 
ATOM   357  C  C   . VAL A 1 55  ? -5.949  -12.833 1.896   1.00 23.07 ? 578 VAL A C   1 
ATOM   358  O  O   . VAL A 1 55  ? -5.349  -11.791 1.594   1.00 22.35 ? 578 VAL A O   1 
ATOM   359  C  CB  . VAL A 1 55  ? -5.461  -13.096 4.348   1.00 22.48 ? 578 VAL A CB  1 
ATOM   360  C  CG1 . VAL A 1 55  ? -6.912  -12.685 4.695   1.00 20.92 ? 578 VAL A CG1 1 
ATOM   361  C  CG2 . VAL A 1 55  ? -4.907  -14.041 5.408   1.00 21.69 ? 578 VAL A CG2 1 
ATOM   362  N  N   . LEU A 1 56  ? -7.097  -13.223 1.331   1.00 23.36 ? 579 LEU A N   1 
ATOM   363  C  CA  . LEU A 1 56  ? -7.753  -12.479 0.269   1.00 23.61 ? 579 LEU A CA  1 
ATOM   364  C  C   . LEU A 1 56  ? -8.903  -11.674 0.856   1.00 23.82 ? 579 LEU A C   1 
ATOM   365  O  O   . LEU A 1 56  ? -9.838  -12.239 1.412   1.00 24.35 ? 579 LEU A O   1 
ATOM   366  C  CB  . LEU A 1 56  ? -8.248  -13.427 -0.839  1.00 22.86 ? 579 LEU A CB  1 
ATOM   367  C  CG  . LEU A 1 56  ? -8.851  -12.741 -2.073  1.00 23.61 ? 579 LEU A CG  1 
ATOM   368  C  CD1 . LEU A 1 56  ? -7.811  -11.860 -2.783  1.00 23.61 ? 579 LEU A CD1 1 
ATOM   369  C  CD2 . LEU A 1 56  ? -9.402  -13.768 -3.040  1.00 23.97 ? 579 LEU A CD2 1 
ATOM   370  N  N   . SER A 1 57  ? -8.819  -10.352 0.750   1.00 23.77 ? 580 SER A N   1 
ATOM   371  C  CA  . SER A 1 57  ? -9.921  -9.494  1.136   1.00 23.37 ? 580 SER A CA  1 
ATOM   372  C  C   . SER A 1 57  ? -10.481 -8.761  -0.079  1.00 23.51 ? 580 SER A C   1 
ATOM   373  O  O   . SER A 1 57  ? -9.825  -8.661  -1.102  1.00 23.23 ? 580 SER A O   1 
ATOM   374  C  CB  . SER A 1 57  ? -9.510  -8.515  2.230   1.00 23.69 ? 580 SER A CB  1 
ATOM   375  O  OG  . SER A 1 57  ? -9.419  -9.181  3.475   1.00 24.12 ? 580 SER A OG  1 
ATOM   376  N  N   . HIS A 1 58  ? -11.712 -8.271  0.061   1.00 23.33 ? 581 HIS A N   1 
ATOM   377  C  CA  . HIS A 1 58  ? -12.504 -7.787  -1.042  1.00 23.37 ? 581 HIS A CA  1 
ATOM   378  C  C   . HIS A 1 58  ? -12.928 -6.333  -0.845  1.00 23.01 ? 581 HIS A C   1 
ATOM   379  O  O   . HIS A 1 58  ? -13.206 -5.894  0.280   1.00 22.76 ? 581 HIS A O   1 
ATOM   380  C  CB  . HIS A 1 58  ? -13.749 -8.679  -1.197  1.00 24.08 ? 581 HIS A CB  1 
ATOM   381  C  CG  . HIS A 1 58  ? -13.416 -10.100 -1.516  1.00 25.71 ? 581 HIS A CG  1 
ATOM   382  N  ND1 . HIS A 1 58  ? -13.281 -11.070 -0.542  1.00 27.28 ? 581 HIS A ND1 1 
ATOM   383  C  CD2 . HIS A 1 58  ? -13.141 -10.706 -2.698  1.00 26.30 ? 581 HIS A CD2 1 
ATOM   384  C  CE1 . HIS A 1 58  ? -12.956 -12.217 -1.113  1.00 27.29 ? 581 HIS A CE1 1 
ATOM   385  N  NE2 . HIS A 1 58  ? -12.855 -12.021 -2.418  1.00 27.42 ? 581 HIS A NE2 1 
ATOM   386  N  N   . PHE A 1 59  ? -12.952 -5.597  -1.956  1.00 22.18 ? 582 PHE A N   1 
ATOM   387  C  CA  . PHE A 1 59  ? -13.586 -4.302  -2.024  1.00 21.35 ? 582 PHE A CA  1 
ATOM   388  C  C   . PHE A 1 59  ? -15.107 -4.519  -1.985  1.00 21.78 ? 582 PHE A C   1 
ATOM   389  O  O   . PHE A 1 59  ? -15.597 -5.615  -2.309  1.00 20.56 ? 582 PHE A O   1 
ATOM   390  C  CB  . PHE A 1 59  ? -13.243 -3.613  -3.352  1.00 20.81 ? 582 PHE A CB  1 
ATOM   391  C  CG  . PHE A 1 59  ? -11.824 -3.120  -3.465  1.00 19.95 ? 582 PHE A CG  1 
ATOM   392  C  CD1 . PHE A 1 59  ? -10.858 -3.872  -4.156  1.00 19.25 ? 582 PHE A CD1 1 
ATOM   393  C  CD2 . PHE A 1 59  ? -11.444 -1.897  -2.906  1.00 20.34 ? 582 PHE A CD2 1 
ATOM   394  C  CE1 . PHE A 1 59  ? -9.525  -3.407  -4.295  1.00 17.38 ? 582 PHE A CE1 1 
ATOM   395  C  CE2 . PHE A 1 59  ? -10.106 -1.431  -3.034  1.00 18.15 ? 582 PHE A CE2 1 
ATOM   396  C  CZ  . PHE A 1 59  ? -9.160  -2.200  -3.726  1.00 17.57 ? 582 PHE A CZ  1 
ATOM   397  N  N   . ALA A 1 60  ? -15.852 -3.457  -1.651  1.00 22.19 ? 583 ALA A N   1 
ATOM   398  C  CA  . ALA A 1 60  ? -17.314 -3.530  -1.572  1.00 22.72 ? 583 ALA A CA  1 
ATOM   399  C  C   . ALA A 1 60  ? -17.928 -3.962  -2.910  1.00 23.54 ? 583 ALA A C   1 
ATOM   400  O  O   . ALA A 1 60  ? -17.389 -3.655  -3.977  1.00 23.35 ? 583 ALA A O   1 
ATOM   401  C  CB  . ALA A 1 60  ? -17.882 -2.207  -1.111  1.00 22.03 ? 583 ALA A CB  1 
ATOM   402  N  N   . ASN A 1 61  ? -19.019 -4.727  -2.837  1.00 24.74 ? 584 ASN A N   1 
ATOM   403  C  CA  . ASN A 1 61  ? -19.909 -4.995  -3.986  1.00 26.17 ? 584 ASN A CA  1 
ATOM   404  C  C   . ASN A 1 61  ? -19.373 -5.847  -5.150  1.00 26.39 ? 584 ASN A C   1 
ATOM   405  O  O   . ASN A 1 61  ? -19.808 -5.665  -6.289  1.00 26.69 ? 584 ASN A O   1 
ATOM   406  C  CB  . ASN A 1 61  ? -20.455 -3.679  -4.571  1.00 26.46 ? 584 ASN A CB  1 
ATOM   407  C  CG  . ASN A 1 61  ? -21.232 -2.858  -3.566  1.00 28.60 ? 584 ASN A CG  1 
ATOM   408  O  OD1 . ASN A 1 61  ? -21.870 -3.393  -2.653  1.00 30.96 ? 584 ASN A OD1 1 
ATOM   409  N  ND2 . ASN A 1 61  ? -21.212 -1.537  -3.753  1.00 30.81 ? 584 ASN A ND2 1 
ATOM   410  N  N   . ASP A 1 62  ? -18.454 -6.766  -4.887  1.00 26.80 ? 585 ASP A N   1 
ATOM   411  C  CA  . ASP A 1 62  ? -17.918 -7.614  -5.963  1.00 27.36 ? 585 ASP A CA  1 
ATOM   412  C  C   . ASP A 1 62  ? -17.182 -6.790  -7.012  1.00 27.07 ? 585 ASP A C   1 
ATOM   413  O  O   . ASP A 1 62  ? -17.442 -6.923  -8.217  1.00 27.80 ? 585 ASP A O   1 
ATOM   414  C  CB  . ASP A 1 62  ? -19.048 -8.409  -6.641  1.00 27.74 ? 585 ASP A CB  1 
ATOM   415  C  CG  . ASP A 1 62  ? -19.279 -9.747  -5.993  1.00 29.47 ? 585 ASP A CG  1 
ATOM   416  O  OD1 . ASP A 1 62  ? -20.449 -10.038 -5.661  1.00 32.43 ? 585 ASP A OD1 1 
ATOM   417  O  OD2 . ASP A 1 62  ? -18.291 -10.502 -5.814  1.00 31.63 ? 585 ASP A OD2 1 
ATOM   418  N  N   . THR A 1 63  ? -16.292 -5.916  -6.553  1.00 26.04 ? 586 THR A N   1 
ATOM   419  C  CA  . THR A 1 63  ? -15.552 -5.045  -7.449  1.00 25.19 ? 586 THR A CA  1 
ATOM   420  C  C   . THR A 1 63  ? -14.019 -5.315  -7.342  1.00 25.31 ? 586 THR A C   1 
ATOM   421  O  O   . THR A 1 63  ? -13.200 -4.443  -7.586  1.00 25.01 ? 586 THR A O   1 
ATOM   422  C  CB  . THR A 1 63  ? -15.908 -3.539  -7.223  1.00 24.71 ? 586 THR A CB  1 
ATOM   423  O  OG1 . THR A 1 63  ? -15.758 -3.212  -5.844  1.00 24.07 ? 586 THR A OG1 1 
ATOM   424  C  CG2 . THR A 1 63  ? -17.343 -3.229  -7.643  1.00 24.48 ? 586 THR A CG2 1 
ATOM   425  N  N   . GLY A 1 64  ? -13.654 -6.542  -7.006  1.00 24.67 ? 587 GLY A N   1 
ATOM   426  C  CA  . GLY A 1 64  ? -12.263 -6.947  -7.050  1.00 24.27 ? 587 GLY A CA  1 
ATOM   427  C  C   . GLY A 1 64  ? -11.771 -7.264  -5.660  1.00 23.86 ? 587 GLY A C   1 
ATOM   428  O  O   . GLY A 1 64  ? -12.517 -7.131  -4.682  1.00 22.76 ? 587 GLY A O   1 
ATOM   429  N  N   . SER A 1 65  ? -10.496 -7.648  -5.573  1.00 24.17 ? 588 SER A N   1 
ATOM   430  C  CA  . SER A 1 65  ? -9.918  -8.038  -4.300  1.00 24.51 ? 588 SER A CA  1 
ATOM   431  C  C   . SER A 1 65  ? -8.423  -7.830  -4.222  1.00 23.86 ? 588 SER A C   1 
ATOM   432  O  O   . SER A 1 65  ? -7.776  -7.473  -5.211  1.00 24.25 ? 588 SER A O   1 
ATOM   433  C  CB  . SER A 1 65  ? -10.262 -9.496  -4.013  1.00 24.88 ? 588 SER A CB  1 
ATOM   434  O  OG  . SER A 1 65  ? -9.904  -10.295 -5.131  1.00 29.08 ? 588 SER A OG  1 
ATOM   435  N  N   . VAL A 1 66  ? -7.886  -8.049  -3.023  1.00 22.94 ? 589 VAL A N   1 
ATOM   436  C  CA  . VAL A 1 66  ? -6.468  -7.853  -2.749  1.00 21.68 ? 589 VAL A CA  1 
ATOM   437  C  C   . VAL A 1 66  ? -5.947  -8.960  -1.866  1.00 21.63 ? 589 VAL A C   1 
ATOM   438  O  O   . VAL A 1 66  ? -6.453  -9.158  -0.744  1.00 21.89 ? 589 VAL A O   1 
ATOM   439  C  CB  . VAL A 1 66  ? -6.192  -6.509  -2.048  1.00 20.92 ? 589 VAL A CB  1 
ATOM   440  C  CG1 . VAL A 1 66  ? -4.680  -6.263  -1.975  1.00 18.13 ? 589 VAL A CG1 1 
ATOM   441  C  CG2 . VAL A 1 66  ? -6.922  -5.360  -2.783  1.00 20.43 ? 589 VAL A CG2 1 
ATOM   442  N  N   . TRP A 1 67  ? -4.953  -9.681  -2.378  1.00 20.55 ? 590 TRP A N   1 
ATOM   443  C  CA  . TRP A 1 67  ? -4.170  -10.613 -1.570  1.00 20.53 ? 590 TRP A CA  1 
ATOM   444  C  C   . TRP A 1 67  ? -3.243  -9.852  -0.623  1.00 20.47 ? 590 TRP A C   1 
ATOM   445  O  O   . TRP A 1 67  ? -2.663  -8.812  -0.993  1.00 20.00 ? 590 TRP A O   1 
ATOM   446  C  CB  . TRP A 1 67  ? -3.344  -11.499 -2.476  1.00 20.38 ? 590 TRP A CB  1 
ATOM   447  C  CG  . TRP A 1 67  ? -4.132  -12.562 -3.149  1.00 21.88 ? 590 TRP A CG  1 
ATOM   448  C  CD1 . TRP A 1 67  ? -4.577  -12.550 -4.436  1.00 21.19 ? 590 TRP A CD1 1 
ATOM   449  C  CD2 . TRP A 1 67  ? -4.600  -13.804 -2.570  1.00 20.69 ? 590 TRP A CD2 1 
ATOM   450  N  NE1 . TRP A 1 67  ? -5.268  -13.704 -4.705  1.00 20.84 ? 590 TRP A NE1 1 
ATOM   451  C  CE2 . TRP A 1 67  ? -5.288  -14.496 -3.583  1.00 20.49 ? 590 TRP A CE2 1 
ATOM   452  C  CE3 . TRP A 1 67  ? -4.475  -14.398 -1.310  1.00 19.99 ? 590 TRP A CE3 1 
ATOM   453  C  CZ2 . TRP A 1 67  ? -5.884  -15.759 -3.368  1.00 22.37 ? 590 TRP A CZ2 1 
ATOM   454  C  CZ3 . TRP A 1 67  ? -5.034  -15.651 -1.090  1.00 20.19 ? 590 TRP A CZ3 1 
ATOM   455  C  CH2 . TRP A 1 67  ? -5.743  -16.321 -2.113  1.00 21.22 ? 590 TRP A CH2 1 
ATOM   456  N  N   . GLY A 1 68  ? -3.109  -10.357 0.596   1.00 20.39 ? 591 GLY A N   1 
ATOM   457  C  CA  . GLY A 1 68  ? -2.217  -9.731  1.584   1.00 20.37 ? 591 GLY A CA  1 
ATOM   458  C  C   . GLY A 1 68  ? -2.898  -8.685  2.430   1.00 20.31 ? 591 GLY A C   1 
ATOM   459  O  O   . GLY A 1 68  ? -2.267  -8.042  3.255   1.00 21.16 ? 591 GLY A O   1 
ATOM   460  N  N   . ILE A 1 69  ? -4.193  -8.485  2.217   1.00 21.08 ? 592 ILE A N   1 
ATOM   461  C  CA  . ILE A 1 69  ? -4.956  -7.511  2.998   1.00 21.13 ? 592 ILE A CA  1 
ATOM   462  C  C   . ILE A 1 69  ? -5.887  -8.330  3.905   1.00 21.46 ? 592 ILE A C   1 
ATOM   463  O  O   . ILE A 1 69  ? -6.569  -9.236  3.414   1.00 20.79 ? 592 ILE A O   1 
ATOM   464  C  CB  . ILE A 1 69  ? -5.757  -6.541  2.060   1.00 21.93 ? 592 ILE A CB  1 
ATOM   465  C  CG1 . ILE A 1 69  ? -4.825  -5.618  1.239   1.00 21.60 ? 592 ILE A CG1 1 
ATOM   466  C  CG2 . ILE A 1 69  ? -6.832  -5.759  2.837   1.00 20.66 ? 592 ILE A CG2 1 
ATOM   467  C  CD1 . ILE A 1 69  ? -4.100  -4.514  1.994   1.00 22.33 ? 592 ILE A CD1 1 
ATOM   468  N  N   . GLY A 1 70  ? -5.904  -8.020  5.207   1.00 21.76 ? 593 GLY A N   1 
ATOM   469  C  CA  . GLY A 1 70  ? -6.629  -8.806  6.196   1.00 22.91 ? 593 GLY A CA  1 
ATOM   470  C  C   . GLY A 1 70  ? -8.082  -8.446  6.503   1.00 24.66 ? 593 GLY A C   1 
ATOM   471  O  O   . GLY A 1 70  ? -8.774  -9.221  7.143   1.00 24.53 ? 593 GLY A O   1 
ATOM   472  N  N   . GLU A 1 71  ? -8.547  -7.271  6.074   1.00 25.72 ? 594 GLU A N   1 
ATOM   473  C  CA  . GLU A 1 71  ? -9.954  -6.878  6.277   1.00 26.97 ? 594 GLU A CA  1 
ATOM   474  C  C   . GLU A 1 71  ? -10.558 -6.382  4.959   1.00 27.28 ? 594 GLU A C   1 
ATOM   475  O  O   . GLU A 1 71  ? -9.872  -5.783  4.124   1.00 27.01 ? 594 GLU A O   1 
ATOM   476  C  CB  . GLU A 1 71  ? -10.083 -5.807  7.372   1.00 25.98 ? 594 GLU A CB  1 
ATOM   477  C  CG  . GLU A 1 71  ? -9.392  -6.194  8.680   1.00 26.95 ? 594 GLU A CG  1 
ATOM   478  C  CD  . GLU A 1 71  ? -9.594  -5.186  9.792   1.00 28.40 ? 594 GLU A CD  1 
ATOM   479  O  OE1 . GLU A 1 71  ? -10.625 -4.469  9.798   1.00 33.33 ? 594 GLU A OE1 1 
ATOM   480  O  OE2 . GLU A 1 71  ? -8.735  -5.114  10.691  1.00 29.76 ? 594 GLU A OE2 1 
ATOM   481  N  N   . ASP A 1 72  ? -11.838 -6.659  4.767   1.00 28.10 ? 595 ASP A N   1 
ATOM   482  C  CA  . ASP A 1 72  ? -12.573 -6.136  3.624   1.00 29.25 ? 595 ASP A CA  1 
ATOM   483  C  C   . ASP A 1 72  ? -12.445 -4.621  3.532   1.00 29.44 ? 595 ASP A C   1 
ATOM   484  O  O   . ASP A 1 72  ? -12.286 -3.924  4.541   1.00 29.89 ? 595 ASP A O   1 
ATOM   485  C  CB  . ASP A 1 72  ? -14.038 -6.570  3.671   1.00 29.19 ? 595 ASP A CB  1 
ATOM   486  C  CG  . ASP A 1 72  ? -14.236 -8.018  3.216   1.00 31.07 ? 595 ASP A CG  1 
ATOM   487  O  OD1 . ASP A 1 72  ? -13.251 -8.692  2.809   1.00 31.76 ? 595 ASP A OD1 1 
ATOM   488  O  OD2 . ASP A 1 72  ? -15.398 -8.479  3.261   1.00 34.31 ? 595 ASP A OD2 1 
ATOM   489  N  N   . ILE A 1 73  ? -12.464 -4.122  2.308   1.00 29.58 ? 596 ILE A N   1 
ATOM   490  C  CA  . ILE A 1 73  ? -12.291 -2.695  2.069   1.00 30.06 ? 596 ILE A CA  1 
ATOM   491  C  C   . ILE A 1 73  ? -13.675 -2.044  1.889   1.00 30.16 ? 596 ILE A C   1 
ATOM   492  O  O   . ILE A 1 73  ? -14.443 -2.448  1.012   1.00 29.95 ? 596 ILE A O   1 
ATOM   493  C  CB  . ILE A 1 73  ? -11.328 -2.465  0.877   1.00 30.36 ? 596 ILE A CB  1 
ATOM   494  C  CG1 . ILE A 1 73  ? -10.054 -3.288  1.103   1.00 29.24 ? 596 ILE A CG1 1 
ATOM   495  C  CG2 . ILE A 1 73  ? -10.989 -0.977  0.704   1.00 29.53 ? 596 ILE A CG2 1 
ATOM   496  C  CD1 . ILE A 1 73  ? -9.616  -4.124  -0.108  1.00 29.75 ? 596 ILE A CD1 1 
ATOM   497  N  N   . PRO A 1 74  ? -14.008 -1.053  2.741   1.00 30.40 ? 597 PRO A N   1 
ATOM   498  C  CA  . PRO A 1 74  ? -15.379 -0.547  2.771   1.00 30.96 ? 597 PRO A CA  1 
ATOM   499  C  C   . PRO A 1 74  ? -15.795 0.389   1.610   1.00 31.25 ? 597 PRO A C   1 
ATOM   500  O  O   . PRO A 1 74  ? -16.798 1.101   1.717   1.00 32.35 ? 597 PRO A O   1 
ATOM   501  C  CB  . PRO A 1 74  ? -15.449 0.166   4.129   1.00 30.87 ? 597 PRO A CB  1 
ATOM   502  C  CG  . PRO A 1 74  ? -14.090 0.675   4.325   1.00 31.38 ? 597 PRO A CG  1 
ATOM   503  C  CD  . PRO A 1 74  ? -13.158 -0.367  3.732   1.00 30.24 ? 597 PRO A CD  1 
ATOM   504  N  N   . PHE A 1 75  ? -15.075 0.360   0.496   1.00 31.05 ? 598 PHE A N   1 
ATOM   505  C  CA  . PHE A 1 75  ? -15.518 1.061   -0.719  1.00 30.14 ? 598 PHE A CA  1 
ATOM   506  C  C   . PHE A 1 75  ? -15.249 0.155   -1.923  1.00 30.35 ? 598 PHE A C   1 
ATOM   507  O  O   . PHE A 1 75  ? -14.570 -0.871  -1.800  1.00 30.10 ? 598 PHE A O   1 
ATOM   508  C  CB  . PHE A 1 75  ? -14.786 2.401   -0.867  1.00 29.48 ? 598 PHE A CB  1 
ATOM   509  C  CG  . PHE A 1 75  ? -13.273 2.297   -0.708  1.00 29.07 ? 598 PHE A CG  1 
ATOM   510  C  CD1 . PHE A 1 75  ? -12.477 1.807   -1.735  1.00 27.18 ? 598 PHE A CD1 1 
ATOM   511  C  CD2 . PHE A 1 75  ? -12.657 2.715   0.471   1.00 27.59 ? 598 PHE A CD2 1 
ATOM   512  C  CE1 . PHE A 1 75  ? -11.092 1.719   -1.579  1.00 27.32 ? 598 PHE A CE1 1 
ATOM   513  C  CE2 . PHE A 1 75  ? -11.298 2.657   0.622   1.00 27.11 ? 598 PHE A CE2 1 
ATOM   514  C  CZ  . PHE A 1 75  ? -10.509 2.149   -0.398  1.00 26.45 ? 598 PHE A CZ  1 
ATOM   515  N  N   . GLU A 1 76  ? -15.773 0.535   -3.079  1.00 30.22 ? 599 GLU A N   1 
ATOM   516  C  CA  . GLU A 1 76  ? -15.603 -0.236  -4.308  1.00 30.75 ? 599 GLU A CA  1 
ATOM   517  C  C   . GLU A 1 76  ? -14.185 -0.175  -4.899  1.00 30.61 ? 599 GLU A C   1 
ATOM   518  O  O   . GLU A 1 76  ? -13.435 0.801   -4.705  1.00 30.76 ? 599 GLU A O   1 
ATOM   519  C  CB  . GLU A 1 76  ? -16.615 0.230   -5.368  1.00 30.74 ? 599 GLU A CB  1 
ATOM   520  C  CG  . GLU A 1 76  ? -18.072 0.045   -4.970  1.00 31.73 ? 599 GLU A CG  1 
ATOM   521  C  CD  . GLU A 1 76  ? -19.031 0.120   -6.143  1.00 31.72 ? 599 GLU A CD  1 
ATOM   522  O  OE1 . GLU A 1 76  ? -18.744 0.866   -7.103  1.00 33.77 ? 599 GLU A OE1 1 
ATOM   523  O  OE2 . GLU A 1 76  ? -20.081 -0.563  -6.099  1.00 33.42 ? 599 GLU A OE2 1 
ATOM   524  N  N   . GLY A 1 77  ? -13.843 -1.215  -5.655  1.00 30.45 ? 600 GLY A N   1 
ATOM   525  C  CA  . GLY A 1 77  ? -12.603 -1.260  -6.416  1.00 30.06 ? 600 GLY A CA  1 
ATOM   526  C  C   . GLY A 1 77  ? -12.916 -1.010  -7.874  1.00 29.72 ? 600 GLY A C   1 
ATOM   527  O  O   . GLY A 1 77  ? -14.036 -0.644  -8.216  1.00 30.35 ? 600 GLY A O   1 
ATOM   528  N  N   . ASP A 1 78  ? -11.920 -1.207  -8.733  1.00 29.46 ? 601 ASP A N   1 
ATOM   529  C  CA  . ASP A 1 78  ? -12.053 -0.994  -10.165 1.00 28.41 ? 601 ASP A CA  1 
ATOM   530  C  C   . ASP A 1 78  ? -12.082 -2.335  -10.884 1.00 28.47 ? 601 ASP A C   1 
ATOM   531  O  O   . ASP A 1 78  ? -11.599 -2.471  -12.008 1.00 28.15 ? 601 ASP A O   1 
ATOM   532  C  CB  . ASP A 1 78  ? -10.966 -0.047  -10.717 1.00 28.09 ? 601 ASP A CB  1 
ATOM   533  C  CG  . ASP A 1 78  ? -9.523  -0.529  -10.436 1.00 29.23 ? 601 ASP A CG  1 
ATOM   534  O  OD1 . ASP A 1 78  ? -8.571  0.009   -11.075 1.00 27.46 ? 601 ASP A OD1 1 
ATOM   535  O  OD2 . ASP A 1 78  ? -9.324  -1.404  -9.561  1.00 25.44 ? 601 ASP A OD2 1 
ATOM   536  N  N   . ASN A 1 79  ? -12.663 -3.326  -10.205 1.00 29.07 ? 602 ASN A N   1 
ATOM   537  C  CA  . ASN A 1 79  ? -12.828 -4.690  -10.733 1.00 29.30 ? 602 ASN A CA  1 
ATOM   538  C  C   . ASN A 1 79  ? -11.519 -5.417  -11.102 1.00 29.12 ? 602 ASN A C   1 
ATOM   539  O  O   . ASN A 1 79  ? -11.497 -6.231  -12.037 1.00 30.06 ? 602 ASN A O   1 
ATOM   540  C  CB  . ASN A 1 79  ? -13.814 -4.699  -11.917 1.00 29.30 ? 602 ASN A CB  1 
ATOM   541  C  CG  . ASN A 1 79  ? -15.219 -4.218  -11.523 1.00 30.51 ? 602 ASN A CG  1 
ATOM   542  O  OD1 . ASN A 1 79  ? -15.874 -4.822  -10.668 1.00 31.89 ? 602 ASN A OD1 1 
ATOM   543  N  ND2 . ASN A 1 79  ? -15.688 -3.142  -12.160 1.00 30.04 ? 602 ASN A ND2 1 
HETATM 544  N  N   . MSE A 1 80  ? -10.437 -5.136  -10.387 1.00 27.82 ? 603 MSE A N   1 
HETATM 545  C  CA  . MSE A 1 80  ? -9.197  -5.856  -10.632 1.00 28.32 ? 603 MSE A CA  1 
HETATM 546  C  C   . MSE A 1 80  ? -8.773  -6.640  -9.409  1.00 23.98 ? 603 MSE A C   1 
HETATM 547  O  O   . MSE A 1 80  ? -9.137  -6.314  -8.281  1.00 22.76 ? 603 MSE A O   1 
HETATM 548  C  CB  . MSE A 1 80  ? -8.061  -4.920  -11.062 1.00 27.53 ? 603 MSE A CB  1 
HETATM 549  C  CG  . MSE A 1 80  ? -8.179  -4.403  -12.497 1.00 31.70 ? 603 MSE A CG  1 
HETATM 550  SE SE  . MSE A 1 80  ? -6.829  -2.985  -12.755 1.00 39.00 ? 603 MSE A SE  1 
HETATM 551  C  CE  . MSE A 1 80  ? -5.275  -4.072  -13.302 1.00 37.73 ? 603 MSE A CE  1 
ATOM   552  N  N   . CYS A 1 81  ? -7.993  -7.679  -9.649  1.00 20.94 ? 604 CYS A N   1 
ATOM   553  C  CA  . CYS A 1 81  ? -7.337  -8.378  -8.563  1.00 18.69 ? 604 CYS A CA  1 
ATOM   554  C  C   . CYS A 1 81  ? -5.934  -7.765  -8.320  1.00 16.19 ? 604 CYS A C   1 
ATOM   555  O  O   . CYS A 1 81  ? -5.163  -7.511  -9.261  1.00 14.55 ? 604 CYS A O   1 
ATOM   556  C  CB  . CYS A 1 81  ? -7.349  -9.898  -8.809  1.00 18.36 ? 604 CYS A CB  1 
ATOM   557  S  SG  . CYS A 1 81  ? -9.083  -10.573 -9.127  1.00 23.93 ? 604 CYS A SG  1 
ATOM   558  N  N   . TYR A 1 82  ? -5.667  -7.477  -7.047  1.00 13.75 ? 605 TYR A N   1 
ATOM   559  C  CA  . TYR A 1 82  ? -4.412  -6.897  -6.579  1.00 12.07 ? 605 TYR A CA  1 
ATOM   560  C  C   . TYR A 1 82  ? -3.732  -7.779  -5.525  1.00 11.87 ? 605 TYR A C   1 
ATOM   561  O  O   . TYR A 1 82  ? -4.362  -8.658  -4.941  1.00 11.19 ? 605 TYR A O   1 
ATOM   562  C  CB  . TYR A 1 82  ? -4.669  -5.537  -5.967  1.00 10.81 ? 605 TYR A CB  1 
ATOM   563  C  CG  . TYR A 1 82  ? -5.200  -4.495  -6.943  1.00 10.02 ? 605 TYR A CG  1 
ATOM   564  C  CD1 . TYR A 1 82  ? -4.325  -3.757  -7.766  1.00 7.35  ? 605 TYR A CD1 1 
ATOM   565  C  CD2 . TYR A 1 82  ? -6.559  -4.221  -7.013  1.00 6.20  ? 605 TYR A CD2 1 
ATOM   566  C  CE1 . TYR A 1 82  ? -4.804  -2.812  -8.627  1.00 7.07  ? 605 TYR A CE1 1 
ATOM   567  C  CE2 . TYR A 1 82  ? -7.045  -3.286  -7.871  1.00 7.62  ? 605 TYR A CE2 1 
ATOM   568  C  CZ  . TYR A 1 82  ? -6.175  -2.573  -8.667  1.00 8.58  ? 605 TYR A CZ  1 
ATOM   569  O  OH  . TYR A 1 82  ? -6.682  -1.638  -9.516  1.00 7.97  ? 605 TYR A OH  1 
ATOM   570  N  N   . THR A 1 83  ? -2.436  -7.534  -5.307  1.00 12.06 ? 606 THR A N   1 
ATOM   571  C  CA  . THR A 1 83  ? -1.631  -8.219  -4.285  1.00 10.77 ? 606 THR A CA  1 
ATOM   572  C  C   . THR A 1 83  ? -0.752  -7.192  -3.586  1.00 11.58 ? 606 THR A C   1 
ATOM   573  O  O   . THR A 1 83  ? -0.011  -6.438  -4.247  1.00 11.31 ? 606 THR A O   1 
ATOM   574  C  CB  . THR A 1 83  ? -0.692  -9.261  -4.912  1.00 10.77 ? 606 THR A CB  1 
ATOM   575  O  OG1 . THR A 1 83  ? -1.454  -10.185 -5.666  1.00 8.53  ? 606 THR A OG1 1 
ATOM   576  C  CG2 . THR A 1 83  ? 0.119   -10.040 -3.835  1.00 8.69  ? 606 THR A CG2 1 
ATOM   577  N  N   . ALA A 1 84  ? -0.830  -7.176  -2.257  1.00 11.09 ? 607 ALA A N   1 
ATOM   578  C  CA  . ALA A 1 84  ? 0.017   -6.329  -1.432  1.00 10.82 ? 607 ALA A CA  1 
ATOM   579  C  C   . ALA A 1 84  ? 1.340   -7.086  -1.093  1.00 11.30 ? 607 ALA A C   1 
ATOM   580  O  O   . ALA A 1 84  ? 1.359   -8.022  -0.243  1.00 10.26 ? 607 ALA A O   1 
ATOM   581  C  CB  . ALA A 1 84  ? -0.711  -5.933  -0.178  1.00 9.80  ? 607 ALA A CB  1 
ATOM   582  N  N   . LEU A 1 85  ? 2.427   -6.664  -1.751  1.00 10.53 ? 608 LEU A N   1 
ATOM   583  C  CA  . LEU A 1 85  ? 3.714   -7.361  -1.657  1.00 10.66 ? 608 LEU A CA  1 
ATOM   584  C  C   . LEU A 1 85  ? 4.681   -6.604  -0.750  1.00 10.71 ? 608 LEU A C   1 
ATOM   585  O  O   . LEU A 1 85  ? 4.717   -5.389  -0.821  1.00 11.72 ? 608 LEU A O   1 
ATOM   586  C  CB  . LEU A 1 85  ? 4.335   -7.555  -3.040  1.00 9.86  ? 608 LEU A CB  1 
ATOM   587  C  CG  . LEU A 1 85  ? 3.578   -8.462  -4.015  1.00 9.59  ? 608 LEU A CG  1 
ATOM   588  C  CD1 . LEU A 1 85  ? 4.211   -8.348  -5.395  1.00 10.62 ? 608 LEU A CD1 1 
ATOM   589  C  CD2 . LEU A 1 85  ? 3.661   -9.934  -3.541  1.00 7.34  ? 608 LEU A CD2 1 
ATOM   590  N  N   . PRO A 1 86  ? 5.456   -7.323  0.115   1.00 10.95 ? 609 PRO A N   1 
ATOM   591  C  CA  . PRO A 1 86  ? 6.469   -6.672  0.969   1.00 10.23 ? 609 PRO A CA  1 
ATOM   592  C  C   . PRO A 1 86  ? 7.544   -6.063  0.100   1.00 10.19 ? 609 PRO A C   1 
ATOM   593  O  O   . PRO A 1 86  ? 8.167   -6.771  -0.680  1.00 9.77  ? 609 PRO A O   1 
ATOM   594  C  CB  . PRO A 1 86  ? 7.066   -7.819  1.776   1.00 9.41  ? 609 PRO A CB  1 
ATOM   595  C  CG  . PRO A 1 86  ? 6.050   -8.871  1.741   1.00 11.59 ? 609 PRO A CG  1 
ATOM   596  C  CD  . PRO A 1 86  ? 5.438   -8.778  0.345   1.00 10.25 ? 609 PRO A CD  1 
ATOM   597  N  N   . LEU A 1 87  ? 7.741   -4.756  0.247   1.00 9.91  ? 610 LEU A N   1 
ATOM   598  C  CA  . LEU A 1 87  ? 8.608   -4.010  -0.636  1.00 9.44  ? 610 LEU A CA  1 
ATOM   599  C  C   . LEU A 1 87  ? 9.979   -3.850  0.024   1.00 9.45  ? 610 LEU A C   1 
ATOM   600  O  O   . LEU A 1 87  ? 10.107  -3.118  1.009   1.00 8.90  ? 610 LEU A O   1 
ATOM   601  C  CB  . LEU A 1 87  ? 7.963   -2.641  -0.942  1.00 7.77  ? 610 LEU A CB  1 
ATOM   602  C  CG  . LEU A 1 87  ? 8.757   -1.735  -1.893  1.00 10.07 ? 610 LEU A CG  1 
ATOM   603  C  CD1 . LEU A 1 87  ? 8.995   -2.357  -3.318  1.00 8.41  ? 610 LEU A CD1 1 
ATOM   604  C  CD2 . LEU A 1 87  ? 8.180   -0.297  -1.947  1.00 7.46  ? 610 LEU A CD2 1 
ATOM   605  N  N   . LYS A 1 88  ? 10.978  -4.553  -0.515  1.00 9.67  ? 611 LYS A N   1 
ATOM   606  C  CA  . LYS A 1 88  ? 12.359  -4.470  -0.042  1.00 10.45 ? 611 LYS A CA  1 
ATOM   607  C  C   . LYS A 1 88  ? 13.050  -3.199  -0.541  1.00 11.42 ? 611 LYS A C   1 
ATOM   608  O  O   . LYS A 1 88  ? 13.811  -2.570  0.197   1.00 11.48 ? 611 LYS A O   1 
ATOM   609  C  CB  . LYS A 1 88  ? 13.184  -5.696  -0.496  1.00 10.03 ? 611 LYS A CB  1 
ATOM   610  C  CG  . LYS A 1 88  ? 14.611  -5.728  0.101   1.00 9.70  ? 611 LYS A CG  1 
ATOM   611  C  CD  . LYS A 1 88  ? 15.285  -7.097  -0.037  1.00 10.68 ? 611 LYS A CD  1 
ATOM   612  C  CE  . LYS A 1 88  ? 16.638  -7.078  0.612   1.00 13.78 ? 611 LYS A CE  1 
ATOM   613  N  NZ  . LYS A 1 88  ? 17.375  -8.403  0.517   1.00 11.93 ? 611 LYS A NZ  1 
ATOM   614  N  N   . GLU A 1 89  ? 12.788  -2.842  -1.797  1.00 11.56 ? 612 GLU A N   1 
ATOM   615  C  CA  . GLU A 1 89  ? 13.508  -1.771  -2.445  1.00 13.07 ? 612 GLU A CA  1 
ATOM   616  C  C   . GLU A 1 89  ? 12.876  -1.496  -3.770  1.00 12.75 ? 612 GLU A C   1 
ATOM   617  O  O   . GLU A 1 89  ? 12.335  -2.399  -4.405  1.00 12.80 ? 612 GLU A O   1 
ATOM   618  C  CB  . GLU A 1 89  ? 14.948  -2.216  -2.696  1.00 13.88 ? 612 GLU A CB  1 
ATOM   619  C  CG  . GLU A 1 89  ? 15.651  -1.348  -3.687  1.00 18.71 ? 612 GLU A CG  1 
ATOM   620  C  CD  . GLU A 1 89  ? 17.073  -1.780  -3.991  1.00 21.33 ? 612 GLU A CD  1 
ATOM   621  O  OE1 . GLU A 1 89  ? 17.409  -2.974  -3.799  1.00 20.03 ? 612 GLU A OE1 1 
ATOM   622  O  OE2 . GLU A 1 89  ? 17.838  -0.895  -4.437  1.00 23.15 ? 612 GLU A OE2 1 
ATOM   623  N  N   . ILE A 1 90  ? 12.926  -0.250  -4.214  1.00 13.35 ? 613 ILE A N   1 
ATOM   624  C  CA  . ILE A 1 90  ? 12.566  0.027   -5.609  1.00 13.61 ? 613 ILE A CA  1 
ATOM   625  C  C   . ILE A 1 90  ? 13.837  0.483   -6.307  1.00 14.15 ? 613 ILE A C   1 
ATOM   626  O  O   . ILE A 1 90  ? 14.485  1.411   -5.826  1.00 14.43 ? 613 ILE A O   1 
ATOM   627  C  CB  . ILE A 1 90  ? 11.557  1.154   -5.710  1.00 12.90 ? 613 ILE A CB  1 
ATOM   628  C  CG1 . ILE A 1 90  ? 10.327  0.827   -4.896  1.00 14.77 ? 613 ILE A CG1 1 
ATOM   629  C  CG2 . ILE A 1 90  ? 11.204  1.480   -7.215  1.00 14.10 ? 613 ILE A CG2 1 
ATOM   630  C  CD1 . ILE A 1 90  ? 9.350   1.982   -4.875  1.00 15.84 ? 613 ILE A CD1 1 
ATOM   631  N  N   . LYS A 1 91  ? 14.176  -0.105  -7.454  1.00 13.90 ? 614 LYS A N   1 
ATOM   632  C  CA  . LYS A 1 91  ? 15.409  0.330   -8.150  1.00 13.87 ? 614 LYS A CA  1 
ATOM   633  C  C   . LYS A 1 91  ? 15.223  1.680   -8.835  1.00 13.76 ? 614 LYS A C   1 
ATOM   634  O  O   . LYS A 1 91  ? 14.106  2.152   -8.975  1.00 14.83 ? 614 LYS A O   1 
ATOM   635  C  CB  . LYS A 1 91  ? 15.820  -0.691  -9.185  1.00 12.96 ? 614 LYS A CB  1 
ATOM   636  C  CG  . LYS A 1 91  ? 15.907  -2.076  -8.625  1.00 15.32 ? 614 LYS A CG  1 
ATOM   637  C  CD  . LYS A 1 91  ? 17.159  -2.248  -7.869  1.00 16.45 ? 614 LYS A CD  1 
ATOM   638  C  CE  . LYS A 1 91  ? 17.486  -3.680  -7.738  1.00 18.81 ? 614 LYS A CE  1 
ATOM   639  N  NZ  . LYS A 1 91  ? 18.673  -3.849  -6.854  1.00 20.00 ? 614 LYS A NZ  1 
ATOM   640  N  N   . ARG A 1 92  ? 16.308  2.248   -9.339  1.00 13.62 ? 615 ARG A N   1 
ATOM   641  C  CA  . ARG A 1 92  ? 16.276  3.529   -10.006 1.00 13.66 ? 615 ARG A CA  1 
ATOM   642  C  C   . ARG A 1 92  ? 15.552  3.480   -11.338 1.00 13.17 ? 615 ARG A C   1 
ATOM   643  O  O   . ARG A 1 92  ? 15.018  4.476   -11.779 1.00 12.49 ? 615 ARG A O   1 
ATOM   644  C  CB  . ARG A 1 92  ? 17.719  4.071   -10.180 1.00 14.77 ? 615 ARG A CB  1 
ATOM   645  N  N   . ASN A 1 93  ? 15.552  2.317   -11.970 1.00 12.22 ? 616 ASN A N   1 
ATOM   646  C  CA  . ASN A 1 93  ? 14.804  2.071   -13.189 1.00 13.13 ? 616 ASN A CA  1 
ATOM   647  C  C   . ASN A 1 93  ? 13.339  1.693   -12.900 1.00 13.02 ? 616 ASN A C   1 
ATOM   648  O  O   . ASN A 1 93  ? 12.596  1.370   -13.840 1.00 13.44 ? 616 ASN A O   1 
ATOM   649  C  CB  . ASN A 1 93  ? 15.477  0.938   -14.009 1.00 13.06 ? 616 ASN A CB  1 
ATOM   650  C  CG  . ASN A 1 93  ? 15.465  -0.444  -13.257 1.00 15.98 ? 616 ASN A CG  1 
ATOM   651  O  OD1 . ASN A 1 93  ? 14.717  -0.644  -12.283 1.00 14.05 ? 616 ASN A OD1 1 
ATOM   652  N  ND2 . ASN A 1 93  ? 16.326  -1.369  -13.691 1.00 16.14 ? 616 ASN A ND2 1 
ATOM   653  N  N   . GLY A 1 94  ? 12.940  1.679   -11.619 1.00 11.75 ? 617 GLY A N   1 
ATOM   654  C  CA  . GLY A 1 94  ? 11.555  1.421   -11.259 1.00 10.17 ? 617 GLY A CA  1 
ATOM   655  C  C   . GLY A 1 94  ? 11.211  -0.045  -10.978 1.00 10.65 ? 617 GLY A C   1 
ATOM   656  O  O   . GLY A 1 94  ? 10.080  -0.359  -10.554 1.00 9.48  ? 617 GLY A O   1 
ATOM   657  N  N   . ASN A 1 95  ? 12.170  -0.948  -11.212 1.00 10.30 ? 618 ASN A N   1 
ATOM   658  C  CA  . ASN A 1 95  ? 12.034  -2.356  -10.783 1.00 11.18 ? 618 ASN A CA  1 
ATOM   659  C  C   . ASN A 1 95  ? 11.787  -2.430  -9.297  1.00 10.64 ? 618 ASN A C   1 
ATOM   660  O  O   . ASN A 1 95  ? 12.347  -1.655  -8.519  1.00 11.36 ? 618 ASN A O   1 
ATOM   661  C  CB  . ASN A 1 95  ? 13.291  -3.186  -11.110 1.00 10.38 ? 618 ASN A CB  1 
ATOM   662  C  CG  . ASN A 1 95  ? 13.403  -3.510  -12.580 1.00 12.36 ? 618 ASN A CG  1 
ATOM   663  O  OD1 . ASN A 1 95  ? 12.603  -3.013  -13.393 1.00 10.31 ? 618 ASN A OD1 1 
ATOM   664  N  ND2 . ASN A 1 95  ? 14.416  -4.324  -12.949 1.00 10.27 ? 618 ASN A ND2 1 
ATOM   665  N  N   . ILE A 1 96  ? 10.924  -3.347  -8.916  1.00 10.43 ? 619 ILE A N   1 
ATOM   666  C  CA  . ILE A 1 96  ? 10.651  -3.569  -7.500  1.00 9.94  ? 619 ILE A CA  1 
ATOM   667  C  C   . ILE A 1 96  ? 11.255  -4.869  -6.988  1.00 10.31 ? 619 ILE A C   1 
ATOM   668  O  O   . ILE A 1 96  ? 11.292  -5.886  -7.685  1.00 10.10 ? 619 ILE A O   1 
ATOM   669  C  CB  . ILE A 1 96  ? 9.138   -3.503  -7.200  1.00 9.79  ? 619 ILE A CB  1 
ATOM   670  C  CG1 . ILE A 1 96  ? 8.380   -4.649  -7.903  1.00 8.48  ? 619 ILE A CG1 1 
ATOM   671  C  CG2 . ILE A 1 96  ? 8.624   -2.082  -7.545  1.00 7.66  ? 619 ILE A CG2 1 
ATOM   672  C  CD1 . ILE A 1 96  ? 6.910   -4.818  -7.494  1.00 8.57  ? 619 ILE A CD1 1 
ATOM   673  N  N   . VAL A 1 97  ? 11.800  -4.797  -5.778  1.00 10.66 ? 620 VAL A N   1 
ATOM   674  C  CA  . VAL A 1 97  ? 12.402  -5.954  -5.157  1.00 9.49  ? 620 VAL A CA  1 
ATOM   675  C  C   . VAL A 1 97  ? 11.483  -6.351  -4.014  1.00 10.12 ? 620 VAL A C   1 
ATOM   676  O  O   . VAL A 1 97  ? 11.125  -5.536  -3.158  1.00 8.64  ? 620 VAL A O   1 
ATOM   677  C  CB  . VAL A 1 97  ? 13.846  -5.713  -4.705  1.00 9.89  ? 620 VAL A CB  1 
ATOM   678  C  CG1 . VAL A 1 97  ? 14.373  -6.953  -4.029  1.00 9.32  ? 620 VAL A CG1 1 
ATOM   679  C  CG2 . VAL A 1 97  ? 14.728  -5.338  -5.910  1.00 8.29  ? 620 VAL A CG2 1 
ATOM   680  N  N   . VAL A 1 98  ? 11.051  -7.608  -4.063  1.00 10.69 ? 621 VAL A N   1 
ATOM   681  C  CA  . VAL A 1 98  ? 10.081  -8.159  -3.134  1.00 11.45 ? 621 VAL A CA  1 
ATOM   682  C  C   . VAL A 1 98  ? 10.739  -9.309  -2.365  1.00 12.08 ? 621 VAL A C   1 
ATOM   683  O  O   . VAL A 1 98  ? 11.531  -10.089 -2.935  1.00 11.09 ? 621 VAL A O   1 
ATOM   684  C  CB  . VAL A 1 98  ? 8.836   -8.686  -3.928  1.00 11.59 ? 621 VAL A CB  1 
ATOM   685  C  CG1 . VAL A 1 98  ? 7.917   -9.536  -3.034  1.00 11.53 ? 621 VAL A CG1 1 
ATOM   686  C  CG2 . VAL A 1 98  ? 8.107   -7.521  -4.547  1.00 12.22 ? 621 VAL A CG2 1 
ATOM   687  N  N   . GLU A 1 99  ? 10.389  -9.410  -1.078  1.00 12.52 ? 622 GLU A N   1 
ATOM   688  C  CA  . GLU A 1 99  ? 10.906  -10.479 -0.191  1.00 14.59 ? 622 GLU A CA  1 
ATOM   689  C  C   . GLU A 1 99  ? 9.742   -11.009 0.651   1.00 14.31 ? 622 GLU A C   1 
ATOM   690  O  O   . GLU A 1 99  ? 8.701   -10.346 0.775   1.00 16.67 ? 622 GLU A O   1 
ATOM   691  C  CB  . GLU A 1 99  ? 11.982  -9.890  0.723   1.00 14.37 ? 622 GLU A CB  1 
ATOM   692  C  CG  . GLU A 1 99  ? 11.336  -8.862  1.648   1.00 18.63 ? 622 GLU A CG  1 
ATOM   693  C  CD  . GLU A 1 99  ? 12.321  -8.084  2.487   1.00 22.02 ? 622 GLU A CD  1 
ATOM   694  O  OE1 . GLU A 1 99  ? 13.470  -8.565  2.637   1.00 22.09 ? 622 GLU A OE1 1 
ATOM   695  O  OE2 . GLU A 1 99  ? 11.930  -6.993  2.971   1.00 21.07 ? 622 GLU A OE2 1 
ATOM   696  N  N   . LYS A 1 100 ? 9.872   -12.189 1.220   1.00 13.76 ? 623 LYS A N   1 
ATOM   697  C  CA  . LYS A 1 100 ? 8.830   -12.684 2.135   1.00 13.91 ? 623 LYS A CA  1 
ATOM   698  C  C   . LYS A 1 100 ? 9.160   -12.211 3.530   1.00 13.30 ? 623 LYS A C   1 
ATOM   699  O  O   . LYS A 1 100 ? 10.328  -12.144 3.938   1.00 13.97 ? 623 LYS A O   1 
ATOM   700  C  CB  . LYS A 1 100 ? 8.727   -14.214 2.151   1.00 13.86 ? 623 LYS A CB  1 
ATOM   701  C  CG  . LYS A 1 100 ? 8.551   -14.839 0.801   1.00 16.64 ? 623 LYS A CG  1 
ATOM   702  C  CD  . LYS A 1 100 ? 8.763   -16.350 0.843   1.00 16.79 ? 623 LYS A CD  1 
ATOM   703  C  CE  . LYS A 1 100 ? 7.497   -17.065 0.862   1.00 16.33 ? 623 LYS A CE  1 
ATOM   704  N  NZ  . LYS A 1 100 ? 7.803   -18.510 1.115   1.00 22.87 ? 623 LYS A NZ  1 
ATOM   705  N  N   . ILE A 1 101 ? 8.126   -11.865 4.258   1.00 12.95 ? 624 ILE A N   1 
ATOM   706  C  CA  . ILE A 1 101 ? 8.251   -11.576 5.678   1.00 12.88 ? 624 ILE A CA  1 
ATOM   707  C  C   . ILE A 1 101 ? 7.297   -12.446 6.493   1.00 12.17 ? 624 ILE A C   1 
ATOM   708  O  O   . ILE A 1 101 ? 6.167   -12.724 6.065   1.00 12.01 ? 624 ILE A O   1 
ATOM   709  C  CB  . ILE A 1 101 ? 8.040   -10.092 5.985   1.00 13.05 ? 624 ILE A CB  1 
ATOM   710  C  CG1 . ILE A 1 101 ? 6.645   -9.619  5.574   1.00 12.46 ? 624 ILE A CG1 1 
ATOM   711  C  CG2 . ILE A 1 101 ? 9.111   -9.246  5.245   1.00 14.91 ? 624 ILE A CG2 1 
ATOM   712  C  CD1 . ILE A 1 101 ? 6.347   -8.219  6.065   1.00 16.49 ? 624 ILE A CD1 1 
ATOM   713  N  N   . PHE A 1 102 ? 7.773   -12.887 7.650   1.00 11.60 ? 625 PHE A N   1 
ATOM   714  C  CA  . PHE A 1 102 ? 6.977   -13.633 8.582   1.00 11.51 ? 625 PHE A CA  1 
ATOM   715  C  C   . PHE A 1 102 ? 6.078   -12.677 9.348   1.00 12.68 ? 625 PHE A C   1 
ATOM   716  O  O   . PHE A 1 102 ? 6.470   -12.125 10.358  1.00 12.74 ? 625 PHE A O   1 
ATOM   717  C  CB  . PHE A 1 102 ? 7.884   -14.424 9.521   1.00 10.07 ? 625 PHE A CB  1 
ATOM   718  C  CG  . PHE A 1 102 ? 7.164   -15.456 10.329  1.00 9.73  ? 625 PHE A CG  1 
ATOM   719  C  CD1 . PHE A 1 102 ? 6.624   -16.585 9.721   1.00 8.81  ? 625 PHE A CD1 1 
ATOM   720  C  CD2 . PHE A 1 102 ? 6.994   -15.295 11.704  1.00 10.19 ? 625 PHE A CD2 1 
ATOM   721  C  CE1 . PHE A 1 102 ? 5.946   -17.564 10.480  1.00 9.54  ? 625 PHE A CE1 1 
ATOM   722  C  CE2 . PHE A 1 102 ? 6.311   -16.262 12.464  1.00 9.64  ? 625 PHE A CE2 1 
ATOM   723  C  CZ  . PHE A 1 102 ? 5.799   -17.407 11.842  1.00 7.45  ? 625 PHE A CZ  1 
ATOM   724  N  N   . ALA A 1 103 ? 4.848   -12.479 8.871   1.00 15.21 ? 626 ALA A N   1 
ATOM   725  C  CA  . ALA A 1 103 ? 3.954   -11.460 9.474   1.00 15.18 ? 626 ALA A CA  1 
ATOM   726  C  C   . ALA A 1 103 ? 2.563   -11.808 9.005   1.00 17.00 ? 626 ALA A C   1 
ATOM   727  O  O   . ALA A 1 103 ? 2.417   -12.554 8.010   1.00 16.02 ? 626 ALA A O   1 
ATOM   728  C  CB  . ALA A 1 103 ? 4.353   -10.043 9.013   1.00 15.31 ? 626 ALA A CB  1 
ATOM   729  N  N   . GLY A 1 104 ? 1.539   -11.310 9.724   1.00 17.91 ? 627 GLY A N   1 
ATOM   730  C  CA  . GLY A 1 104 ? 0.160   -11.532 9.306   1.00 18.12 ? 627 GLY A CA  1 
ATOM   731  C  C   . GLY A 1 104 ? -0.144  -10.581 8.167   1.00 19.06 ? 627 GLY A C   1 
ATOM   732  O  O   . GLY A 1 104 ? 0.732   -9.796  7.770   1.00 19.30 ? 627 GLY A O   1 
ATOM   733  N  N   . PRO A 1 105 ? -1.367  -10.633 7.612   1.00 19.41 ? 628 PRO A N   1 
ATOM   734  C  CA  . PRO A 1 105 ? -1.725  -9.730  6.487   1.00 19.69 ? 628 PRO A CA  1 
ATOM   735  C  C   . PRO A 1 105 ? -1.895  -8.304  7.002   1.00 20.28 ? 628 PRO A C   1 
ATOM   736  O  O   . PRO A 1 105 ? -1.872  -8.106  8.211   1.00 20.01 ? 628 PRO A O   1 
ATOM   737  C  CB  . PRO A 1 105 ? -3.095  -10.260 6.020   1.00 19.80 ? 628 PRO A CB  1 
ATOM   738  C  CG  . PRO A 1 105 ? -3.655  -10.984 7.184   1.00 19.67 ? 628 PRO A CG  1 
ATOM   739  C  CD  . PRO A 1 105 ? -2.479  -11.528 7.990   1.00 19.53 ? 628 PRO A CD  1 
ATOM   740  N  N   . ILE A 1 106 ? -2.067  -7.322  6.111   1.00 20.95 ? 629 ILE A N   1 
ATOM   741  C  CA  . ILE A 1 106 ? -2.300  -5.942  6.573   1.00 22.56 ? 629 ILE A CA  1 
ATOM   742  C  C   . ILE A 1 106 ? -3.656  -5.889  7.285   1.00 22.22 ? 629 ILE A C   1 
ATOM   743  O  O   . ILE A 1 106 ? -4.675  -6.271  6.709   1.00 22.44 ? 629 ILE A O   1 
ATOM   744  C  CB  . ILE A 1 106 ? -2.215  -4.855  5.434   1.00 22.32 ? 629 ILE A CB  1 
ATOM   745  C  CG1 . ILE A 1 106 ? -0.806  -4.802  4.859   1.00 23.37 ? 629 ILE A CG1 1 
ATOM   746  C  CG2 . ILE A 1 106 ? -2.628  -3.482  5.973   1.00 22.55 ? 629 ILE A CG2 1 
ATOM   747  C  CD1 . ILE A 1 106 ? -0.704  -4.217  3.427   1.00 23.39 ? 629 ILE A CD1 1 
HETATM 748  N  N   . MSE A 1 107 ? -3.633  -5.477  8.551   1.00 22.26 ? 630 MSE A N   1 
HETATM 749  C  CA  . MSE A 1 107 ? -4.840  -5.363  9.373   1.00 22.76 ? 630 MSE A CA  1 
HETATM 750  C  C   . MSE A 1 107 ? -5.123  -3.893  9.657   1.00 22.64 ? 630 MSE A C   1 
HETATM 751  O  O   . MSE A 1 107 ? -4.234  -3.048  9.514   1.00 22.71 ? 630 MSE A O   1 
HETATM 752  C  CB  . MSE A 1 107 ? -4.668  -6.126  10.703  1.00 22.77 ? 630 MSE A CB  1 
HETATM 753  C  CG  . MSE A 1 107 ? -4.417  -7.639  10.537  1.00 23.08 ? 630 MSE A CG  1 
HETATM 754  SE SE  . MSE A 1 107 ? -5.985  -8.509  9.796   1.00 30.38 ? 630 MSE A SE  1 
HETATM 755  C  CE  . MSE A 1 107 ? -7.229  -8.210  11.266  1.00 31.40 ? 630 MSE A CE  1 
ATOM   756  N  N   . GLY A 1 108 ? -6.340  -3.585  10.090  1.00 21.77 ? 631 GLY A N   1 
ATOM   757  C  CA  . GLY A 1 108 ? -6.682  -2.211  10.373  1.00 21.91 ? 631 GLY A CA  1 
ATOM   758  C  C   . GLY A 1 108 ? -6.903  -1.418  9.079   1.00 21.61 ? 631 GLY A C   1 
ATOM   759  O  O   . GLY A 1 108 ? -6.748  -1.948  7.976   1.00 21.72 ? 631 GLY A O   1 
ATOM   760  N  N   . PRO A 1 109 ? -7.307  -0.153  9.218   1.00 21.21 ? 632 PRO A N   1 
ATOM   761  C  CA  . PRO A 1 109 ? -7.732  0.690   8.107   1.00 20.86 ? 632 PRO A CA  1 
ATOM   762  C  C   . PRO A 1 109 ? -6.660  1.552   7.403   1.00 20.60 ? 632 PRO A C   1 
ATOM   763  O  O   . PRO A 1 109 ? -6.998  2.251   6.441   1.00 20.63 ? 632 PRO A O   1 
ATOM   764  C  CB  . PRO A 1 109 ? -8.769  1.586   8.787   1.00 20.29 ? 632 PRO A CB  1 
ATOM   765  C  CG  . PRO A 1 109 ? -8.153  1.813   10.134  1.00 20.54 ? 632 PRO A CG  1 
ATOM   766  C  CD  . PRO A 1 109 ? -7.481  0.532   10.517  1.00 20.76 ? 632 PRO A CD  1 
ATOM   767  N  N   . SER A 1 110 ? -5.399  1.482   7.841   1.00 20.33 ? 633 SER A N   1 
ATOM   768  C  CA  . SER A 1 110 ? -4.365  2.389   7.353   1.00 19.94 ? 633 SER A CA  1 
ATOM   769  C  C   . SER A 1 110 ? -4.048  2.280   5.858   1.00 20.32 ? 633 SER A C   1 
ATOM   770  O  O   . SER A 1 110 ? -3.603  3.260   5.267   1.00 20.65 ? 633 SER A O   1 
ATOM   771  C  CB  . SER A 1 110 ? -3.094  2.308   8.195   1.00 20.14 ? 633 SER A CB  1 
ATOM   772  O  OG  . SER A 1 110 ? -2.419  1.068   8.028   1.00 19.65 ? 633 SER A OG  1 
ATOM   773  N  N   . ALA A 1 111 ? -4.289  1.116   5.248   1.00 19.76 ? 634 ALA A N   1 
ATOM   774  C  CA  . ALA A 1 111 ? -4.058  0.939   3.797   1.00 19.30 ? 634 ALA A CA  1 
ATOM   775  C  C   . ALA A 1 111 ? -5.156  1.539   2.899   1.00 19.38 ? 634 ALA A C   1 
ATOM   776  O  O   . ALA A 1 111 ? -5.050  1.520   1.673   1.00 20.18 ? 634 ALA A O   1 
ATOM   777  C  CB  . ALA A 1 111 ? -3.837  -0.550  3.453   1.00 17.99 ? 634 ALA A CB  1 
ATOM   778  N  N   . GLN A 1 112 ? -6.210  2.080   3.497   1.00 19.73 ? 635 GLN A N   1 
ATOM   779  C  CA  . GLN A 1 112 ? -7.378  2.514   2.731   1.00 19.43 ? 635 GLN A CA  1 
ATOM   780  C  C   . GLN A 1 112 ? -7.072  3.733   1.859   1.00 19.06 ? 635 GLN A C   1 
ATOM   781  O  O   . GLN A 1 112 ? -7.519  3.805   0.706   1.00 19.19 ? 635 GLN A O   1 
ATOM   782  C  CB  . GLN A 1 112 ? -8.535  2.787   3.678   1.00 19.88 ? 635 GLN A CB  1 
ATOM   783  C  CG  . GLN A 1 112 ? -9.261  1.543   4.207   1.00 20.47 ? 635 GLN A CG  1 
ATOM   784  C  CD  . GLN A 1 112 ? -10.316 1.894   5.278   1.00 20.48 ? 635 GLN A CD  1 
ATOM   785  O  OE1 . GLN A 1 112 ? -10.480 3.056   5.650   1.00 24.08 ? 635 GLN A OE1 1 
ATOM   786  N  NE2 . GLN A 1 112 ? -11.006 0.887   5.783   1.00 20.01 ? 635 GLN A NE2 1 
ATOM   787  N  N   . LEU A 1 113 ? -6.294  4.683   2.385   1.00 18.19 ? 636 LEU A N   1 
ATOM   788  C  CA  . LEU A 1 113 ? -5.877  5.805   1.562   1.00 18.37 ? 636 LEU A CA  1 
ATOM   789  C  C   . LEU A 1 113 ? -5.181  5.326   0.266   1.00 18.88 ? 636 LEU A C   1 
ATOM   790  O  O   . LEU A 1 113 ? -5.583  5.700   -0.832  1.00 18.82 ? 636 LEU A O   1 
ATOM   791  C  CB  . LEU A 1 113 ? -5.007  6.828   2.332   1.00 18.40 ? 636 LEU A CB  1 
ATOM   792  C  CG  . LEU A 1 113 ? -4.382  7.974   1.485   1.00 17.98 ? 636 LEU A CG  1 
ATOM   793  C  CD1 . LEU A 1 113 ? -5.441  8.815   0.698   1.00 16.55 ? 636 LEU A CD1 1 
ATOM   794  C  CD2 . LEU A 1 113 ? -3.512  8.886   2.315   1.00 16.79 ? 636 LEU A CD2 1 
ATOM   795  N  N   . GLY A 1 114 ? -4.167  4.474   0.400   1.00 19.22 ? 637 GLY A N   1 
ATOM   796  C  CA  . GLY A 1 114 ? -3.445  3.999   -0.772  1.00 18.89 ? 637 GLY A CA  1 
ATOM   797  C  C   . GLY A 1 114 ? -4.342  3.243   -1.738  1.00 18.85 ? 637 GLY A C   1 
ATOM   798  O  O   . GLY A 1 114 ? -4.214  3.398   -2.981  1.00 19.17 ? 637 GLY A O   1 
ATOM   799  N  N   . LEU A 1 115 ? -5.243  2.440   -1.172  1.00 17.66 ? 638 LEU A N   1 
ATOM   800  C  CA  . LEU A 1 115 ? -6.147  1.568   -1.933  1.00 17.77 ? 638 LEU A CA  1 
ATOM   801  C  C   . LEU A 1 115 ? -7.210  2.316   -2.765  1.00 17.98 ? 638 LEU A C   1 
ATOM   802  O  O   . LEU A 1 115 ? -7.512  1.929   -3.906  1.00 17.11 ? 638 LEU A O   1 
ATOM   803  C  CB  . LEU A 1 115 ? -6.868  0.605   -0.961  1.00 18.19 ? 638 LEU A CB  1 
ATOM   804  C  CG  . LEU A 1 115 ? -6.043  -0.605  -0.441  1.00 19.14 ? 638 LEU A CG  1 
ATOM   805  C  CD1 . LEU A 1 115 ? -6.793  -1.354  0.712   1.00 15.47 ? 638 LEU A CD1 1 
ATOM   806  C  CD2 . LEU A 1 115 ? -5.707  -1.555  -1.567  1.00 18.23 ? 638 LEU A CD2 1 
ATOM   807  N  N   . SER A 1 116 ? -7.793  3.356   -2.166  1.00 17.63 ? 639 SER A N   1 
ATOM   808  C  CA  . SER A 1 116 ? -8.730  4.251   -2.859  1.00 18.71 ? 639 SER A CA  1 
ATOM   809  C  C   . SER A 1 116 ? -8.056  4.994   -4.049  1.00 18.73 ? 639 SER A C   1 
ATOM   810  O  O   . SER A 1 116 ? -8.608  5.062   -5.152  1.00 18.38 ? 639 SER A O   1 
ATOM   811  C  CB  . SER A 1 116 ? -9.312  5.269   -1.881  1.00 17.48 ? 639 SER A CB  1 
ATOM   812  O  OG  . SER A 1 116 ? -10.050 6.225   -2.605  1.00 18.82 ? 639 SER A OG  1 
ATOM   813  N  N   . LEU A 1 117 ? -6.862  5.522   -3.797  1.00 18.93 ? 640 LEU A N   1 
ATOM   814  C  CA  . LEU A 1 117 ? -6.028  6.111   -4.848  1.00 18.80 ? 640 LEU A CA  1 
ATOM   815  C  C   . LEU A 1 117 ? -5.796  5.092   -5.941  1.00 18.38 ? 640 LEU A C   1 
ATOM   816  O  O   . LEU A 1 117 ? -5.993  5.384   -7.107  1.00 18.12 ? 640 LEU A O   1 
ATOM   817  C  CB  . LEU A 1 117 ? -4.696  6.649   -4.278  1.00 18.17 ? 640 LEU A CB  1 
ATOM   818  C  CG  . LEU A 1 117 ? -4.884  7.824   -3.306  1.00 17.88 ? 640 LEU A CG  1 
ATOM   819  C  CD1 . LEU A 1 117 ? -3.590  8.240   -2.661  1.00 16.02 ? 640 LEU A CD1 1 
ATOM   820  C  CD2 . LEU A 1 117 ? -5.496  9.030   -4.032  1.00 18.45 ? 640 LEU A CD2 1 
ATOM   821  N  N   . LEU A 1 118 ? -5.418  3.877   -5.551  1.00 18.74 ? 641 LEU A N   1 
ATOM   822  C  CA  . LEU A 1 118 ? -5.069  2.849   -6.525  1.00 18.37 ? 641 LEU A CA  1 
ATOM   823  C  C   . LEU A 1 118 ? -6.208  2.589   -7.526  1.00 18.44 ? 641 LEU A C   1 
ATOM   824  O  O   . LEU A 1 118 ? -5.983  2.478   -8.732  1.00 17.01 ? 641 LEU A O   1 
ATOM   825  C  CB  . LEU A 1 118 ? -4.676  1.574   -5.800  1.00 18.37 ? 641 LEU A CB  1 
ATOM   826  C  CG  . LEU A 1 118 ? -4.171  0.387   -6.617  1.00 19.43 ? 641 LEU A CG  1 
ATOM   827  C  CD1 . LEU A 1 118 ? -2.848  0.736   -7.300  1.00 20.69 ? 641 LEU A CD1 1 
ATOM   828  C  CD2 . LEU A 1 118 ? -4.020  -0.816  -5.700  1.00 17.81 ? 641 LEU A CD2 1 
ATOM   829  N  N   . VAL A 1 119 ? -7.436  2.525   -6.999  1.00 19.03 ? 642 VAL A N   1 
ATOM   830  C  CA  . VAL A 1 119 ? -8.619  2.158   -7.774  1.00 19.14 ? 642 VAL A CA  1 
ATOM   831  C  C   . VAL A 1 119 ? -9.387  3.357   -8.364  1.00 19.96 ? 642 VAL A C   1 
ATOM   832  O  O   . VAL A 1 119 ? -10.209 3.163   -9.265  1.00 20.59 ? 642 VAL A O   1 
ATOM   833  C  CB  . VAL A 1 119 ? -9.596  1.236   -6.953  1.00 19.58 ? 642 VAL A CB  1 
ATOM   834  C  CG1 . VAL A 1 119 ? -8.853  -0.011  -6.437  1.00 17.70 ? 642 VAL A CG1 1 
ATOM   835  C  CG2 . VAL A 1 119 ? -10.272 2.004   -5.803  1.00 17.92 ? 642 VAL A CG2 1 
ATOM   836  N  N   . ASN A 1 120 ? -9.115  4.577   -7.885  1.00 20.05 ? 643 ASN A N   1 
ATOM   837  C  CA  . ASN A 1 120 ? -9.850  5.777   -8.355  1.00 20.26 ? 643 ASN A CA  1 
ATOM   838  C  C   . ASN A 1 120 ? -8.987  6.772   -9.103  1.00 20.06 ? 643 ASN A C   1 
ATOM   839  O  O   . ASN A 1 120 ? -9.427  7.343   -10.081 1.00 20.33 ? 643 ASN A O   1 
ATOM   840  C  CB  . ASN A 1 120 ? -10.533 6.506   -7.194  1.00 20.14 ? 643 ASN A CB  1 
ATOM   841  C  CG  . ASN A 1 120 ? -11.620 5.673   -6.529  1.00 22.67 ? 643 ASN A CG  1 
ATOM   842  O  OD1 . ASN A 1 120 ? -11.498 5.291   -5.349  1.00 25.61 ? 643 ASN A OD1 1 
ATOM   843  N  ND2 . ASN A 1 120 ? -12.683 5.385   -7.266  1.00 21.41 ? 643 ASN A ND2 1 
ATOM   844  N  N   . ASP A 1 121 ? -7.748  6.948   -8.661  1.00 20.09 ? 644 ASP A N   1 
ATOM   845  C  CA  . ASP A 1 121 ? -6.910  8.040   -9.121  1.00 19.41 ? 644 ASP A CA  1 
ATOM   846  C  C   . ASP A 1 121 ? -5.621  7.648   -9.834  1.00 19.59 ? 644 ASP A C   1 
ATOM   847  O  O   . ASP A 1 121 ? -5.075  8.450   -10.608 1.00 20.23 ? 644 ASP A O   1 
ATOM   848  C  CB  . ASP A 1 121 ? -6.585  8.927   -7.923  1.00 19.65 ? 644 ASP A CB  1 
ATOM   849  C  CG  . ASP A 1 121 ? -7.848  9.390   -7.191  1.00 20.85 ? 644 ASP A CG  1 
ATOM   850  O  OD1 . ASP A 1 121 ? -8.646  10.162  -7.799  1.00 22.51 ? 644 ASP A OD1 1 
ATOM   851  O  OD2 . ASP A 1 121 ? -8.052  8.980   -6.027  1.00 20.00 ? 644 ASP A OD2 1 
ATOM   852  N  N   . ILE A 1 122 ? -5.099  6.451   -9.572  1.00 18.47 ? 645 ILE A N   1 
ATOM   853  C  CA  . ILE A 1 122 ? -3.809  6.062   -10.161 1.00 17.75 ? 645 ILE A CA  1 
ATOM   854  C  C   . ILE A 1 122 ? -4.088  5.248   -11.418 1.00 17.27 ? 645 ILE A C   1 
ATOM   855  O  O   . ILE A 1 122 ? -4.778  4.226   -11.349 1.00 18.13 ? 645 ILE A O   1 
ATOM   856  C  CB  . ILE A 1 122 ? -2.915  5.285   -9.151  1.00 18.13 ? 645 ILE A CB  1 
ATOM   857  C  CG1 . ILE A 1 122 ? -2.571  6.182   -7.953  1.00 16.36 ? 645 ILE A CG1 1 
ATOM   858  C  CG2 . ILE A 1 122 ? -1.619  4.777   -9.816  1.00 17.61 ? 645 ILE A CG2 1 
ATOM   859  C  CD1 . ILE A 1 122 ? -2.030  5.438   -6.769  1.00 13.86 ? 645 ILE A CD1 1 
ATOM   860  N  N   . GLU A 1 123 ? -3.573  5.702   -12.554 1.00 15.16 ? 646 GLU A N   1 
ATOM   861  C  CA  . GLU A 1 123 ? -3.784  5.004   -13.815 1.00 14.14 ? 646 GLU A CA  1 
ATOM   862  C  C   . GLU A 1 123 ? -2.540  4.277   -14.324 1.00 12.01 ? 646 GLU A C   1 
ATOM   863  O  O   . GLU A 1 123 ? -2.649  3.240   -14.956 1.00 11.16 ? 646 GLU A O   1 
ATOM   864  C  CB  . GLU A 1 123 ? -4.306  5.964   -14.886 1.00 14.42 ? 646 GLU A CB  1 
ATOM   865  C  CG  . GLU A 1 123 ? -5.829  6.001   -14.963 1.00 18.95 ? 646 GLU A CG  1 
ATOM   866  C  CD  . GLU A 1 123 ? -6.427  4.684   -15.484 1.00 23.83 ? 646 GLU A CD  1 
ATOM   867  O  OE1 . GLU A 1 123 ? -5.990  4.209   -16.563 1.00 25.86 ? 646 GLU A OE1 1 
ATOM   868  O  OE2 . GLU A 1 123 ? -7.337  4.130   -14.816 1.00 24.77 ? 646 GLU A OE2 1 
ATOM   869  N  N   . ASP A 1 124 ? -1.375  4.843   -14.058 1.00 10.37 ? 647 ASP A N   1 
ATOM   870  C  CA  . ASP A 1 124 ? -0.122  4.323   -14.569 1.00 10.50 ? 647 ASP A CA  1 
ATOM   871  C  C   . ASP A 1 124 ? 0.941   4.706   -13.571 1.00 9.16  ? 647 ASP A C   1 
ATOM   872  O  O   . ASP A 1 124 ? 0.884   5.787   -12.996 1.00 8.72  ? 647 ASP A O   1 
ATOM   873  C  CB  . ASP A 1 124 ? 0.209   4.898   -15.973 1.00 11.84 ? 647 ASP A CB  1 
ATOM   874  C  CG  . ASP A 1 124 ? -0.403  4.067   -17.106 1.00 16.63 ? 647 ASP A CG  1 
ATOM   875  O  OD1 . ASP A 1 124 ? -0.798  2.887   -16.860 1.00 22.38 ? 647 ASP A OD1 1 
ATOM   876  O  OD2 . ASP A 1 124 ? -0.485  4.568   -18.259 1.00 21.26 ? 647 ASP A OD2 1 
ATOM   877  N  N   . GLY A 1 125 ? 1.899   3.814   -13.350 1.00 8.08  ? 648 GLY A N   1 
ATOM   878  C  CA  . GLY A 1 125 ? 3.057   4.143   -12.538 1.00 7.89  ? 648 GLY A CA  1 
ATOM   879  C  C   . GLY A 1 125 ? 2.778   3.946   -11.064 1.00 7.93  ? 648 GLY A C   1 
ATOM   880  O  O   . GLY A 1 125 ? 1.670   3.542   -10.669 1.00 7.56  ? 648 GLY A O   1 
ATOM   881  N  N   . VAL A 1 126 ? 3.781   4.286   -10.260 1.00 7.55  ? 649 VAL A N   1 
ATOM   882  C  CA  . VAL A 1 126 ? 3.764   4.146   -8.802  1.00 7.41  ? 649 VAL A CA  1 
ATOM   883  C  C   . VAL A 1 126 ? 4.211   5.450   -8.177  1.00 8.23  ? 649 VAL A C   1 
ATOM   884  O  O   . VAL A 1 126 ? 5.374   5.878   -8.341  1.00 8.49  ? 649 VAL A O   1 
ATOM   885  C  CB  . VAL A 1 126 ? 4.716   3.021   -8.309  1.00 6.76  ? 649 VAL A CB  1 
ATOM   886  C  CG1 . VAL A 1 126 ? 4.613   2.894   -6.793  1.00 5.95  ? 649 VAL A CG1 1 
ATOM   887  C  CG2 . VAL A 1 126 ? 4.379   1.658   -8.999  1.00 5.65  ? 649 VAL A CG2 1 
ATOM   888  N  N   . PRO A 1 127 ? 3.290   6.135   -7.488  1.00 9.01  ? 650 PRO A N   1 
ATOM   889  C  CA  . PRO A 1 127 ? 3.753   7.395   -6.922  1.00 8.79  ? 650 PRO A CA  1 
ATOM   890  C  C   . PRO A 1 127 ? 4.970   7.145   -6.022  1.00 9.40  ? 650 PRO A C   1 
ATOM   891  O  O   . PRO A 1 127 ? 4.996   6.202   -5.255  1.00 9.20  ? 650 PRO A O   1 
ATOM   892  C  CB  . PRO A 1 127 ? 2.550   7.873   -6.110  1.00 8.20  ? 650 PRO A CB  1 
ATOM   893  C  CG  . PRO A 1 127 ? 1.373   7.212   -6.788  1.00 8.57  ? 650 PRO A CG  1 
ATOM   894  C  CD  . PRO A 1 127 ? 1.865   5.869   -7.193  1.00 8.18  ? 650 PRO A CD  1 
ATOM   895  N  N   . ARG A 1 128 ? 5.940   8.034   -6.087  1.00 10.86 ? 651 ARG A N   1 
ATOM   896  C  CA  . ARG A 1 128 ? 7.138   7.905   -5.297  1.00 12.44 ? 651 ARG A CA  1 
ATOM   897  C  C   . ARG A 1 128 ? 6.885   8.508   -3.917  1.00 13.85 ? 651 ARG A C   1 
ATOM   898  O  O   . ARG A 1 128 ? 7.404   9.542   -3.584  1.00 13.02 ? 651 ARG A O   1 
ATOM   899  C  CB  . ARG A 1 128 ? 8.320   8.569   -6.017  1.00 11.78 ? 651 ARG A CB  1 
ATOM   900  C  CG  . ARG A 1 128 ? 9.637   8.077   -5.526  1.00 11.12 ? 651 ARG A CG  1 
ATOM   901  C  CD  . ARG A 1 128 ? 10.818  8.585   -6.288  1.00 7.84  ? 651 ARG A CD  1 
ATOM   902  N  NE  . ARG A 1 128 ? 12.028  8.034   -5.687  1.00 9.11  ? 651 ARG A NE  1 
ATOM   903  C  CZ  . ARG A 1 128 ? 12.639  8.585   -4.641  1.00 11.33 ? 651 ARG A CZ  1 
ATOM   904  N  NH1 . ARG A 1 128 ? 12.144  9.702   -4.105  1.00 10.75 ? 651 ARG A NH1 1 
ATOM   905  N  NH2 . ARG A 1 128 ? 13.731  8.020   -4.120  1.00 10.33 ? 651 ARG A NH2 1 
HETATM 906  N  N   . MSE A 1 129 ? 6.069   7.809   -3.122  1.00 17.41 ? 652 MSE A N   1 
HETATM 907  C  CA  . MSE A 1 129 ? 5.590   8.273   -1.808  1.00 20.97 ? 652 MSE A CA  1 
HETATM 908  C  C   . MSE A 1 129 ? 4.750   7.175   -1.174  1.00 20.71 ? 652 MSE A C   1 
HETATM 909  O  O   . MSE A 1 129 ? 4.224   6.303   -1.866  1.00 20.91 ? 652 MSE A O   1 
HETATM 910  C  CB  . MSE A 1 129 ? 4.745   9.552   -1.943  1.00 20.64 ? 652 MSE A CB  1 
HETATM 911  C  CG  . MSE A 1 129 ? 3.530   9.428   -2.853  1.00 22.26 ? 652 MSE A CG  1 
HETATM 912  SE SE  . MSE A 1 129 ? 2.771   11.156  -3.450  1.00 27.49 ? 652 MSE A SE  1 
HETATM 913  C  CE  . MSE A 1 129 ? 4.218   12.272  -2.915  1.00 30.80 ? 652 MSE A CE  1 
ATOM   914  N  N   . VAL A 1 130 ? 4.606   7.261   0.145   1.00 21.40 ? 653 VAL A N   1 
ATOM   915  C  CA  . VAL A 1 130 ? 3.955   6.237   0.943   1.00 20.95 ? 653 VAL A CA  1 
ATOM   916  C  C   . VAL A 1 130 ? 2.682   6.875   1.548   1.00 21.99 ? 653 VAL A C   1 
ATOM   917  O  O   . VAL A 1 130 ? 2.733   7.923   2.204   1.00 21.10 ? 653 VAL A O   1 
ATOM   918  C  CB  . VAL A 1 130 ? 4.930   5.705   2.053   1.00 21.12 ? 653 VAL A CB  1 
ATOM   919  C  CG1 . VAL A 1 130 ? 4.243   4.685   2.985   1.00 18.66 ? 653 VAL A CG1 1 
ATOM   920  C  CG2 . VAL A 1 130 ? 6.218   5.107   1.437   1.00 18.93 ? 653 VAL A CG2 1 
ATOM   921  N  N   . PHE A 1 131 ? 1.549   6.222   1.328   1.00 22.53 ? 654 PHE A N   1 
ATOM   922  C  CA  . PHE A 1 131 ? 0.268   6.727   1.806   1.00 22.93 ? 654 PHE A CA  1 
ATOM   923  C  C   . PHE A 1 131 ? -0.259  5.961   3.021   1.00 23.74 ? 654 PHE A C   1 
ATOM   924  O  O   . PHE A 1 131 ? -0.392  4.717   2.983   1.00 23.25 ? 654 PHE A O   1 
ATOM   925  C  CB  . PHE A 1 131 ? -0.760  6.600   0.702   1.00 22.71 ? 654 PHE A CB  1 
ATOM   926  C  CG  . PHE A 1 131 ? -0.420  7.368   -0.547  1.00 23.62 ? 654 PHE A CG  1 
ATOM   927  C  CD1 . PHE A 1 131 ? -0.628  8.736   -0.610  1.00 23.47 ? 654 PHE A CD1 1 
ATOM   928  C  CD2 . PHE A 1 131 ? 0.056   6.704   -1.673  1.00 25.00 ? 654 PHE A CD2 1 
ATOM   929  C  CE1 . PHE A 1 131 ? -0.355  9.441   -1.776  1.00 23.91 ? 654 PHE A CE1 1 
ATOM   930  C  CE2 . PHE A 1 131 ? 0.319   7.386   -2.851  1.00 24.54 ? 654 PHE A CE2 1 
ATOM   931  C  CZ  . PHE A 1 131 ? 0.114   8.759   -2.897  1.00 22.74 ? 654 PHE A CZ  1 
ATOM   932  N  N   . THR A 1 132 ? -0.597  6.698   4.082   1.00 23.16 ? 655 THR A N   1 
ATOM   933  C  CA  . THR A 1 132 ? -1.180  6.056   5.243   1.00 23.43 ? 655 THR A CA  1 
ATOM   934  C  C   . THR A 1 132 ? -2.406  6.841   5.766   1.00 23.32 ? 655 THR A C   1 
ATOM   935  O  O   . THR A 1 132 ? -2.346  8.055   5.935   1.00 22.86 ? 655 THR A O   1 
ATOM   936  C  CB  . THR A 1 132 ? -0.133  5.833   6.358   1.00 23.06 ? 655 THR A CB  1 
ATOM   937  O  OG1 . THR A 1 132 ? -0.677  4.938   7.329   1.00 24.69 ? 655 THR A OG1 1 
ATOM   938  C  CG2 . THR A 1 132 ? 0.269   7.165   7.056   1.00 24.38 ? 655 THR A CG2 1 
ATOM   939  N  N   . GLY A 1 133 ? -3.514  6.143   5.979   1.00 22.71 ? 656 GLY A N   1 
ATOM   940  C  CA  . GLY A 1 133 ? -4.690  6.765   6.535   1.00 23.77 ? 656 GLY A CA  1 
ATOM   941  C  C   . GLY A 1 133 ? -5.982  6.050   6.209   1.00 23.81 ? 656 GLY A C   1 
ATOM   942  O  O   . GLY A 1 133 ? -6.121  5.400   5.169   1.00 24.43 ? 656 GLY A O   1 
ATOM   943  N  N   . GLU A 1 134 ? -6.933  6.189   7.116   1.00 23.68 ? 657 GLU A N   1 
ATOM   944  C  CA  . GLU A 1 134 ? -8.242  5.601   6.954   1.00 23.40 ? 657 GLU A CA  1 
ATOM   945  C  C   . GLU A 1 134 ? -9.116  6.550   6.135   1.00 23.45 ? 657 GLU A C   1 
ATOM   946  O  O   . GLU A 1 134 ? -8.979  7.775   6.238   1.00 22.94 ? 657 GLU A O   1 
ATOM   947  C  CB  . GLU A 1 134 ? -8.820  5.348   8.341   1.00 23.09 ? 657 GLU A CB  1 
ATOM   948  C  CG  . GLU A 1 134 ? -10.271 4.965   8.365   1.00 23.16 ? 657 GLU A CG  1 
ATOM   949  C  CD  . GLU A 1 134 ? -10.720 4.537   9.732   1.00 23.33 ? 657 GLU A CD  1 
ATOM   950  O  OE1 . GLU A 1 134 ? -11.745 3.834   9.801   1.00 24.91 ? 657 GLU A OE1 1 
ATOM   951  O  OE2 . GLU A 1 134 ? -10.038 4.869   10.728  1.00 21.95 ? 657 GLU A OE2 1 
ATOM   952  N  N   . ILE A 1 135 ? -9.993  5.985   5.307   1.00 23.69 ? 658 ILE A N   1 
ATOM   953  C  CA  . ILE A 1 135 ? -10.970 6.774   4.551   1.00 24.41 ? 658 ILE A CA  1 
ATOM   954  C  C   . ILE A 1 135 ? -12.326 6.840   5.308   1.00 25.27 ? 658 ILE A C   1 
ATOM   955  O  O   . ILE A 1 135 ? -12.873 5.815   5.727   1.00 25.12 ? 658 ILE A O   1 
ATOM   956  C  CB  . ILE A 1 135 ? -11.180 6.196   3.141   1.00 24.13 ? 658 ILE A CB  1 
ATOM   957  C  CG1 . ILE A 1 135 ? -9.882  6.261   2.312   1.00 23.92 ? 658 ILE A CG1 1 
ATOM   958  C  CG2 . ILE A 1 135 ? -12.353 6.884   2.431   1.00 24.84 ? 658 ILE A CG2 1 
ATOM   959  C  CD1 . ILE A 1 135 ? -9.382  7.677   1.984   1.00 21.63 ? 658 ILE A CD1 1 
ATOM   960  N  N   . ALA A 1 136 ? -12.850 8.052   5.473   1.00 26.32 ? 659 ALA A N   1 
ATOM   961  C  CA  . ALA A 1 136 ? -14.112 8.285   6.193   1.00 27.20 ? 659 ALA A CA  1 
ATOM   962  C  C   . ALA A 1 136 ? -15.323 7.771   5.407   1.00 28.13 ? 659 ALA A C   1 
ATOM   963  O  O   . ALA A 1 136 ? -15.168 7.221   4.324   1.00 28.16 ? 659 ALA A O   1 
ATOM   964  C  CB  . ALA A 1 136 ? -14.249 9.751   6.529   1.00 26.53 ? 659 ALA A CB  1 
ATOM   965  N  N   . ASP A 1 137 ? -16.528 7.913   5.960   1.00 30.02 ? 660 ASP A N   1 
ATOM   966  C  CA  . ASP A 1 137 ? -17.735 7.425   5.277   1.00 31.35 ? 660 ASP A CA  1 
ATOM   967  C  C   . ASP A 1 137 ? -18.131 8.176   3.996   1.00 32.11 ? 660 ASP A C   1 
ATOM   968  O  O   . ASP A 1 137 ? -18.776 7.604   3.109   1.00 32.40 ? 660 ASP A O   1 
ATOM   969  C  CB  . ASP A 1 137 ? -18.907 7.320   6.248   1.00 31.57 ? 660 ASP A CB  1 
ATOM   970  C  CG  . ASP A 1 137 ? -18.945 5.978   6.934   1.00 32.34 ? 660 ASP A CG  1 
ATOM   971  O  OD1 . ASP A 1 137 ? -17.859 5.425   7.238   1.00 34.06 ? 660 ASP A OD1 1 
ATOM   972  O  OD2 . ASP A 1 137 ? -20.055 5.458   7.135   1.00 31.85 ? 660 ASP A OD2 1 
ATOM   973  N  N   . ASP A 1 138 ? -17.729 9.440   3.895   1.00 32.80 ? 661 ASP A N   1 
ATOM   974  C  CA  . ASP A 1 138 ? -17.927 10.218  2.670   1.00 33.69 ? 661 ASP A CA  1 
ATOM   975  C  C   . ASP A 1 138 ? -17.077 9.682   1.508   1.00 34.04 ? 661 ASP A C   1 
ATOM   976  O  O   . ASP A 1 138 ? -17.254 10.089  0.358   1.00 34.21 ? 661 ASP A O   1 
ATOM   977  C  CB  . ASP A 1 138 ? -17.616 11.693  2.923   1.00 33.90 ? 661 ASP A CB  1 
ATOM   978  C  CG  . ASP A 1 138 ? -16.189 11.924  3.399   1.00 34.77 ? 661 ASP A CG  1 
ATOM   979  O  OD1 . ASP A 1 138 ? -15.327 11.034  3.244   1.00 36.30 ? 661 ASP A OD1 1 
ATOM   980  O  OD2 . ASP A 1 138 ? -15.923 13.014  3.937   1.00 36.45 ? 661 ASP A OD2 1 
ATOM   981  N  N   . GLU A 1 139 ? -16.153 8.779   1.836   1.00 34.17 ? 662 GLU A N   1 
ATOM   982  C  CA  . GLU A 1 139 ? -15.271 8.123   0.876   1.00 34.43 ? 662 GLU A CA  1 
ATOM   983  C  C   . GLU A 1 139 ? -14.200 9.053   0.289   1.00 34.50 ? 662 GLU A C   1 
ATOM   984  O  O   . GLU A 1 139 ? -13.676 8.803   -0.796  1.00 34.52 ? 662 GLU A O   1 
ATOM   985  C  CB  . GLU A 1 139 ? -16.068 7.353   -0.196  1.00 34.58 ? 662 GLU A CB  1 
ATOM   986  C  CG  . GLU A 1 139 ? -16.531 5.984   0.316   1.00 34.44 ? 662 GLU A CG  1 
ATOM   987  C  CD  . GLU A 1 139 ? -17.458 5.224   -0.630  1.00 34.57 ? 662 GLU A CD  1 
ATOM   988  O  OE1 . GLU A 1 139 ? -17.207 5.197   -1.852  1.00 32.04 ? 662 GLU A OE1 1 
ATOM   989  O  OE2 . GLU A 1 139 ? -18.434 4.613   -0.126  1.00 37.24 ? 662 GLU A OE2 1 
ATOM   990  N  N   . GLU A 1 140 ? -13.865 10.105  1.041   1.00 34.38 ? 663 GLU A N   1 
ATOM   991  C  CA  . GLU A 1 140 ? -12.894 11.106  0.607   1.00 34.43 ? 663 GLU A CA  1 
ATOM   992  C  C   . GLU A 1 140 ? -12.015 11.616  1.732   1.00 34.00 ? 663 GLU A C   1 
ATOM   993  O  O   . GLU A 1 140 ? -10.818 11.780  1.552   1.00 34.08 ? 663 GLU A O   1 
ATOM   994  C  CB  . GLU A 1 140 ? -13.607 12.300  -0.018  1.00 34.82 ? 663 GLU A CB  1 
ATOM   995  C  CG  . GLU A 1 140 ? -14.271 12.002  -1.327  1.00 37.05 ? 663 GLU A CG  1 
ATOM   996  C  CD  . GLU A 1 140 ? -15.059 13.158  -1.814  1.00 40.12 ? 663 GLU A CD  1 
ATOM   997  O  OE1 . GLU A 1 140 ? -14.605 14.310  -1.626  1.00 41.63 ? 663 GLU A OE1 1 
ATOM   998  O  OE2 . GLU A 1 140 ? -16.139 12.918  -2.385  1.00 43.07 ? 663 GLU A OE2 1 
ATOM   999  N  N   . THR A 1 141 ? -12.611 11.895  2.886   1.00 34.00 ? 664 THR A N   1 
ATOM   1000 C  CA  . THR A 1 141 ? -11.859 12.468  4.002   1.00 33.91 ? 664 THR A CA  1 
ATOM   1001 C  C   . THR A 1 141 ? -10.916 11.435  4.629   1.00 34.41 ? 664 THR A C   1 
ATOM   1002 O  O   . THR A 1 141 ? -11.284 10.261  4.828   1.00 34.25 ? 664 THR A O   1 
ATOM   1003 C  CB  . THR A 1 141 ? -12.786 13.092  5.070   1.00 33.58 ? 664 THR A CB  1 
ATOM   1004 O  OG1 . THR A 1 141 ? -13.732 13.967  4.432   1.00 34.18 ? 664 THR A OG1 1 
ATOM   1005 C  CG2 . THR A 1 141 ? -11.983 13.877  6.112   1.00 31.90 ? 664 THR A CG2 1 
ATOM   1006 N  N   . ILE A 1 142 ? -9.703  11.888  4.930   1.00 34.52 ? 665 ILE A N   1 
ATOM   1007 C  CA  . ILE A 1 142 ? -8.682  11.014  5.489   1.00 35.02 ? 665 ILE A CA  1 
ATOM   1008 C  C   . ILE A 1 142 ? -8.660  11.140  7.013   1.00 35.12 ? 665 ILE A C   1 
ATOM   1009 O  O   . ILE A 1 142 ? -8.526  12.241  7.544   1.00 34.96 ? 665 ILE A O   1 
ATOM   1010 C  CB  . ILE A 1 142 ? -7.280  11.310  4.911   1.00 34.31 ? 665 ILE A CB  1 
ATOM   1011 C  CG1 . ILE A 1 142 ? -7.295  11.155  3.393   1.00 34.57 ? 665 ILE A CG1 1 
ATOM   1012 C  CG2 . ILE A 1 142 ? -6.245  10.370  5.542   1.00 34.14 ? 665 ILE A CG2 1 
ATOM   1013 C  CD1 . ILE A 1 142 ? -6.097  11.812  2.678   1.00 33.52 ? 665 ILE A CD1 1 
ATOM   1014 N  N   . ILE A 1 143 ? -8.758  9.994   7.682   1.00 35.66 ? 666 ILE A N   1 
ATOM   1015 C  CA  . ILE A 1 143 ? -8.817  9.897   9.145   1.00 36.00 ? 666 ILE A CA  1 
ATOM   1016 C  C   . ILE A 1 143 ? -7.446  9.408   9.640   1.00 36.20 ? 666 ILE A C   1 
ATOM   1017 O  O   . ILE A 1 143 ? -6.881  8.462   9.066   1.00 36.43 ? 666 ILE A O   1 
ATOM   1018 C  CB  . ILE A 1 143 ? -9.948  8.912   9.594   1.00 36.09 ? 666 ILE A CB  1 
ATOM   1019 C  CG1 . ILE A 1 143 ? -11.330 9.403   9.144   1.00 35.75 ? 666 ILE A CG1 1 
ATOM   1020 C  CG2 . ILE A 1 143 ? -9.936  8.651   11.127  1.00 36.87 ? 666 ILE A CG2 1 
ATOM   1021 C  CD1 . ILE A 1 143 ? -12.456 8.434   9.500   1.00 35.57 ? 666 ILE A CD1 1 
ATOM   1022 N  N   . PRO A 1 144 ? -6.909  10.044  10.706  1.00 36.22 ? 667 PRO A N   1 
ATOM   1023 C  CA  . PRO A 1 144 ? -5.596  9.655   11.232  1.00 36.42 ? 667 PRO A CA  1 
ATOM   1024 C  C   . PRO A 1 144 ? -5.546  8.174   11.641  1.00 36.25 ? 667 PRO A C   1 
ATOM   1025 O  O   . PRO A 1 144 ? -6.581  7.600   12.015  1.00 36.71 ? 667 PRO A O   1 
ATOM   1026 C  CB  . PRO A 1 144 ? -5.436  10.541  12.468  1.00 35.71 ? 667 PRO A CB  1 
ATOM   1027 C  CG  . PRO A 1 144 ? -6.324  11.718  12.213  1.00 36.65 ? 667 PRO A CG  1 
ATOM   1028 C  CD  . PRO A 1 144 ? -7.499  11.160  11.474  1.00 36.58 ? 667 PRO A CD  1 
ATOM   1029 N  N   . ILE A 1 145 ? -4.357  7.579   11.597  1.00 35.60 ? 668 ILE A N   1 
ATOM   1030 C  CA  . ILE A 1 145 ? -4.186  6.169   11.968  1.00 35.48 ? 668 ILE A CA  1 
ATOM   1031 C  C   . ILE A 1 145 ? -3.169  5.995   13.113  1.00 35.73 ? 668 ILE A C   1 
ATOM   1032 O  O   . ILE A 1 145 ? -2.608  6.979   13.595  1.00 35.20 ? 668 ILE A O   1 
ATOM   1033 C  CB  . ILE A 1 145 ? -3.811  5.294   10.723  1.00 35.33 ? 668 ILE A CB  1 
ATOM   1034 C  CG1 . ILE A 1 145 ? -2.734  5.970   9.864   1.00 35.70 ? 668 ILE A CG1 1 
ATOM   1035 C  CG2 . ILE A 1 145 ? -5.038  5.022   9.884   1.00 34.21 ? 668 ILE A CG2 1 
ATOM   1036 C  CD1 . ILE A 1 145 ? -1.364  6.117   10.548  1.00 37.54 ? 668 ILE A CD1 1 
ATOM   1037 N  N   . CYS A 1 146 ? -2.918  4.747   13.525  1.00 36.21 ? 669 CYS A N   1 
ATOM   1038 C  CA  . CYS A 1 146 ? -1.942  4.461   14.574  1.00 37.11 ? 669 CYS A CA  1 
ATOM   1039 C  C   . CYS A 1 146 ? -0.512  4.200   14.082  1.00 36.89 ? 669 CYS A C   1 
ATOM   1040 O  O   . CYS A 1 146 ? -0.300  3.563   13.052  1.00 37.76 ? 669 CYS A O   1 
ATOM   1041 C  CB  . CYS A 1 146 ? -2.409  3.265   15.405  1.00 37.49 ? 669 CYS A CB  1 
ATOM   1042 S  SG  . CYS A 1 146 ? -3.770  3.658   16.507  1.00 42.10 ? 669 CYS A SG  1 
ATOM   1043 N  N   . GLY A 1 147 ? 0.464   4.673   14.849  1.00 36.51 ? 670 GLY A N   1 
ATOM   1044 C  CA  . GLY A 1 147 ? 1.868   4.348   14.619  1.00 35.46 ? 670 GLY A CA  1 
ATOM   1045 C  C   . GLY A 1 147 ? 2.463   5.098   13.449  1.00 35.11 ? 670 GLY A C   1 
ATOM   1046 O  O   . GLY A 1 147 ? 3.308   4.555   12.715  1.00 35.04 ? 670 GLY A O   1 
ATOM   1047 N  N   . VAL A 1 148 ? 2.040   6.351   13.286  1.00 34.18 ? 671 VAL A N   1 
ATOM   1048 C  CA  . VAL A 1 148 ? 2.538   7.208   12.214  1.00 33.70 ? 671 VAL A CA  1 
ATOM   1049 C  C   . VAL A 1 148 ? 4.078   7.350   12.228  1.00 33.50 ? 671 VAL A C   1 
ATOM   1050 O  O   . VAL A 1 148 ? 4.727   7.316   11.154  1.00 34.03 ? 671 VAL A O   1 
ATOM   1051 C  CB  . VAL A 1 148 ? 1.795   8.582   12.164  1.00 33.90 ? 671 VAL A CB  1 
ATOM   1052 C  CG1 . VAL A 1 148 ? 2.175   9.489   13.362  1.00 33.80 ? 671 VAL A CG1 1 
ATOM   1053 C  CG2 . VAL A 1 148 ? 2.014   9.271   10.819  1.00 33.79 ? 671 VAL A CG2 1 
ATOM   1054 N  N   . ASP A 1 149 ? 4.650   7.440   13.432  1.00 32.10 ? 672 ASP A N   1 
ATOM   1055 C  CA  . ASP A 1 149 ? 6.094   7.570   13.640  1.00 31.02 ? 672 ASP A CA  1 
ATOM   1056 C  C   . ASP A 1 149 ? 6.878   6.365   13.096  1.00 30.20 ? 672 ASP A C   1 
ATOM   1057 O  O   . ASP A 1 149 ? 8.002   6.513   12.630  1.00 30.19 ? 672 ASP A O   1 
ATOM   1058 C  CB  . ASP A 1 149 ? 6.396   7.789   15.137  1.00 30.96 ? 672 ASP A CB  1 
ATOM   1059 C  CG  . ASP A 1 149 ? 6.069   9.230   15.624  1.00 32.19 ? 672 ASP A CG  1 
ATOM   1060 O  OD1 . ASP A 1 149 ? 5.947   10.146  14.775  1.00 32.33 ? 672 ASP A OD1 1 
ATOM   1061 O  OD2 . ASP A 1 149 ? 5.944   9.455   16.867  1.00 32.02 ? 672 ASP A OD2 1 
ATOM   1062 N  N   . ILE A 1 150 ? 6.282   5.176   13.178  1.00 29.23 ? 673 ILE A N   1 
ATOM   1063 C  CA  . ILE A 1 150 ? 6.899   3.940   12.697  1.00 28.01 ? 673 ILE A CA  1 
ATOM   1064 C  C   . ILE A 1 150 ? 6.691   3.801   11.176  1.00 27.22 ? 673 ILE A C   1 
ATOM   1065 O  O   . ILE A 1 150 ? 7.610   3.394   10.455  1.00 27.31 ? 673 ILE A O   1 
ATOM   1066 C  CB  . ILE A 1 150 ? 6.355   2.710   13.474  1.00 28.15 ? 673 ILE A CB  1 
ATOM   1067 C  CG1 . ILE A 1 150 ? 6.615   2.858   14.983  1.00 28.41 ? 673 ILE A CG1 1 
ATOM   1068 C  CG2 . ILE A 1 150 ? 6.935   1.392   12.952  1.00 26.95 ? 673 ILE A CG2 1 
ATOM   1069 C  CD1 . ILE A 1 150 ? 8.108   2.915   15.386  1.00 29.90 ? 673 ILE A CD1 1 
ATOM   1070 N  N   . ALA A 1 151 ? 5.492   4.157   10.703  1.00 26.43 ? 674 ALA A N   1 
ATOM   1071 C  CA  . ALA A 1 151 ? 5.192   4.315   9.274   1.00 25.79 ? 674 ALA A CA  1 
ATOM   1072 C  C   . ALA A 1 151 ? 6.165   5.277   8.604   1.00 25.51 ? 674 ALA A C   1 
ATOM   1073 O  O   . ALA A 1 151 ? 6.622   5.013   7.507   1.00 25.84 ? 674 ALA A O   1 
ATOM   1074 C  CB  . ALA A 1 151 ? 3.755   4.790   9.063   1.00 24.54 ? 674 ALA A CB  1 
ATOM   1075 N  N   . ALA A 1 152 ? 6.481   6.381   9.284   1.00 25.87 ? 675 ALA A N   1 
ATOM   1076 C  CA  . ALA A 1 152 ? 7.393   7.405   8.759   1.00 25.90 ? 675 ALA A CA  1 
ATOM   1077 C  C   . ALA A 1 152 ? 8.806   6.859   8.645   1.00 25.49 ? 675 ALA A C   1 
ATOM   1078 O  O   . ALA A 1 152 ? 9.459   7.049   7.632   1.00 26.43 ? 675 ALA A O   1 
ATOM   1079 C  CB  . ALA A 1 152 ? 7.361   8.695   9.622   1.00 25.06 ? 675 ALA A CB  1 
ATOM   1080 N  N   . ILE A 1 153 ? 9.270   6.164   9.671   1.00 25.43 ? 676 ILE A N   1 
ATOM   1081 C  CA  . ILE A 1 153 ? 10.593  5.536   9.619   1.00 25.17 ? 676 ILE A CA  1 
ATOM   1082 C  C   . ILE A 1 153 ? 10.687  4.549   8.435   1.00 24.62 ? 676 ILE A C   1 
ATOM   1083 O  O   . ILE A 1 153 ? 11.681  4.536   7.700   1.00 25.19 ? 676 ILE A O   1 
ATOM   1084 C  CB  . ILE A 1 153 ? 10.977  4.916   10.993  1.00 25.08 ? 676 ILE A CB  1 
ATOM   1085 C  CG1 . ILE A 1 153 ? 11.283  6.032   11.993  1.00 25.68 ? 676 ILE A CG1 1 
ATOM   1086 C  CG2 . ILE A 1 153 ? 12.186  3.955   10.874  1.00 25.78 ? 676 ILE A CG2 1 
ATOM   1087 C  CD1 . ILE A 1 153 ? 11.316  5.581   13.469  1.00 25.14 ? 676 ILE A CD1 1 
ATOM   1088 N  N   . ALA A 1 154 ? 9.638   3.769   8.214   1.00 23.97 ? 677 ALA A N   1 
ATOM   1089 C  CA  . ALA A 1 154 ? 9.652   2.786   7.115   1.00 23.72 ? 677 ALA A CA  1 
ATOM   1090 C  C   . ALA A 1 154 ? 9.766   3.470   5.753   1.00 23.80 ? 677 ALA A C   1 
ATOM   1091 O  O   . ALA A 1 154 ? 10.508  3.009   4.903   1.00 24.43 ? 677 ALA A O   1 
ATOM   1092 C  CB  . ALA A 1 154 ? 8.421   1.928   7.152   1.00 23.01 ? 677 ALA A CB  1 
ATOM   1093 N  N   . ALA A 1 155 ? 8.995   4.537   5.553   1.00 23.49 ? 678 ALA A N   1 
ATOM   1094 C  CA  . ALA A 1 155 ? 9.018   5.334   4.330   1.00 23.21 ? 678 ALA A CA  1 
ATOM   1095 C  C   . ALA A 1 155 ? 10.383  5.928   4.115   1.00 22.89 ? 678 ALA A C   1 
ATOM   1096 O  O   . ALA A 1 155 ? 10.962  5.768   3.048   1.00 23.20 ? 678 ALA A O   1 
ATOM   1097 C  CB  . ALA A 1 155 ? 7.956   6.460   4.397   1.00 22.62 ? 678 ALA A CB  1 
ATOM   1098 N  N   . HIS A 1 156 ? 10.893  6.604   5.148   1.00 23.02 ? 679 HIS A N   1 
ATOM   1099 C  CA  . HIS A 1 156 ? 12.189  7.280   5.105   1.00 22.53 ? 679 HIS A CA  1 
ATOM   1100 C  C   . HIS A 1 156 ? 13.350  6.336   4.888   1.00 21.77 ? 679 HIS A C   1 
ATOM   1101 O  O   . HIS A 1 156 ? 14.335  6.727   4.262   1.00 22.84 ? 679 HIS A O   1 
ATOM   1102 C  CB  . HIS A 1 156 ? 12.431  8.132   6.376   1.00 23.01 ? 679 HIS A CB  1 
ATOM   1103 C  CG  . HIS A 1 156 ? 11.414  9.218   6.585   1.00 23.81 ? 679 HIS A CG  1 
ATOM   1104 N  ND1 . HIS A 1 156 ? 11.290  9.909   7.774   1.00 25.47 ? 679 HIS A ND1 1 
ATOM   1105 C  CD2 . HIS A 1 156 ? 10.456  9.709   5.763   1.00 23.89 ? 679 HIS A CD2 1 
ATOM   1106 C  CE1 . HIS A 1 156 ? 10.304  10.781  7.673   1.00 25.52 ? 679 HIS A CE1 1 
ATOM   1107 N  NE2 . HIS A 1 156 ? 9.783   10.683  6.461   1.00 25.00 ? 679 HIS A NE2 1 
ATOM   1108 N  N   . GLU A 1 157 ? 13.263  5.108   5.392   1.00 20.67 ? 680 GLU A N   1 
ATOM   1109 C  CA  . GLU A 1 157 ? 14.334  4.131   5.155   1.00 20.73 ? 680 GLU A CA  1 
ATOM   1110 C  C   . GLU A 1 157 ? 14.495  3.825   3.657   1.00 19.19 ? 680 GLU A C   1 
ATOM   1111 O  O   . GLU A 1 157 ? 15.541  3.377   3.205   1.00 18.29 ? 680 GLU A O   1 
ATOM   1112 C  CB  . GLU A 1 157 ? 14.152  2.856   6.010   1.00 20.17 ? 680 GLU A CB  1 
ATOM   1113 C  CG  . GLU A 1 157 ? 14.650  3.058   7.465   1.00 23.63 ? 680 GLU A CG  1 
ATOM   1114 C  CD  . GLU A 1 157 ? 14.395  1.859   8.397   1.00 23.92 ? 680 GLU A CD  1 
ATOM   1115 O  OE1 . GLU A 1 157 ? 13.599  0.967   8.007   1.00 28.57 ? 680 GLU A OE1 1 
ATOM   1116 O  OE2 . GLU A 1 157 ? 14.981  1.826   9.517   1.00 24.15 ? 680 GLU A OE2 1 
ATOM   1117 N  N   . GLN A 1 158 ? 13.454  4.106   2.886   1.00 18.81 ? 681 GLN A N   1 
ATOM   1118 C  CA  . GLN A 1 158 ? 13.521  3.902   1.454   1.00 17.73 ? 681 GLN A CA  1 
ATOM   1119 C  C   . GLN A 1 158 ? 13.570  5.227   0.678   1.00 18.10 ? 681 GLN A C   1 
ATOM   1120 O  O   . GLN A 1 158 ? 13.335  5.264   -0.543  1.00 18.57 ? 681 GLN A O   1 
ATOM   1121 C  CB  . GLN A 1 158 ? 12.417  2.944   1.013   1.00 17.15 ? 681 GLN A CB  1 
ATOM   1122 C  CG  . GLN A 1 158 ? 12.670  1.530   1.565   1.00 15.23 ? 681 GLN A CG  1 
ATOM   1123 C  CD  . GLN A 1 158 ? 11.920  0.431   0.831   1.00 16.59 ? 681 GLN A CD  1 
ATOM   1124 O  OE1 . GLN A 1 158 ? 11.908  0.395   -0.409  1.00 14.21 ? 681 GLN A OE1 1 
ATOM   1125 N  NE2 . GLN A 1 158 ? 11.308  -0.506  1.601   1.00 13.68 ? 681 GLN A NE2 1 
ATOM   1126 N  N   . GLY A 1 159 ? 13.888  6.310   1.399   1.00 18.01 ? 682 GLY A N   1 
ATOM   1127 C  CA  . GLY A 1 159 ? 13.998  7.653   0.822   1.00 17.39 ? 682 GLY A CA  1 
ATOM   1128 C  C   . GLY A 1 159 ? 12.696  8.212   0.295   1.00 17.63 ? 682 GLY A C   1 
ATOM   1129 O  O   . GLY A 1 159 ? 12.707  9.059   -0.598  1.00 17.73 ? 682 GLY A O   1 
ATOM   1130 N  N   . LEU A 1 160 ? 11.568  7.764   0.858   1.00 18.15 ? 683 LEU A N   1 
ATOM   1131 C  CA  . LEU A 1 160 ? 10.224  8.169   0.389   1.00 18.59 ? 683 LEU A CA  1 
ATOM   1132 C  C   . LEU A 1 160 ? 9.472   9.043   1.389   1.00 19.02 ? 683 LEU A C   1 
ATOM   1133 O  O   . LEU A 1 160 ? 9.539   8.808   2.594   1.00 19.14 ? 683 LEU A O   1 
ATOM   1134 C  CB  . LEU A 1 160 ? 9.365   6.940   0.068   1.00 18.31 ? 683 LEU A CB  1 
ATOM   1135 C  CG  . LEU A 1 160 ? 9.899   5.927   -0.973  1.00 17.65 ? 683 LEU A CG  1 
ATOM   1136 C  CD1 . LEU A 1 160 ? 9.066   4.632   -0.868  1.00 14.25 ? 683 LEU A CD1 1 
ATOM   1137 C  CD2 . LEU A 1 160 ? 9.797   6.540   -2.357  1.00 13.68 ? 683 LEU A CD2 1 
ATOM   1138 N  N   . PRO A 1 161 ? 8.747   10.072  0.892   1.00 19.54 ? 684 PRO A N   1 
ATOM   1139 C  CA  . PRO A 1 161 ? 7.925   10.844  1.850   1.00 19.45 ? 684 PRO A CA  1 
ATOM   1140 C  C   . PRO A 1 161 ? 6.693   10.059  2.292   1.00 19.93 ? 684 PRO A C   1 
ATOM   1141 O  O   . PRO A 1 161 ? 6.162   9.275   1.499   1.00 20.47 ? 684 PRO A O   1 
ATOM   1142 C  CB  . PRO A 1 161 ? 7.505   12.074  1.040   1.00 18.90 ? 684 PRO A CB  1 
ATOM   1143 C  CG  . PRO A 1 161 ? 7.493   11.594  -0.379  1.00 18.52 ? 684 PRO A CG  1 
ATOM   1144 C  CD  . PRO A 1 161 ? 8.641   10.598  -0.485  1.00 18.39 ? 684 PRO A CD  1 
ATOM   1145 N  N   . LEU A 1 162 ? 6.256   10.287  3.540   1.00 19.86 ? 685 LEU A N   1 
ATOM   1146 C  CA  . LEU A 1 162 ? 4.986   9.784   4.061   1.00 19.71 ? 685 LEU A CA  1 
ATOM   1147 C  C   . LEU A 1 162 ? 3.879   10.833  3.874   1.00 20.67 ? 685 LEU A C   1 
ATOM   1148 O  O   . LEU A 1 162 ? 4.033   11.990  4.255   1.00 19.34 ? 685 LEU A O   1 
ATOM   1149 C  CB  . LEU A 1 162 ? 5.104   9.390   5.553   1.00 19.28 ? 685 LEU A CB  1 
ATOM   1150 C  CG  . LEU A 1 162 ? 3.897   8.674   6.191   1.00 18.73 ? 685 LEU A CG  1 
ATOM   1151 C  CD1 . LEU A 1 162 ? 3.590   7.310   5.516   1.00 16.61 ? 685 LEU A CD1 1 
ATOM   1152 C  CD2 . LEU A 1 162 ? 4.052   8.498   7.683   1.00 18.33 ? 685 LEU A CD2 1 
ATOM   1153 N  N   . ILE A 1 163 ? 2.766   10.389  3.283   1.00 22.70 ? 686 ILE A N   1 
ATOM   1154 C  CA  . ILE A 1 163 ? 1.605   11.217  2.957   1.00 23.54 ? 686 ILE A CA  1 
ATOM   1155 C  C   . ILE A 1 163 ? 0.458   10.719  3.834   1.00 25.22 ? 686 ILE A C   1 
ATOM   1156 O  O   . ILE A 1 163 ? 0.240   9.513   3.956   1.00 24.88 ? 686 ILE A O   1 
ATOM   1157 C  CB  . ILE A 1 163 ? 1.179   11.027  1.495   1.00 24.24 ? 686 ILE A CB  1 
ATOM   1158 C  CG1 . ILE A 1 163 ? 2.402   10.959  0.539   1.00 23.45 ? 686 ILE A CG1 1 
ATOM   1159 C  CG2 . ILE A 1 163 ? 0.122   12.072  1.101   1.00 22.68 ? 686 ILE A CG2 1 
ATOM   1160 C  CD1 . ILE A 1 163 ? 3.382   12.220  0.629   1.00 21.49 ? 686 ILE A CD1 1 
ATOM   1161 N  N   . GLY A 1 164 ? -0.255  11.653  4.473   1.00 26.37 ? 687 GLY A N   1 
ATOM   1162 C  CA  . GLY A 1 164 ? -1.398  11.304  5.300   1.00 26.66 ? 687 GLY A CA  1 
ATOM   1163 C  C   . GLY A 1 164 ? -2.106  12.553  5.770   1.00 27.76 ? 687 GLY A C   1 
ATOM   1164 O  O   . GLY A 1 164 ? -1.891  13.639  5.217   1.00 28.40 ? 687 GLY A O   1 
ATOM   1165 N  N   . ASN A 1 165 ? -2.948  12.418  6.792   1.00 27.74 ? 688 ASN A N   1 
ATOM   1166 C  CA  . ASN A 1 165 ? -3.623  13.581  7.343   1.00 28.28 ? 688 ASN A CA  1 
ATOM   1167 C  C   . ASN A 1 165 ? -3.456  13.671  8.864   1.00 28.78 ? 688 ASN A C   1 
ATOM   1168 O  O   . ASN A 1 165 ? -4.428  13.553  9.610   1.00 28.64 ? 688 ASN A O   1 
ATOM   1169 C  CB  . ASN A 1 165 ? -5.103  13.562  6.942   1.00 28.57 ? 688 ASN A CB  1 
ATOM   1170 C  CG  . ASN A 1 165 ? -5.830  14.866  7.274   1.00 28.90 ? 688 ASN A CG  1 
ATOM   1171 O  OD1 . ASN A 1 165 ? -5.210  15.919  7.456   1.00 28.53 ? 688 ASN A OD1 1 
ATOM   1172 N  ND2 . ASN A 1 165 ? -7.159  14.792  7.351   1.00 28.25 ? 688 ASN A ND2 1 
ATOM   1173 N  N   . GLN A 1 166 ? -2.219  13.871  9.321   1.00 29.01 ? 689 GLN A N   1 
ATOM   1174 C  CA  . GLN A 1 166 ? -1.954  13.940  10.762  1.00 29.34 ? 689 GLN A CA  1 
ATOM   1175 C  C   . GLN A 1 166 ? -0.517  14.405  11.050  1.00 29.90 ? 689 GLN A C   1 
ATOM   1176 O  O   . GLN A 1 166 ? 0.335   14.331  10.166  1.00 30.40 ? 689 GLN A O   1 
ATOM   1177 C  CB  . GLN A 1 166 ? -2.226  12.567  11.412  1.00 29.68 ? 689 GLN A CB  1 
ATOM   1178 C  CG  . GLN A 1 166 ? -1.313  11.444  10.935  1.00 28.12 ? 689 GLN A CG  1 
ATOM   1179 C  CD  . GLN A 1 166 ? -1.793  10.051  11.360  1.00 28.12 ? 689 GLN A CD  1 
ATOM   1180 O  OE1 . GLN A 1 166 ? -2.413  9.326   10.581  1.00 28.37 ? 689 GLN A OE1 1 
ATOM   1181 N  NE2 . GLN A 1 166 ? -1.498  9.679   12.588  1.00 25.52 ? 689 GLN A NE2 1 
ATOM   1182 N  N   . PRO A 1 167 ? -0.251  14.915  12.268  1.00 30.06 ? 690 PRO A N   1 
ATOM   1183 C  CA  . PRO A 1 167 ? 1.146   15.116  12.672  1.00 30.43 ? 690 PRO A CA  1 
ATOM   1184 C  C   . PRO A 1 167 ? 2.002   13.846  12.518  1.00 31.06 ? 690 PRO A C   1 
ATOM   1185 O  O   . PRO A 1 167 ? 1.571   12.734  12.880  1.00 31.12 ? 690 PRO A O   1 
ATOM   1186 C  CB  . PRO A 1 167 ? 1.030   15.491  14.150  1.00 30.75 ? 690 PRO A CB  1 
ATOM   1187 C  CG  . PRO A 1 167 ? -0.335  16.129  14.273  1.00 29.96 ? 690 PRO A CG  1 
ATOM   1188 C  CD  . PRO A 1 167 ? -1.203  15.366  13.307  1.00 30.39 ? 690 PRO A CD  1 
ATOM   1189 N  N   . GLY A 1 168 ? 3.212   14.015  11.998  1.00 30.99 ? 691 GLY A N   1 
ATOM   1190 C  CA  . GLY A 1 168 ? 4.070   12.873  11.737  1.00 31.53 ? 691 GLY A CA  1 
ATOM   1191 C  C   . GLY A 1 168 ? 4.294   12.590  10.262  1.00 31.37 ? 691 GLY A C   1 
ATOM   1192 O  O   . GLY A 1 168 ? 5.360   12.118  9.887   1.00 31.94 ? 691 GLY A O   1 
ATOM   1193 N  N   . VAL A 1 169 ? 3.305   12.859  9.416   1.00 31.33 ? 692 VAL A N   1 
ATOM   1194 C  CA  . VAL A 1 169 ? 3.511   12.654  7.979   1.00 31.49 ? 692 VAL A CA  1 
ATOM   1195 C  C   . VAL A 1 169 ? 4.439   13.757  7.445   1.00 32.39 ? 692 VAL A C   1 
ATOM   1196 O  O   . VAL A 1 169 ? 4.733   14.739  8.158   1.00 32.48 ? 692 VAL A O   1 
ATOM   1197 C  CB  . VAL A 1 169 ? 2.178   12.530  7.165   1.00 31.23 ? 692 VAL A CB  1 
ATOM   1198 C  CG1 . VAL A 1 169 ? 1.292   11.428  7.762   1.00 29.36 ? 692 VAL A CG1 1 
ATOM   1199 C  CG2 . VAL A 1 169 ? 1.426   13.868  7.094   1.00 30.12 ? 692 VAL A CG2 1 
ATOM   1200 N  N   . ASP A 1 170 ? 4.912   13.596  6.210   1.00 32.08 ? 693 ASP A N   1 
ATOM   1201 C  CA  . ASP A 1 170 ? 5.757   14.616  5.592   1.00 31.69 ? 693 ASP A CA  1 
ATOM   1202 C  C   . ASP A 1 170 ? 4.939   15.661  4.851   1.00 31.25 ? 693 ASP A C   1 
ATOM   1203 O  O   . ASP A 1 170 ? 5.379   16.795  4.678   1.00 30.68 ? 693 ASP A O   1 
ATOM   1204 C  CB  . ASP A 1 170 ? 6.761   13.950  4.656   1.00 31.53 ? 693 ASP A CB  1 
ATOM   1205 C  CG  . ASP A 1 170 ? 7.759   13.139  5.409   1.00 32.11 ? 693 ASP A CG  1 
ATOM   1206 O  OD1 . ASP A 1 170 ? 8.443   13.731  6.281   1.00 33.84 ? 693 ASP A OD1 1 
ATOM   1207 O  OD2 . ASP A 1 170 ? 7.827   11.911  5.178   1.00 34.08 ? 693 ASP A OD2 1 
ATOM   1208 N  N   . GLU A 1 171 ? 3.754   15.248  4.406   1.00 30.95 ? 694 GLU A N   1 
ATOM   1209 C  CA  . GLU A 1 171 ? 2.867   16.061  3.596   1.00 30.89 ? 694 GLU A CA  1 
ATOM   1210 C  C   . GLU A 1 171 ? 1.455   15.758  4.051   1.00 30.52 ? 694 GLU A C   1 
ATOM   1211 O  O   . GLU A 1 171 ? 0.987   14.622  3.952   1.00 29.96 ? 694 GLU A O   1 
ATOM   1212 C  CB  . GLU A 1 171 ? 3.020   15.720  2.110   1.00 30.77 ? 694 GLU A CB  1 
ATOM   1213 C  CG  . GLU A 1 171 ? 4.436   15.907  1.544   1.00 32.22 ? 694 GLU A CG  1 
ATOM   1214 C  CD  . GLU A 1 171 ? 4.699   17.317  1.024   1.00 34.22 ? 694 GLU A CD  1 
ATOM   1215 O  OE1 . GLU A 1 171 ? 5.887   17.690  0.900   1.00 35.16 ? 694 GLU A OE1 1 
ATOM   1216 O  OE2 . GLU A 1 171 ? 3.722   18.050  0.744   1.00 34.93 ? 694 GLU A OE2 1 
ATOM   1217 N  N   . GLU A 1 172 ? 0.772   16.776  4.558   1.00 30.64 ? 695 GLU A N   1 
ATOM   1218 C  CA  . GLU A 1 172 ? -0.560  16.570  5.100   1.00 30.70 ? 695 GLU A CA  1 
ATOM   1219 C  C   . GLU A 1 172 ? -1.595  16.915  4.040   1.00 30.55 ? 695 GLU A C   1 
ATOM   1220 O  O   . GLU A 1 172 ? -1.565  17.995  3.470   1.00 31.01 ? 695 GLU A O   1 
ATOM   1221 C  CB  . GLU A 1 172 ? -0.748  17.376  6.386   1.00 30.69 ? 695 GLU A CB  1 
ATOM   1222 C  CG  . GLU A 1 172 ? 0.486   17.368  7.274   1.00 31.44 ? 695 GLU A CG  1 
ATOM   1223 C  CD  . GLU A 1 172 ? 0.213   17.782  8.711   1.00 33.75 ? 695 GLU A CD  1 
ATOM   1224 O  OE1 . GLU A 1 172 ? -0.969  17.770  9.142   1.00 34.40 ? 695 GLU A OE1 1 
ATOM   1225 O  OE2 . GLU A 1 172 ? 1.197   18.111  9.415   1.00 33.92 ? 695 GLU A OE2 1 
ATOM   1226 N  N   . VAL A 1 173 ? -2.479  15.971  3.751   1.00 30.26 ? 696 VAL A N   1 
ATOM   1227 C  CA  . VAL A 1 173 ? -3.526  16.148  2.744   1.00 29.71 ? 696 VAL A CA  1 
ATOM   1228 C  C   . VAL A 1 173 ? -4.852  15.713  3.380   1.00 29.98 ? 696 VAL A C   1 
ATOM   1229 O  O   . VAL A 1 173 ? -4.940  14.612  3.977   1.00 29.99 ? 696 VAL A O   1 
ATOM   1230 C  CB  . VAL A 1 173 ? -3.232  15.318  1.433   1.00 30.17 ? 696 VAL A CB  1 
ATOM   1231 C  CG1 . VAL A 1 173 ? -2.110  15.943  0.610   1.00 28.95 ? 696 VAL A CG1 1 
ATOM   1232 C  CG2 . VAL A 1 173 ? -2.904  13.879  1.752   1.00 28.29 ? 696 VAL A CG2 1 
ATOM   1233 N  N   . ARG A 1 174 ? -5.864  16.572  3.269   1.00 29.56 ? 697 ARG A N   1 
ATOM   1234 C  CA  . ARG A 1 174 ? -7.154  16.392  3.958   1.00 29.75 ? 697 ARG A CA  1 
ATOM   1235 C  C   . ARG A 1 174 ? -8.044  15.291  3.362   1.00 29.56 ? 697 ARG A C   1 
ATOM   1236 O  O   . ARG A 1 174 ? -8.816  14.644  4.074   1.00 29.48 ? 697 ARG A O   1 
ATOM   1237 C  CB  . ARG A 1 174 ? -7.937  17.757  4.032   1.00 29.54 ? 697 ARG A CB  1 
ATOM   1238 N  N   . ASN A 1 175 ? -7.941  15.089  2.057   1.00 29.83 ? 698 ASN A N   1 
ATOM   1239 C  CA  . ASN A 1 175 ? -8.829  14.170  1.341   1.00 30.30 ? 698 ASN A CA  1 
ATOM   1240 C  C   . ASN A 1 175 ? -8.133  13.504  0.152   1.00 30.27 ? 698 ASN A C   1 
ATOM   1241 O  O   . ASN A 1 175 ? -6.990  13.838  -0.172  1.00 30.56 ? 698 ASN A O   1 
ATOM   1242 C  CB  . ASN A 1 175 ? -10.168 14.854  0.948   1.00 29.95 ? 698 ASN A CB  1 
ATOM   1243 C  CG  . ASN A 1 175 ? -10.005 15.946  -0.101  1.00 31.06 ? 698 ASN A CG  1 
ATOM   1244 O  OD1 . ASN A 1 175 ? -9.455  15.720  -1.176  1.00 35.16 ? 698 ASN A OD1 1 
ATOM   1245 N  ND2 . ASN A 1 175 ? -10.500 17.141  0.206   1.00 30.03 ? 698 ASN A ND2 1 
ATOM   1246 N  N   . THR A 1 176 ? -8.808  12.557  -0.489  1.00 30.45 ? 699 THR A N   1 
ATOM   1247 C  CA  . THR A 1 176 ? -8.179  11.770  -1.572  1.00 30.66 ? 699 THR A CA  1 
ATOM   1248 C  C   . THR A 1 176 ? -7.793  12.600  -2.818  1.00 30.32 ? 699 THR A C   1 
ATOM   1249 O  O   . THR A 1 176 ? -6.776  12.330  -3.461  1.00 30.53 ? 699 THR A O   1 
ATOM   1250 C  CB  . THR A 1 176 ? -9.081  10.634  -1.993  1.00 30.85 ? 699 THR A CB  1 
ATOM   1251 O  OG1 . THR A 1 176 ? -10.388 11.163  -2.231  1.00 31.24 ? 699 THR A OG1 1 
ATOM   1252 C  CG2 . THR A 1 176 ? -9.164  9.600   -0.882  1.00 31.37 ? 699 THR A CG2 1 
ATOM   1253 N  N   . SER A 1 177 ? -8.606  13.612  -3.125  1.00 30.03 ? 700 SER A N   1 
ATOM   1254 C  CA  . SER A 1 177 ? -8.371  14.541  -4.227  1.00 29.56 ? 700 SER A CA  1 
ATOM   1255 C  C   . SER A 1 177 ? -7.100  15.376  -4.059  1.00 28.94 ? 700 SER A C   1 
ATOM   1256 O  O   . SER A 1 177 ? -6.417  15.656  -5.035  1.00 29.48 ? 700 SER A O   1 
ATOM   1257 C  CB  . SER A 1 177 ? -9.577  15.479  -4.369  1.00 30.10 ? 700 SER A CB  1 
ATOM   1258 O  OG  . SER A 1 177 ? -10.787 14.769  -4.611  1.00 30.67 ? 700 SER A OG  1 
ATOM   1259 N  N   . LEU A 1 178 ? -6.810  15.798  -2.830  1.00 28.60 ? 701 LEU A N   1 
ATOM   1260 C  CA  . LEU A 1 178 ? -5.570  16.512  -2.502  1.00 28.21 ? 701 LEU A CA  1 
ATOM   1261 C  C   . LEU A 1 178 ? -4.350  15.575  -2.565  1.00 28.12 ? 701 LEU A C   1 
ATOM   1262 O  O   . LEU A 1 178 ? -3.252  16.001  -2.932  1.00 27.94 ? 701 LEU A O   1 
ATOM   1263 C  CB  . LEU A 1 178 ? -5.662  17.184  -1.119  1.00 27.99 ? 701 LEU A CB  1 
ATOM   1264 C  CG  . LEU A 1 178 ? -6.621  18.396  -0.968  1.00 30.39 ? 701 LEU A CG  1 
ATOM   1265 C  CD1 . LEU A 1 178 ? -6.863  18.752  0.497   1.00 31.29 ? 701 LEU A CD1 1 
ATOM   1266 C  CD2 . LEU A 1 178 ? -6.092  19.598  -1.712  1.00 31.09 ? 701 LEU A CD2 1 
ATOM   1267 N  N   . ALA A 1 179 ? -4.555  14.309  -2.203  1.00 27.97 ? 702 ALA A N   1 
ATOM   1268 C  CA  . ALA A 1 179 ? -3.487  13.300  -2.277  1.00 27.92 ? 702 ALA A CA  1 
ATOM   1269 C  C   . ALA A 1 179 ? -3.217  12.976  -3.738  1.00 28.02 ? 702 ALA A C   1 
ATOM   1270 O  O   . ALA A 1 179 ? -2.055  12.951  -4.166  1.00 28.00 ? 702 ALA A O   1 
ATOM   1271 C  CB  . ALA A 1 179 ? -3.855  12.043  -1.481  1.00 27.52 ? 702 ALA A CB  1 
ATOM   1272 N  N   . ALA A 1 180 ? -4.292  12.771  -4.511  1.00 27.93 ? 703 ALA A N   1 
ATOM   1273 C  CA  . ALA A 1 180 ? -4.167  12.522  -5.944  1.00 28.29 ? 703 ALA A CA  1 
ATOM   1274 C  C   . ALA A 1 180 ? -3.428  13.680  -6.636  1.00 28.99 ? 703 ALA A C   1 
ATOM   1275 O  O   . ALA A 1 180 ? -2.723  13.456  -7.603  1.00 28.76 ? 703 ALA A O   1 
ATOM   1276 C  CB  . ALA A 1 180 ? -5.545  12.324  -6.569  1.00 28.33 ? 703 ALA A CB  1 
ATOM   1277 N  N   . HIS A 1 181 ? -3.619  14.907  -6.136  1.00 29.70 ? 704 HIS A N   1 
ATOM   1278 C  CA  . HIS A 1 181 ? -2.931  16.096  -6.645  1.00 30.51 ? 704 HIS A CA  1 
ATOM   1279 C  C   . HIS A 1 181 ? -1.427  16.109  -6.347  1.00 30.71 ? 704 HIS A C   1 
ATOM   1280 O  O   . HIS A 1 181 ? -0.652  16.515  -7.216  1.00 30.20 ? 704 HIS A O   1 
ATOM   1281 C  CB  . HIS A 1 181 ? -3.625  17.380  -6.159  1.00 30.37 ? 704 HIS A CB  1 
ATOM   1282 C  CG  . HIS A 1 181 ? -3.027  18.648  -6.699  1.00 31.70 ? 704 HIS A CG  1 
ATOM   1283 N  ND1 . HIS A 1 181 ? -3.187  19.055  -8.011  1.00 32.52 ? 704 HIS A ND1 1 
ATOM   1284 C  CD2 . HIS A 1 181 ? -2.277  19.606  -6.097  1.00 30.94 ? 704 HIS A CD2 1 
ATOM   1285 C  CE1 . HIS A 1 181 ? -2.553  20.201  -8.191  1.00 30.78 ? 704 HIS A CE1 1 
ATOM   1286 N  NE2 . HIS A 1 181 ? -1.996  20.557  -7.045  1.00 30.08 ? 704 HIS A NE2 1 
ATOM   1287 N  N   . LEU A 1 182 ? -1.020  15.677  -5.142  1.00 31.75 ? 705 LEU A N   1 
ATOM   1288 C  CA  . LEU A 1 182 ? 0.400   15.509  -4.795  1.00 32.96 ? 705 LEU A CA  1 
ATOM   1289 C  C   . LEU A 1 182 ? 1.044   14.545  -5.772  1.00 33.04 ? 705 LEU A C   1 
ATOM   1290 O  O   . LEU A 1 182 ? 2.195   14.730  -6.198  1.00 32.32 ? 705 LEU A O   1 
ATOM   1291 C  CB  . LEU A 1 182 ? 0.600   14.952  -3.378  1.00 33.70 ? 705 LEU A CB  1 
ATOM   1292 C  CG  . LEU A 1 182 ? 0.680   15.866  -2.138  1.00 36.19 ? 705 LEU A CG  1 
ATOM   1293 C  CD1 . LEU A 1 182 ? 1.173   15.026  -0.964  1.00 35.72 ? 705 LEU A CD1 1 
ATOM   1294 C  CD2 . LEU A 1 182 ? 1.576   17.132  -2.297  1.00 36.32 ? 705 LEU A CD2 1 
ATOM   1295 N  N   . ILE A 1 183 ? 0.277   13.513  -6.123  1.00 33.74 ? 706 ILE A N   1 
ATOM   1296 C  CA  . ILE A 1 183 ? 0.698   12.564  -7.135  1.00 34.34 ? 706 ILE A CA  1 
ATOM   1297 C  C   . ILE A 1 183 ? 1.097   13.325  -8.402  1.00 34.66 ? 706 ILE A C   1 
ATOM   1298 O  O   . ILE A 1 183 ? 2.172   13.079  -8.953  1.00 34.29 ? 706 ILE A O   1 
ATOM   1299 C  CB  . ILE A 1 183 ? -0.347  11.433  -7.373  1.00 33.84 ? 706 ILE A CB  1 
ATOM   1300 C  CG1 . ILE A 1 183 ? -0.409  10.516  -6.142  1.00 33.69 ? 706 ILE A CG1 1 
ATOM   1301 C  CG2 . ILE A 1 183 ? 0.023   10.593  -8.614  1.00 34.43 ? 706 ILE A CG2 1 
ATOM   1302 C  CD1 . ILE A 1 183 ? -1.576  9.569   -6.137  1.00 30.31 ? 706 ILE A CD1 1 
ATOM   1303 N  N   . GLN A 1 184 ? 0.253   14.273  -8.815  1.00 35.87 ? 707 GLN A N   1 
ATOM   1304 C  CA  . GLN A 1 184 ? 0.482   15.108  -10.028 1.00 37.61 ? 707 GLN A CA  1 
ATOM   1305 C  C   . GLN A 1 184 ? 1.595   16.174  -9.954  1.00 37.89 ? 707 GLN A C   1 
ATOM   1306 O  O   . GLN A 1 184 ? 2.104   16.588  -10.993 1.00 38.49 ? 707 GLN A O   1 
ATOM   1307 C  CB  . GLN A 1 184 ? -0.815  15.799  -10.469 1.00 37.91 ? 707 GLN A CB  1 
ATOM   1308 C  CG  . GLN A 1 184 ? -2.006  14.857  -10.691 1.00 40.80 ? 707 GLN A CG  1 
ATOM   1309 C  CD  . GLN A 1 184 ? -1.890  14.033  -11.973 1.00 44.21 ? 707 GLN A CD  1 
ATOM   1310 O  OE1 . GLN A 1 184 ? -1.078  14.335  -12.863 1.00 44.83 ? 707 GLN A OE1 1 
ATOM   1311 N  NE2 . GLN A 1 184 ? -2.714  12.993  -12.077 1.00 44.04 ? 707 GLN A NE2 1 
ATOM   1312 N  N   . THR A 1 185 ? 1.938   16.646  -8.754  1.00 38.53 ? 708 THR A N   1 
ATOM   1313 C  CA  . THR A 1 185 ? 2.862   17.788  -8.588  1.00 39.33 ? 708 THR A CA  1 
ATOM   1314 C  C   . THR A 1 185 ? 4.242   17.381  -8.069  1.00 40.06 ? 708 THR A C   1 
ATOM   1315 O  O   . THR A 1 185 ? 5.237   18.042  -8.358  1.00 40.58 ? 708 THR A O   1 
ATOM   1316 C  CB  . THR A 1 185 ? 2.308   18.920  -7.629  1.00 39.06 ? 708 THR A CB  1 
ATOM   1317 O  OG1 . THR A 1 185 ? 2.175   18.426  -6.297  1.00 38.42 ? 708 THR A OG1 1 
ATOM   1318 C  CG2 . THR A 1 185 ? 0.970   19.483  -8.098  1.00 39.28 ? 708 THR A CG2 1 
ATOM   1319 N  N   . GLY A 1 186 ? 4.287   16.324  -7.265  1.00 41.11 ? 709 GLY A N   1 
ATOM   1320 C  CA  . GLY A 1 186 ? 5.523   15.924  -6.569  1.00 41.84 ? 709 GLY A CA  1 
ATOM   1321 C  C   . GLY A 1 186 ? 5.642   16.565  -5.191  1.00 41.96 ? 709 GLY A C   1 
ATOM   1322 O  O   . GLY A 1 186 ? 4.839   17.411  -4.829  1.00 41.61 ? 709 GLY A O   1 
ATOM   1323 N  N   . THR A 1 187 ? 6.666   16.157  -4.443  1.00 42.52 ? 710 THR A N   1 
ATOM   1324 C  CA  . THR A 1 187 ? 6.910   16.593  -3.066  1.00 43.17 ? 710 THR A CA  1 
ATOM   1325 C  C   . THR A 1 187 ? 8.422   16.807  -2.867  1.00 43.46 ? 710 THR A C   1 
ATOM   1326 O  O   . THR A 1 187 ? 9.139   17.115  -3.819  1.00 43.21 ? 710 THR A O   1 
ATOM   1327 C  CB  . THR A 1 187 ? 6.480   15.495  -2.051  1.00 43.16 ? 710 THR A CB  1 
ATOM   1328 O  OG1 . THR A 1 187 ? 7.255   14.317  -2.284  1.00 43.01 ? 710 THR A OG1 1 
ATOM   1329 C  CG2 . THR A 1 187 ? 5.018   15.140  -2.188  1.00 43.69 ? 710 THR A CG2 1 
ATOM   1330 N  N   . LEU A 1 188 ? 8.879   16.645  -1.616  1.00 43.88 ? 711 LEU A N   1 
ATOM   1331 C  CA  . LEU A 1 188 ? 10.274  16.305  -1.293  1.00 43.91 ? 711 LEU A CA  1 
ATOM   1332 C  C   . LEU A 1 188 ? 10.413  15.976  0.198   1.00 44.12 ? 711 LEU A C   1 
ATOM   1333 O  O   . LEU A 1 188 ? 11.525  15.888  0.740   1.00 44.37 ? 711 LEU A O   1 
ATOM   1334 C  CB  . LEU A 1 188 ? 11.254  17.407  -1.712  1.00 43.88 ? 711 LEU A CB  1 
ATOM   1335 C  CG  . LEU A 1 188 ? 12.456  16.958  -2.560  1.00 43.72 ? 711 LEU A CG  1 
ATOM   1336 C  CD1 . LEU A 1 188 ? 13.176  18.176  -3.107  1.00 44.25 ? 711 LEU A CD1 1 
ATOM   1337 C  CD2 . LEU A 1 188 ? 13.433  16.048  -1.817  1.00 43.11 ? 711 LEU A CD2 1 
HETATM 1338 O  O   . HOH B 2 .   ? 0.601   3.177   9.172   1.00 33.76 ? 717 HOH A O   1 
HETATM 1339 O  O   . HOH B 2 .   ? -3.724  -0.309  9.861   1.00 23.48 ? 718 HOH A O   1 
HETATM 1340 O  O   . HOH B 2 .   ? -1.127  -5.091  9.819   1.00 26.02 ? 719 HOH A O   1 
HETATM 1341 O  O   . HOH B 2 .   ? -1.419  -8.885  11.220  1.00 38.43 ? 720 HOH A O   1 
HETATM 1342 O  O   . HOH B 2 .   ? 2.309   -9.422  11.805  1.00 34.79 ? 721 HOH A O   1 
HETATM 1343 O  O   . HOH B 2 .   ? 5.596   -8.978  12.458  1.00 45.89 ? 722 HOH A O   1 
HETATM 1344 O  O   . HOH B 2 .   ? 0.849   -7.254  8.737   1.00 36.30 ? 723 HOH A O   1 
HETATM 1345 O  O   . HOH B 2 .   ? 5.338   -19.317 7.114   1.00 11.69 ? 724 HOH A O   1 
HETATM 1346 O  O   . HOH B 2 .   ? 2.783   5.027   -3.698  1.00 10.58 ? 725 HOH A O   1 
HETATM 1347 O  O   . HOH B 2 .   ? 13.502  1.694   -2.123  1.00 17.27 ? 726 HOH A O   1 
HETATM 1348 O  O   . HOH B 2 .   ? 14.440  4.632   -5.647  1.00 42.79 ? 727 HOH A O   1 
HETATM 1349 O  O   . HOH B 2 .   ? 5.342   -12.301 2.767   1.00 11.63 ? 728 HOH A O   1 
HETATM 1350 O  O   . HOH B 2 .   ? 8.172   1.275   -9.750  1.00 13.95 ? 729 HOH A O   1 
HETATM 1351 O  O   . HOH B 2 .   ? 2.431   -8.273  2.076   1.00 12.79 ? 730 HOH A O   1 
HETATM 1352 O  O   . HOH B 2 .   ? -2.800  4.009   2.808   1.00 21.00 ? 731 HOH A O   1 
HETATM 1353 O  O   . HOH B 2 .   ? 9.610   -3.324  3.568   1.00 10.99 ? 732 HOH A O   1 
HETATM 1354 O  O   . HOH B 2 .   ? 5.344   -19.447 4.281   1.00 16.69 ? 733 HOH A O   1 
HETATM 1355 O  O   . HOH B 2 .   ? 5.903   -5.108  4.203   1.00 24.54 ? 734 HOH A O   1 
HETATM 1356 O  O   . HOH B 2 .   ? 12.565  4.090   -2.923  1.00 15.20 ? 735 HOH A O   1 
HETATM 1357 O  O   . HOH B 2 .   ? 11.330  0.420   4.492   1.00 20.11 ? 736 HOH A O   1 
HETATM 1358 O  O   . HOH B 2 .   ? 0.414   -8.457  3.802   1.00 18.01 ? 737 HOH A O   1 
HETATM 1359 O  O   . HOH B 2 .   ? 12.150  -17.542 2.457   1.00 40.78 ? 738 HOH A O   1 
HETATM 1360 O  O   . HOH B 2 .   ? -6.858  -1.423  5.088   1.00 33.86 ? 739 HOH A O   1 
HETATM 1361 O  O   . HOH B 2 .   ? -3.155  9.766   7.924   1.00 30.05 ? 740 HOH A O   1 
HETATM 1362 O  O   . HOH B 2 .   ? 1.688   -4.819  -13.751 1.00 33.70 ? 741 HOH A O   1 
HETATM 1363 O  O   . HOH B 2 .   ? 14.080  -2.832  2.835   1.00 19.08 ? 742 HOH A O   1 
HETATM 1364 O  O   . HOH B 2 .   ? 5.218   13.802  -9.232  1.00 33.99 ? 743 HOH A O   1 
HETATM 1365 O  O   . HOH B 2 .   ? -9.090  2.114   -12.459 1.00 37.72 ? 744 HOH A O   1 
HETATM 1366 O  O   . HOH B 2 .   ? 5.677   -6.122  -11.924 1.00 29.51 ? 745 HOH A O   1 
HETATM 1367 O  O   . HOH B 2 .   ? -10.004 8.181   -4.487  1.00 27.89 ? 746 HOH A O   1 
HETATM 1368 O  O   . HOH B 2 .   ? -1.138  -8.287  -13.874 1.00 41.68 ? 747 HOH A O   1 
HETATM 1369 O  O   . HOH B 2 .   ? 15.141  -10.267 1.674   1.00 29.65 ? 748 HOH A O   1 
HETATM 1370 O  O   . HOH B 2 .   ? 18.939  1.208   -8.787  1.00 33.24 ? 749 HOH A O   1 
HETATM 1371 O  O   . HOH B 2 .   ? 6.106   -11.762 0.058   1.00 21.57 ? 750 HOH A O   1 
HETATM 1372 O  O   . HOH B 2 .   ? 17.835  -7.432  -7.145  1.00 36.78 ? 751 HOH A O   1 
HETATM 1373 O  O   . HOH B 2 .   ? 8.689   -17.124 6.166   1.00 31.81 ? 752 HOH A O   1 
HETATM 1374 O  O   . HOH B 2 .   ? 5.135   1.592   -13.259 1.00 24.29 ? 753 HOH A O   1 
HETATM 1375 O  O   . HOH B 2 .   ? 1.213   7.252   -10.600 1.00 26.85 ? 754 HOH A O   1 
HETATM 1376 O  O   . HOH B 2 .   ? 16.578  -9.550  -6.097  1.00 34.02 ? 755 HOH A O   1 
HETATM 1377 O  O   . HOH B 2 .   ? 17.997  -3.605  -12.036 1.00 33.26 ? 756 HOH A O   1 
HETATM 1378 O  O   . HOH B 2 .   ? -11.544 7.214   -11.682 1.00 46.41 ? 757 HOH A O   1 
HETATM 1379 O  O   . HOH B 2 .   ? -12.225 6.025   -1.359  1.00 37.20 ? 758 HOH A O   1 
HETATM 1380 O  O   . HOH B 2 .   ? -6.946  -4.222  6.596   1.00 29.13 ? 759 HOH A O   1 
HETATM 1381 O  O   . HOH B 2 .   ? 12.187  -13.713 1.244   1.00 36.68 ? 760 HOH A O   1 
HETATM 1382 O  O   . HOH B 2 .   ? 17.350  -4.749  -2.240  1.00 33.24 ? 761 HOH A O   1 
HETATM 1383 O  O   . HOH B 2 .   ? -8.523  -3.446  4.589   1.00 27.37 ? 762 HOH A O   1 
HETATM 1384 O  O   . HOH B 2 .   ? -3.728  12.158  -9.690  1.00 48.98 ? 763 HOH A O   1 
HETATM 1385 O  O   . HOH B 2 .   ? 4.777   -5.041  -14.747 1.00 34.25 ? 764 HOH A O   1 
HETATM 1386 O  O   . HOH B 2 .   ? 1.886   -7.175  6.007   1.00 34.93 ? 765 HOH A O   1 
HETATM 1387 O  O   . HOH B 2 .   ? 18.815  -6.872  -2.908  1.00 30.61 ? 766 HOH A O   1 
HETATM 1388 O  O   . HOH B 2 .   ? -10.625 -2.090  5.911   1.00 28.29 ? 767 HOH A O   1 
HETATM 1389 O  O   . HOH B 2 .   ? -7.730  3.962   -11.484 1.00 37.44 ? 768 HOH A O   1 
HETATM 1390 O  O   . HOH B 2 .   ? 2.245   19.509  5.217   1.00 40.51 ? 769 HOH A O   1 
HETATM 1391 O  O   . HOH B 2 .   ? -16.917 11.477  6.644   1.00 45.53 ? 770 HOH A O   1 
HETATM 1392 O  O   . HOH B 2 .   ? 9.511   11.545  -4.517  1.00 34.54 ? 771 HOH A O   1 
HETATM 1393 O  O   . HOH B 2 .   ? 0.977   1.360   -17.313 1.00 38.23 ? 772 HOH A O   1 
HETATM 1394 O  O   . HOH B 2 .   ? 19.567  -6.414  -10.683 1.00 35.51 ? 773 HOH A O   1 
HETATM 1395 O  O   . HOH B 2 .   ? 18.428  0.593   -11.367 1.00 31.95 ? 774 HOH A O   1 
HETATM 1396 O  O   . HOH B 2 .   ? -17.434 2.721   -3.126  1.00 36.26 ? 775 HOH A O   1 
HETATM 1397 O  O   . HOH B 2 .   ? -23.038 -5.793  -2.578  1.00 46.46 ? 776 HOH A O   1 
HETATM 1398 O  O   . HOH B 2 .   ? -16.971 8.307   8.723   1.00 46.64 ? 777 HOH A O   1 
HETATM 1399 O  O   . HOH B 2 .   ? 7.866   -17.557 4.091   1.00 53.08 ? 778 HOH A O   1 
HETATM 1400 O  O   . HOH B 2 .   ? 18.334  4.478   1.407   1.00 43.21 ? 779 HOH A O   1 
HETATM 1401 O  O   . HOH B 2 .   ? 3.694   -6.607  3.982   1.00 17.81 ? 780 HOH A O   1 
HETATM 1402 O  O   . HOH B 2 .   ? -11.415 -10.920 4.643   1.00 36.66 ? 781 HOH A O   1 
HETATM 1403 O  O   . HOH B 2 .   ? -20.645 4.803   1.677   1.00 56.51 ? 782 HOH A O   1 
HETATM 1404 O  O   . HOH B 2 .   ? -9.353  14.199  9.788   1.00 39.77 ? 783 HOH A O   1 
HETATM 1405 O  O   . HOH B 2 .   ? -16.107 4.300   3.142   1.00 54.43 ? 784 HOH A O   1 
HETATM 1406 O  O   . HOH B 2 .   ? 2.127   12.010  -12.221 1.00 38.68 ? 785 HOH A O   1 
HETATM 1407 O  O   . HOH B 2 .   ? -14.620 16.503  -3.109  1.00 51.41 ? 786 HOH A O   1 
HETATM 1408 O  O   . HOH B 2 .   ? 15.851  0.468   3.018   1.00 37.61 ? 787 HOH A O   1 
HETATM 1409 O  O   . HOH B 2 .   ? -2.766  -12.497 -12.177 1.00 40.33 ? 788 HOH A O   1 
HETATM 1410 O  O   . HOH B 2 .   ? 1.550   -5.983  -11.577 1.00 35.29 ? 789 HOH A O   1 
HETATM 1411 O  O   . HOH B 2 .   ? 3.692   10.925  -8.060  1.00 34.53 ? 790 HOH A O   1 
HETATM 1412 O  O   . HOH B 2 .   ? -13.827 3.736   -4.585  1.00 35.08 ? 791 HOH A O   1 
HETATM 1413 O  O   . HOH B 2 .   ? 13.557  -5.407  4.013   1.00 41.09 ? 792 HOH A O   1 
HETATM 1414 O  O   . HOH B 2 .   ? -6.203  1.771   -13.750 1.00 55.24 ? 793 HOH A O   1 
HETATM 1415 O  O   . HOH B 2 .   ? -7.340  15.885  -7.612  1.00 30.89 ? 794 HOH A O   1 
HETATM 1416 O  O   . HOH B 2 .   ? -14.631 4.633   8.028   1.00 44.07 ? 795 HOH A O   1 
HETATM 1417 O  O   . HOH B 2 .   ? -17.381 -7.960  -1.985  1.00 39.12 ? 796 HOH A O   1 
HETATM 1418 O  O   . HOH B 2 .   ? -16.662 -4.147  2.309   1.00 37.64 ? 797 HOH A O   1 
HETATM 1419 O  O   . HOH B 2 .   ? 2.159   -11.750 -13.899 1.00 44.32 ? 798 HOH A O   1 
HETATM 1420 O  O   . HOH B 2 .   ? 12.461  -1.145  -15.249 1.00 35.81 ? 799 HOH A O   1 
HETATM 1421 O  O   . HOH B 2 .   ? -11.664 -14.286 1.068   1.00 47.71 ? 800 HOH A O   1 
HETATM 1422 O  O   . HOH B 2 .   ? -0.391  7.404   14.891  1.00 51.09 ? 801 HOH A O   1 
HETATM 1423 O  O   . HOH B 2 .   ? -15.299 -7.066  -4.015  1.00 37.98 ? 802 HOH A O   1 
HETATM 1424 O  O   . HOH B 2 .   ? -7.946  5.285   11.897  1.00 41.13 ? 803 HOH A O   1 
HETATM 1425 O  O   . HOH B 2 .   ? -11.508 2.337   12.194  1.00 52.78 ? 804 HOH A O   1 
HETATM 1426 O  O   . HOH B 2 .   ? 7.245   10.966  12.223  1.00 40.26 ? 805 HOH A O   1 
HETATM 1427 O  O   . HOH B 2 .   ? 6.035   -1.920  -16.581 1.00 43.51 ? 806 HOH A O   1 
HETATM 1428 O  O   . HOH B 2 .   ? -10.284 -2.026  8.621   1.00 44.41 ? 807 HOH A O   1 
HETATM 1429 O  O   . HOH B 2 .   ? -7.400  9.429   15.509  1.00 52.48 ? 808 HOH A O   1 
HETATM 1430 O  O   . HOH B 2 .   ? 6.586   19.256  4.113   1.00 55.58 ? 809 HOH A O   1 
HETATM 1431 O  O   . HOH B 2 .   ? -12.781 11.066  -6.634  1.00 43.76 ? 810 HOH A O   1 
HETATM 1432 O  O   . HOH B 2 .   ? -0.467  11.832  14.298  1.00 42.19 ? 811 HOH A O   1 
HETATM 1433 O  O   . HOH B 2 .   ? -9.808  -13.177 6.186   1.00 42.10 ? 812 HOH A O   1 
HETATM 1434 O  O   . HOH B 2 .   ? -12.290 9.675   -2.777  1.00 52.24 ? 813 HOH A O   1 
HETATM 1435 O  O   . HOH B 2 .   ? -14.263 8.196   -3.671  1.00 40.65 ? 814 HOH A O   1 
HETATM 1436 O  O   . HOH B 2 .   ? 11.516  14.295  7.605   1.00 56.69 ? 815 HOH A O   1 
HETATM 1437 O  O   . HOH B 2 .   ? -11.648 3.269   -12.189 1.00 57.35 ? 816 HOH A O   1 
HETATM 1438 O  O   . HOH B 2 .   ? 20.609  -2.807  -8.336  1.00 40.70 ? 817 HOH A O   1 
HETATM 1439 O  O   . HOH B 2 .   ? -17.229 0.070   -9.624  1.00 55.32 ? 818 HOH A O   1 
HETATM 1440 O  O   . HOH B 2 .   ? -22.213 -10.331 -1.593  1.00 36.52 ? 819 HOH A O   1 
HETATM 1441 O  O   . HOH B 2 .   ? 8.723   -19.338 3.560   1.00 53.63 ? 820 HOH A O   1 
HETATM 1442 O  O   . HOH B 2 .   ? 14.941  -14.800 3.218   1.00 36.29 ? 821 HOH A O   1 
HETATM 1443 O  O   . HOH B 2 .   ? 17.860  -13.563 4.479   1.00 58.13 ? 822 HOH A O   1 
HETATM 1444 O  O   . HOH B 2 .   ? 15.869  2.022   -1.172  1.00 23.83 ? 823 HOH A O   1 
HETATM 1445 O  O   . HOH B 2 .   ? 17.409  1.529   -3.308  1.00 42.53 ? 824 HOH A O   1 
HETATM 1446 O  O   . HOH B 2 .   ? 7.100   2.441   -11.789 1.00 17.74 ? 825 HOH A O   1 
HETATM 1447 O  O   . HOH B 2 .   ? 12.579  -10.623 5.020   1.00 33.21 ? 826 HOH A O   1 
HETATM 1448 O  O   . HOH B 2 .   ? 12.822  -8.801  6.839   1.00 63.92 ? 827 HOH A O   1 
HETATM 1449 O  O   . HOH B 2 .   ? 9.748   1.555   11.089  1.00 45.45 ? 828 HOH A O   1 
HETATM 1450 O  O   . HOH B 2 .   ? -1.217  5.917   18.138  1.00 55.01 ? 829 HOH A O   1 
HETATM 1451 O  O   . HOH B 2 .   ? 9.268   -5.942  4.064   1.00 28.10 ? 830 HOH A O   1 
HETATM 1452 O  O   . HOH B 2 .   ? 17.938  -23.499 2.711   1.00 40.88 ? 831 HOH A O   1 
HETATM 1453 O  O   . HOH B 2 .   ? 18.600  -21.025 3.055   1.00 33.20 ? 832 HOH A O   1 
HETATM 1454 O  O   . HOH B 2 .   ? 19.017  -18.878 1.884   1.00 54.81 ? 833 HOH A O   1 
HETATM 1455 O  O   . HOH B 2 .   ? 20.993  -17.875 3.690   1.00 54.41 ? 834 HOH A O   1 
HETATM 1456 O  O   . HOH B 2 .   ? 15.968  -0.664  0.031   1.00 35.11 ? 835 HOH A O   1 
HETATM 1457 O  O   . HOH B 2 .   ? 6.433   -22.109 2.753   1.00 51.54 ? 836 HOH A O   1 
HETATM 1458 O  O   . HOH B 2 .   ? 2.985   9.193   -10.031 1.00 30.33 ? 837 HOH A O   1 
HETATM 1459 O  O   . HOH B 2 .   ? -9.982  9.038   -11.806 1.00 47.37 ? 838 HOH A O   1 
HETATM 1460 O  O   . HOH B 2 .   ? -12.709 12.048  -4.379  1.00 51.86 ? 839 HOH A O   1 
HETATM 1461 O  O   . HOH B 2 .   ? -11.849 10.158  -8.905  1.00 46.47 ? 840 HOH A O   1 
HETATM 1462 O  O   . HOH B 2 .   ? -15.055 4.162   -7.065  1.00 43.57 ? 841 HOH A O   1 
HETATM 1463 O  O   . HOH B 2 .   ? -12.354 8.574   -5.332  1.00 48.76 ? 842 HOH A O   1 
HETATM 1464 O  O   . HOH B 2 .   ? 21.217  -6.436  -5.094  1.00 43.75 ? 843 HOH A O   1 
HETATM 1465 O  O   . HOH B 2 .   ? 6.558   12.398  -7.338  1.00 29.78 ? 844 HOH A O   1 
HETATM 1466 O  O   . HOH B 2 .   ? 1.674   -0.121  -18.847 1.00 34.55 ? 845 HOH A O   1 
HETATM 1467 O  O   . HOH B 2 .   ? -1.552  -0.683  -18.164 1.00 44.31 ? 846 HOH A O   1 
HETATM 1468 O  O   . HOH B 2 .   ? -3.289  -1.638  -14.371 1.00 54.37 ? 847 HOH A O   1 
HETATM 1469 O  O   . HOH B 2 .   ? 21.204  -6.341  -2.649  1.00 40.91 ? 848 HOH A O   1 
HETATM 1470 O  O   . HOH B 2 .   ? 20.024  -6.247  -0.500  1.00 43.40 ? 849 HOH A O   1 
HETATM 1471 O  O   . HOH B 2 .   ? 19.832  -7.435  1.714   1.00 41.27 ? 850 HOH A O   1 
HETATM 1472 O  O   . HOH B 2 .   ? -18.383 3.044   2.050   1.00 56.20 ? 851 HOH A O   1 
HETATM 1473 O  O   . HOH B 2 .   ? 17.086  -3.930  2.696   1.00 46.67 ? 852 HOH A O   1 
HETATM 1474 O  O   . HOH B 2 .   ? -16.390 2.984   6.956   1.00 53.45 ? 853 HOH A O   1 
HETATM 1475 O  O   . HOH B 2 .   ? -15.504 -12.896 3.203   1.00 47.42 ? 854 HOH A O   1 
HETATM 1476 O  O   . HOH B 2 .   ? 10.097  12.981  10.834  1.00 41.31 ? 855 HOH A O   1 
HETATM 1477 O  O   . HOH B 2 .   ? -8.403  -16.099 1.934   1.00 32.97 ? 856 HOH A O   1 
HETATM 1478 O  O   . HOH B 2 .   ? -5.322  16.493  -9.440  1.00 41.54 ? 857 HOH A O   1 
HETATM 1479 O  O   . HOH B 2 .   ? 6.567   -18.938 -7.934  1.00 53.22 ? 858 HOH A O   1 
HETATM 1480 O  O   . HOH B 2 .   ? -10.274 -3.806  -7.761  1.00 42.12 ? 859 HOH A O   1 
HETATM 1481 O  O   . HOH B 2 .   ? 0.562   -21.666 1.820   1.00 50.11 ? 860 HOH A O   1 
HETATM 1482 O  O   . HOH B 2 .   ? -1.636  7.969   -12.741 1.00 40.46 ? 861 HOH A O   1 
HETATM 1483 O  O   . HOH B 2 .   ? 12.656  -23.554 -0.814  1.00 37.68 ? 862 HOH A O   1 
HETATM 1484 O  O   . HOH B 2 .   ? -15.969 2.208   -8.447  1.00 54.51 ? 863 HOH A O   1 
HETATM 1485 O  O   . HOH B 2 .   ? 0.678   20.236  11.898  1.00 55.59 ? 864 HOH A O   1 
HETATM 1486 O  O   . HOH B 2 .   ? 8.111   13.304  -5.788  1.00 38.00 ? 865 HOH A O   1 
HETATM 1487 O  O   . HOH B 2 .   ? 14.817  -17.608 3.172   1.00 41.68 ? 866 HOH A O   1 
HETATM 1488 O  O   . HOH B 2 .   ? 13.820  -22.840 -4.391  1.00 31.24 ? 867 HOH A O   1 
HETATM 1489 O  O   . HOH B 2 .   ? 9.440   15.667  -6.056  1.00 47.94 ? 868 HOH A O   1 
HETATM 1490 O  O   . HOH B 2 .   ? -1.937  -21.743 0.867   1.00 70.03 ? 869 HOH A O   1 
HETATM 1491 O  O   . HOH B 2 .   ? -2.466  -20.638 2.947   1.00 54.96 ? 870 HOH A O   1 
HETATM 1492 O  O   . HOH B 2 .   ? -9.209  -17.346 -8.746  1.00 46.62 ? 871 HOH A O   1 
HETATM 1493 O  O   . HOH B 2 .   ? -6.952  -12.489 -11.446 1.00 51.49 ? 872 HOH A O   1 
HETATM 1494 O  O   . HOH B 2 .   ? -12.270 -15.863 -3.763  1.00 54.46 ? 873 HOH A O   1 
HETATM 1495 O  O   . HOH B 2 .   ? 6.331   -1.683  19.979  1.00 52.03 ? 874 HOH A O   1 
HETATM 1496 O  O   . HOH B 2 .   ? 1.238   -5.797  14.137  1.00 46.26 ? 875 HOH A O   1 
# 
